data_1RLJ
# 
_entry.id   1RLJ 
# 
_audit_conform.dict_name       mmcif_pdbx.dic 
_audit_conform.dict_version    5.386 
_audit_conform.dict_location   http://mmcif.pdb.org/dictionaries/ascii/mmcif_pdbx.dic 
# 
loop_
_database_2.database_id 
_database_2.database_code 
_database_2.pdbx_database_accession 
_database_2.pdbx_DOI 
PDB   1RLJ         pdb_00001rlj 10.2210/pdb1rlj/pdb 
RCSB  RCSB020864   ?            ?                   
WWPDB D_1000020864 ?            ?                   
# 
loop_
_pdbx_audit_revision_history.ordinal 
_pdbx_audit_revision_history.data_content_type 
_pdbx_audit_revision_history.major_revision 
_pdbx_audit_revision_history.minor_revision 
_pdbx_audit_revision_history.revision_date 
1 'Structure model' 1 0 2004-07-13 
2 'Structure model' 1 1 2008-04-29 
3 'Structure model' 1 2 2011-07-13 
4 'Structure model' 1 3 2024-02-14 
# 
_pdbx_audit_revision_details.ordinal             1 
_pdbx_audit_revision_details.revision_ordinal    1 
_pdbx_audit_revision_details.data_content_type   'Structure model' 
_pdbx_audit_revision_details.provider            repository 
_pdbx_audit_revision_details.type                'Initial release' 
_pdbx_audit_revision_details.description         ? 
_pdbx_audit_revision_details.details             ? 
# 
loop_
_pdbx_audit_revision_group.ordinal 
_pdbx_audit_revision_group.revision_ordinal 
_pdbx_audit_revision_group.data_content_type 
_pdbx_audit_revision_group.group 
1 2 'Structure model' 'Version format compliance' 
2 3 'Structure model' 'Version format compliance' 
3 4 'Structure model' 'Data collection'           
4 4 'Structure model' 'Database references'       
5 4 'Structure model' 'Derived calculations'      
# 
loop_
_pdbx_audit_revision_category.ordinal 
_pdbx_audit_revision_category.revision_ordinal 
_pdbx_audit_revision_category.data_content_type 
_pdbx_audit_revision_category.category 
1 4 'Structure model' chem_comp_atom     
2 4 'Structure model' chem_comp_bond     
3 4 'Structure model' database_2         
4 4 'Structure model' struct_ref_seq_dif 
5 4 'Structure model' struct_site        
# 
loop_
_pdbx_audit_revision_item.ordinal 
_pdbx_audit_revision_item.revision_ordinal 
_pdbx_audit_revision_item.data_content_type 
_pdbx_audit_revision_item.item 
1 4 'Structure model' '_database_2.pdbx_DOI'                
2 4 'Structure model' '_database_2.pdbx_database_accession' 
3 4 'Structure model' '_struct_ref_seq_dif.details'         
4 4 'Structure model' '_struct_site.pdbx_auth_asym_id'      
5 4 'Structure model' '_struct_site.pdbx_auth_comp_id'      
6 4 'Structure model' '_struct_site.pdbx_auth_seq_id'       
# 
_pdbx_database_status.status_code                     REL 
_pdbx_database_status.entry_id                        1RLJ 
_pdbx_database_status.recvd_initial_deposition_date   2003-11-25 
_pdbx_database_status.deposit_site                    RCSB 
_pdbx_database_status.process_site                    RCSB 
_pdbx_database_status.SG_entry                        Y 
_pdbx_database_status.status_code_sf                  REL 
_pdbx_database_status.pdb_format_compatible           Y 
_pdbx_database_status.status_code_mr                  ? 
_pdbx_database_status.status_code_cs                  ? 
_pdbx_database_status.status_code_nmr_data            ? 
_pdbx_database_status.methods_development_category    ? 
# 
_pdbx_database_related.db_name        TargetDB 
_pdbx_database_related.db_id          APC1355 
_pdbx_database_related.details        . 
_pdbx_database_related.content_type   unspecified 
# 
loop_
_audit_author.name 
_audit_author.pdbx_ordinal 
'Wu, R.'                                        1 
'Zhang, R.'                                     2 
'Collart, F.'                                   3 
'Joachimiak, A.'                                4 
'Midwest Center for Structural Genomics (MCSG)' 5 
# 
_citation.id                        primary 
_citation.title                     '1.5A crystal structure of a thioredoxin-like protein NrdI from Bacillus subtilis' 
_citation.journal_abbrev            'To be Published' 
_citation.journal_volume            ? 
_citation.page_first                ? 
_citation.page_last                 ? 
_citation.year                      ? 
_citation.journal_id_ASTM           ? 
_citation.country                   ? 
_citation.journal_id_ISSN           ? 
_citation.journal_id_CSD            0353 
_citation.book_publisher            ? 
_citation.pdbx_database_id_PubMed   ? 
_citation.pdbx_database_id_DOI      ? 
# 
loop_
_citation_author.citation_id 
_citation_author.name 
_citation_author.ordinal 
_citation_author.identifier_ORCID 
primary 'Wu, R.'         1 ? 
primary 'Zhang, R.'      2 ? 
primary 'Collart, F.'    3 ? 
primary 'Joachimiak, A.' 4 ? 
# 
loop_
_entity.id 
_entity.type 
_entity.src_method 
_entity.pdbx_description 
_entity.formula_weight 
_entity.pdbx_number_of_molecules 
_entity.pdbx_ec 
_entity.pdbx_mutation 
_entity.pdbx_fragment 
_entity.details 
1 polymer     man 'NrdI protein'          15687.697 1   ? ? ? ? 
2 non-polymer syn 'IODIDE ION'            126.904   2   ? ? ? ? 
3 non-polymer syn 'FLAVIN MONONUCLEOTIDE' 456.344   1   ? ? ? ? 
4 water       nat water                   18.015    132 ? ? ? ? 
# 
_entity_poly.entity_id                      1 
_entity_poly.type                           'polypeptide(L)' 
_entity_poly.nstd_linkage                   no 
_entity_poly.nstd_monomer                   no 
_entity_poly.pdbx_seq_one_letter_code       
;ENLYFQSNAMVQIIFDSKTGNVQRFVNKTGFQQIRKVDEMDHVDTPFVLVTYTTNFGQVPASTQSFLEKYAHLLLGVAAS
GNKVWGDNFAKSADTISRQYQVPILHKFELSGTSKDVELFTQEVERVVTKSSAKMDPVK
;
_entity_poly.pdbx_seq_one_letter_code_can   
;ENLYFQSNAMVQIIFDSKTGNVQRFVNKTGFQQIRKVDEMDHVDTPFVLVTYTTNFGQVPASTQSFLEKYAHLLLGVAAS
GNKVWGDNFAKSADTISRQYQVPILHKFELSGTSKDVELFTQEVERVVTKSSAKMDPVK
;
_entity_poly.pdbx_strand_id                 A 
_entity_poly.pdbx_target_identifier         APC1355 
# 
loop_
_pdbx_entity_nonpoly.entity_id 
_pdbx_entity_nonpoly.name 
_pdbx_entity_nonpoly.comp_id 
2 'IODIDE ION'            IOD 
3 'FLAVIN MONONUCLEOTIDE' FMN 
4 water                   HOH 
# 
loop_
_entity_poly_seq.entity_id 
_entity_poly_seq.num 
_entity_poly_seq.mon_id 
_entity_poly_seq.hetero 
1 1   GLU n 
1 2   ASN n 
1 3   LEU n 
1 4   TYR n 
1 5   PHE n 
1 6   GLN n 
1 7   SER n 
1 8   ASN n 
1 9   ALA n 
1 10  MET n 
1 11  VAL n 
1 12  GLN n 
1 13  ILE n 
1 14  ILE n 
1 15  PHE n 
1 16  ASP n 
1 17  SER n 
1 18  LYS n 
1 19  THR n 
1 20  GLY n 
1 21  ASN n 
1 22  VAL n 
1 23  GLN n 
1 24  ARG n 
1 25  PHE n 
1 26  VAL n 
1 27  ASN n 
1 28  LYS n 
1 29  THR n 
1 30  GLY n 
1 31  PHE n 
1 32  GLN n 
1 33  GLN n 
1 34  ILE n 
1 35  ARG n 
1 36  LYS n 
1 37  VAL n 
1 38  ASP n 
1 39  GLU n 
1 40  MET n 
1 41  ASP n 
1 42  HIS n 
1 43  VAL n 
1 44  ASP n 
1 45  THR n 
1 46  PRO n 
1 47  PHE n 
1 48  VAL n 
1 49  LEU n 
1 50  VAL n 
1 51  THR n 
1 52  TYR n 
1 53  THR n 
1 54  THR n 
1 55  ASN n 
1 56  PHE n 
1 57  GLY n 
1 58  GLN n 
1 59  VAL n 
1 60  PRO n 
1 61  ALA n 
1 62  SER n 
1 63  THR n 
1 64  GLN n 
1 65  SER n 
1 66  PHE n 
1 67  LEU n 
1 68  GLU n 
1 69  LYS n 
1 70  TYR n 
1 71  ALA n 
1 72  HIS n 
1 73  LEU n 
1 74  LEU n 
1 75  LEU n 
1 76  GLY n 
1 77  VAL n 
1 78  ALA n 
1 79  ALA n 
1 80  SER n 
1 81  GLY n 
1 82  ASN n 
1 83  LYS n 
1 84  VAL n 
1 85  TRP n 
1 86  GLY n 
1 87  ASP n 
1 88  ASN n 
1 89  PHE n 
1 90  ALA n 
1 91  LYS n 
1 92  SER n 
1 93  ALA n 
1 94  ASP n 
1 95  THR n 
1 96  ILE n 
1 97  SER n 
1 98  ARG n 
1 99  GLN n 
1 100 TYR n 
1 101 GLN n 
1 102 VAL n 
1 103 PRO n 
1 104 ILE n 
1 105 LEU n 
1 106 HIS n 
1 107 LYS n 
1 108 PHE n 
1 109 GLU n 
1 110 LEU n 
1 111 SER n 
1 112 GLY n 
1 113 THR n 
1 114 SER n 
1 115 LYS n 
1 116 ASP n 
1 117 VAL n 
1 118 GLU n 
1 119 LEU n 
1 120 PHE n 
1 121 THR n 
1 122 GLN n 
1 123 GLU n 
1 124 VAL n 
1 125 GLU n 
1 126 ARG n 
1 127 VAL n 
1 128 VAL n 
1 129 THR n 
1 130 LYS n 
1 131 SER n 
1 132 SER n 
1 133 ALA n 
1 134 LYS n 
1 135 MET n 
1 136 ASP n 
1 137 PRO n 
1 138 VAL n 
1 139 LYS n 
# 
_entity_src_gen.entity_id                          1 
_entity_src_gen.pdbx_src_id                        1 
_entity_src_gen.pdbx_alt_source_flag               sample 
_entity_src_gen.pdbx_seq_type                      ? 
_entity_src_gen.pdbx_beg_seq_num                   ? 
_entity_src_gen.pdbx_end_seq_num                   ? 
_entity_src_gen.gene_src_common_name               ? 
_entity_src_gen.gene_src_genus                     Bacillus 
_entity_src_gen.pdbx_gene_src_gene                 'NRDI, BSU17370' 
_entity_src_gen.gene_src_species                   ? 
_entity_src_gen.gene_src_strain                    ? 
_entity_src_gen.gene_src_tissue                    ? 
_entity_src_gen.gene_src_tissue_fraction           ? 
_entity_src_gen.gene_src_details                   ? 
_entity_src_gen.pdbx_gene_src_fragment             ? 
_entity_src_gen.pdbx_gene_src_scientific_name      'Bacillus subtilis' 
_entity_src_gen.pdbx_gene_src_ncbi_taxonomy_id     1423 
_entity_src_gen.pdbx_gene_src_variant              ? 
_entity_src_gen.pdbx_gene_src_cell_line            ? 
_entity_src_gen.pdbx_gene_src_atcc                 ? 
_entity_src_gen.pdbx_gene_src_organ                ? 
_entity_src_gen.pdbx_gene_src_organelle            ? 
_entity_src_gen.pdbx_gene_src_cell                 ? 
_entity_src_gen.pdbx_gene_src_cellular_location    ? 
_entity_src_gen.host_org_common_name               ? 
_entity_src_gen.pdbx_host_org_scientific_name      'Escherichia coli BL21' 
_entity_src_gen.pdbx_host_org_ncbi_taxonomy_id     511693 
_entity_src_gen.host_org_genus                     Escherichia 
_entity_src_gen.pdbx_host_org_gene                 ? 
_entity_src_gen.pdbx_host_org_organ                ? 
_entity_src_gen.host_org_species                   'Escherichia coli' 
_entity_src_gen.pdbx_host_org_tissue               ? 
_entity_src_gen.pdbx_host_org_tissue_fraction      ? 
_entity_src_gen.pdbx_host_org_strain               BL21 
_entity_src_gen.pdbx_host_org_variant              ? 
_entity_src_gen.pdbx_host_org_cell_line            ? 
_entity_src_gen.pdbx_host_org_atcc                 ? 
_entity_src_gen.pdbx_host_org_culture_collection   ? 
_entity_src_gen.pdbx_host_org_cell                 ? 
_entity_src_gen.pdbx_host_org_organelle            ? 
_entity_src_gen.pdbx_host_org_cellular_location    ? 
_entity_src_gen.pdbx_host_org_vector_type          PLASMID 
_entity_src_gen.pdbx_host_org_vector               ? 
_entity_src_gen.host_org_details                   ? 
_entity_src_gen.expression_system_id               ? 
_entity_src_gen.plasmid_name                       PDM68 
_entity_src_gen.plasmid_details                    ? 
_entity_src_gen.pdbx_description                   ? 
# 
loop_
_chem_comp.id 
_chem_comp.type 
_chem_comp.mon_nstd_flag 
_chem_comp.name 
_chem_comp.pdbx_synonyms 
_chem_comp.formula 
_chem_comp.formula_weight 
ALA 'L-peptide linking' y ALANINE                 ?                          'C3 H7 N O2'      89.093  
ARG 'L-peptide linking' y ARGININE                ?                          'C6 H15 N4 O2 1'  175.209 
ASN 'L-peptide linking' y ASPARAGINE              ?                          'C4 H8 N2 O3'     132.118 
ASP 'L-peptide linking' y 'ASPARTIC ACID'         ?                          'C4 H7 N O4'      133.103 
FMN non-polymer         . 'FLAVIN MONONUCLEOTIDE' 'RIBOFLAVIN MONOPHOSPHATE' 'C17 H21 N4 O9 P' 456.344 
GLN 'L-peptide linking' y GLUTAMINE               ?                          'C5 H10 N2 O3'    146.144 
GLU 'L-peptide linking' y 'GLUTAMIC ACID'         ?                          'C5 H9 N O4'      147.129 
GLY 'peptide linking'   y GLYCINE                 ?                          'C2 H5 N O2'      75.067  
HIS 'L-peptide linking' y HISTIDINE               ?                          'C6 H10 N3 O2 1'  156.162 
HOH non-polymer         . WATER                   ?                          'H2 O'            18.015  
ILE 'L-peptide linking' y ISOLEUCINE              ?                          'C6 H13 N O2'     131.173 
IOD non-polymer         . 'IODIDE ION'            ?                          'I -1'            126.904 
LEU 'L-peptide linking' y LEUCINE                 ?                          'C6 H13 N O2'     131.173 
LYS 'L-peptide linking' y LYSINE                  ?                          'C6 H15 N2 O2 1'  147.195 
MET 'L-peptide linking' y METHIONINE              ?                          'C5 H11 N O2 S'   149.211 
PHE 'L-peptide linking' y PHENYLALANINE           ?                          'C9 H11 N O2'     165.189 
PRO 'L-peptide linking' y PROLINE                 ?                          'C5 H9 N O2'      115.130 
SER 'L-peptide linking' y SERINE                  ?                          'C3 H7 N O3'      105.093 
THR 'L-peptide linking' y THREONINE               ?                          'C4 H9 N O3'      119.119 
TRP 'L-peptide linking' y TRYPTOPHAN              ?                          'C11 H12 N2 O2'   204.225 
TYR 'L-peptide linking' y TYROSINE                ?                          'C9 H11 N O3'     181.189 
VAL 'L-peptide linking' y VALINE                  ?                          'C5 H11 N O2'     117.146 
# 
loop_
_pdbx_poly_seq_scheme.asym_id 
_pdbx_poly_seq_scheme.entity_id 
_pdbx_poly_seq_scheme.seq_id 
_pdbx_poly_seq_scheme.mon_id 
_pdbx_poly_seq_scheme.ndb_seq_num 
_pdbx_poly_seq_scheme.pdb_seq_num 
_pdbx_poly_seq_scheme.auth_seq_num 
_pdbx_poly_seq_scheme.pdb_mon_id 
_pdbx_poly_seq_scheme.auth_mon_id 
_pdbx_poly_seq_scheme.pdb_strand_id 
_pdbx_poly_seq_scheme.pdb_ins_code 
_pdbx_poly_seq_scheme.hetero 
A 1 1   GLU 1   -9  -9  GLU GLU A . n 
A 1 2   ASN 2   -8  -8  ASN ASN A . n 
A 1 3   LEU 3   -7  -7  LEU LEU A . n 
A 1 4   TYR 4   -6  -6  TYR TYR A . n 
A 1 5   PHE 5   -5  -5  PHE PHE A . n 
A 1 6   GLN 6   -4  -4  GLN GLN A . n 
A 1 7   SER 7   -3  -3  SER SER A . n 
A 1 8   ASN 8   -2  -2  ASN ASN A . n 
A 1 9   ALA 9   -1  -1  ALA ALA A . n 
A 1 10  MET 10  1   1   MET MET A . n 
A 1 11  VAL 11  2   2   VAL VAL A . n 
A 1 12  GLN 12  3   3   GLN GLN A . n 
A 1 13  ILE 13  4   4   ILE ILE A . n 
A 1 14  ILE 14  5   5   ILE ILE A . n 
A 1 15  PHE 15  6   6   PHE PHE A . n 
A 1 16  ASP 16  7   7   ASP ASP A . n 
A 1 17  SER 17  8   8   SER SER A . n 
A 1 18  LYS 18  9   9   LYS LYS A . n 
A 1 19  THR 19  10  10  THR THR A . n 
A 1 20  GLY 20  11  11  GLY GLY A . n 
A 1 21  ASN 21  12  12  ASN ASN A . n 
A 1 22  VAL 22  13  13  VAL VAL A . n 
A 1 23  GLN 23  14  14  GLN GLN A . n 
A 1 24  ARG 24  15  15  ARG ARG A . n 
A 1 25  PHE 25  16  16  PHE PHE A . n 
A 1 26  VAL 26  17  17  VAL VAL A . n 
A 1 27  ASN 27  18  18  ASN ASN A . n 
A 1 28  LYS 28  19  19  LYS LYS A . n 
A 1 29  THR 29  20  20  THR THR A . n 
A 1 30  GLY 30  21  21  GLY GLY A . n 
A 1 31  PHE 31  22  22  PHE PHE A . n 
A 1 32  GLN 32  23  23  GLN GLN A . n 
A 1 33  GLN 33  24  24  GLN GLN A . n 
A 1 34  ILE 34  25  25  ILE ILE A . n 
A 1 35  ARG 35  26  26  ARG ARG A . n 
A 1 36  LYS 36  27  27  LYS LYS A . n 
A 1 37  VAL 37  28  28  VAL VAL A . n 
A 1 38  ASP 38  29  29  ASP ASP A . n 
A 1 39  GLU 39  30  30  GLU GLU A . n 
A 1 40  MET 40  31  31  MET MET A . n 
A 1 41  ASP 41  32  32  ASP ASP A . n 
A 1 42  HIS 42  33  33  HIS HIS A . n 
A 1 43  VAL 43  34  34  VAL VAL A . n 
A 1 44  ASP 44  35  35  ASP ASP A . n 
A 1 45  THR 45  36  36  THR THR A . n 
A 1 46  PRO 46  37  37  PRO PRO A . n 
A 1 47  PHE 47  38  38  PHE PHE A . n 
A 1 48  VAL 48  39  39  VAL VAL A . n 
A 1 49  LEU 49  40  40  LEU LEU A . n 
A 1 50  VAL 50  41  41  VAL VAL A . n 
A 1 51  THR 51  42  42  THR THR A . n 
A 1 52  TYR 52  43  43  TYR TYR A . n 
A 1 53  THR 53  44  44  THR THR A . n 
A 1 54  THR 54  45  45  THR THR A . n 
A 1 55  ASN 55  46  46  ASN ASN A . n 
A 1 56  PHE 56  47  47  PHE PHE A . n 
A 1 57  GLY 57  48  48  GLY GLY A . n 
A 1 58  GLN 58  49  49  GLN GLN A . n 
A 1 59  VAL 59  50  50  VAL VAL A . n 
A 1 60  PRO 60  51  51  PRO PRO A . n 
A 1 61  ALA 61  52  52  ALA ALA A . n 
A 1 62  SER 62  53  53  SER SER A . n 
A 1 63  THR 63  54  54  THR THR A . n 
A 1 64  GLN 64  55  55  GLN GLN A . n 
A 1 65  SER 65  56  56  SER SER A . n 
A 1 66  PHE 66  57  57  PHE PHE A . n 
A 1 67  LEU 67  58  58  LEU LEU A . n 
A 1 68  GLU 68  59  59  GLU GLU A . n 
A 1 69  LYS 69  60  60  LYS LYS A . n 
A 1 70  TYR 70  61  61  TYR TYR A . n 
A 1 71  ALA 71  62  62  ALA ALA A . n 
A 1 72  HIS 72  63  63  HIS HIS A . n 
A 1 73  LEU 73  64  64  LEU LEU A . n 
A 1 74  LEU 74  65  65  LEU LEU A . n 
A 1 75  LEU 75  66  66  LEU LEU A . n 
A 1 76  GLY 76  67  67  GLY GLY A . n 
A 1 77  VAL 77  68  68  VAL VAL A . n 
A 1 78  ALA 78  69  69  ALA ALA A . n 
A 1 79  ALA 79  70  70  ALA ALA A . n 
A 1 80  SER 80  71  71  SER SER A . n 
A 1 81  GLY 81  72  72  GLY GLY A . n 
A 1 82  ASN 82  73  73  ASN ASN A . n 
A 1 83  LYS 83  74  74  LYS LYS A . n 
A 1 84  VAL 84  75  75  VAL VAL A . n 
A 1 85  TRP 85  76  76  TRP TRP A . n 
A 1 86  GLY 86  77  77  GLY GLY A . n 
A 1 87  ASP 87  78  78  ASP ASP A . n 
A 1 88  ASN 88  79  79  ASN ASN A . n 
A 1 89  PHE 89  80  80  PHE PHE A . n 
A 1 90  ALA 90  81  81  ALA ALA A . n 
A 1 91  LYS 91  82  82  LYS LYS A . n 
A 1 92  SER 92  83  83  SER SER A . n 
A 1 93  ALA 93  84  84  ALA ALA A . n 
A 1 94  ASP 94  85  85  ASP ASP A . n 
A 1 95  THR 95  86  86  THR THR A . n 
A 1 96  ILE 96  87  87  ILE ILE A . n 
A 1 97  SER 97  88  88  SER SER A . n 
A 1 98  ARG 98  89  89  ARG ARG A . n 
A 1 99  GLN 99  90  90  GLN GLN A . n 
A 1 100 TYR 100 91  91  TYR TYR A . n 
A 1 101 GLN 101 92  92  GLN GLN A . n 
A 1 102 VAL 102 93  93  VAL VAL A . n 
A 1 103 PRO 103 94  94  PRO PRO A . n 
A 1 104 ILE 104 95  95  ILE ILE A . n 
A 1 105 LEU 105 96  96  LEU LEU A . n 
A 1 106 HIS 106 97  97  HIS HIS A . n 
A 1 107 LYS 107 98  98  LYS LYS A . n 
A 1 108 PHE 108 99  99  PHE PHE A . n 
A 1 109 GLU 109 100 100 GLU GLU A . n 
A 1 110 LEU 110 101 101 LEU LEU A . n 
A 1 111 SER 111 102 102 SER SER A . n 
A 1 112 GLY 112 103 103 GLY GLY A . n 
A 1 113 THR 113 104 104 THR THR A . n 
A 1 114 SER 114 105 105 SER SER A . n 
A 1 115 LYS 115 106 106 LYS LYS A . n 
A 1 116 ASP 116 107 107 ASP ASP A . n 
A 1 117 VAL 117 108 108 VAL VAL A . n 
A 1 118 GLU 118 109 109 GLU GLU A . n 
A 1 119 LEU 119 110 110 LEU LEU A . n 
A 1 120 PHE 120 111 111 PHE PHE A . n 
A 1 121 THR 121 112 112 THR THR A . n 
A 1 122 GLN 122 113 113 GLN GLN A . n 
A 1 123 GLU 123 114 114 GLU GLU A . n 
A 1 124 VAL 124 115 115 VAL VAL A . n 
A 1 125 GLU 125 116 116 GLU GLU A . n 
A 1 126 ARG 126 117 117 ARG ARG A . n 
A 1 127 VAL 127 118 118 VAL VAL A . n 
A 1 128 VAL 128 119 119 VAL VAL A . n 
A 1 129 THR 129 120 120 THR THR A . n 
A 1 130 LYS 130 121 121 LYS LYS A . n 
A 1 131 SER 131 122 122 SER SER A . n 
A 1 132 SER 132 123 123 SER SER A . n 
A 1 133 ALA 133 124 124 ALA ALA A . n 
A 1 134 LYS 134 125 125 LYS LYS A . n 
A 1 135 MET 135 126 126 MET MET A . n 
A 1 136 ASP 136 127 ?   ?   ?   A . n 
A 1 137 PRO 137 128 ?   ?   ?   A . n 
A 1 138 VAL 138 129 ?   ?   ?   A . n 
A 1 139 LYS 139 130 ?   ?   ?   A . n 
# 
loop_
_pdbx_nonpoly_scheme.asym_id 
_pdbx_nonpoly_scheme.entity_id 
_pdbx_nonpoly_scheme.mon_id 
_pdbx_nonpoly_scheme.ndb_seq_num 
_pdbx_nonpoly_scheme.pdb_seq_num 
_pdbx_nonpoly_scheme.auth_seq_num 
_pdbx_nonpoly_scheme.pdb_mon_id 
_pdbx_nonpoly_scheme.auth_mon_id 
_pdbx_nonpoly_scheme.pdb_strand_id 
_pdbx_nonpoly_scheme.pdb_ins_code 
B 2 IOD 1   152 152 IOD I   A . 
C 2 IOD 1   153 153 IOD I   A . 
D 3 FMN 1   151 151 FMN FMN A . 
E 4 HOH 1   201 201 HOH TIP A . 
E 4 HOH 2   202 202 HOH TIP A . 
E 4 HOH 3   203 203 HOH TIP A . 
E 4 HOH 4   204 204 HOH TIP A . 
E 4 HOH 5   205 205 HOH TIP A . 
E 4 HOH 6   206 206 HOH TIP A . 
E 4 HOH 7   207 207 HOH TIP A . 
E 4 HOH 8   208 208 HOH TIP A . 
E 4 HOH 9   209 209 HOH TIP A . 
E 4 HOH 10  210 210 HOH TIP A . 
E 4 HOH 11  211 211 HOH TIP A . 
E 4 HOH 12  212 212 HOH TIP A . 
E 4 HOH 13  213 213 HOH TIP A . 
E 4 HOH 14  214 214 HOH TIP A . 
E 4 HOH 15  215 215 HOH TIP A . 
E 4 HOH 16  216 216 HOH TIP A . 
E 4 HOH 17  217 217 HOH TIP A . 
E 4 HOH 18  218 218 HOH TIP A . 
E 4 HOH 19  219 219 HOH TIP A . 
E 4 HOH 20  220 220 HOH TIP A . 
E 4 HOH 21  221 221 HOH TIP A . 
E 4 HOH 22  222 222 HOH TIP A . 
E 4 HOH 23  223 223 HOH TIP A . 
E 4 HOH 24  224 224 HOH TIP A . 
E 4 HOH 25  225 225 HOH TIP A . 
E 4 HOH 26  226 226 HOH TIP A . 
E 4 HOH 27  227 227 HOH TIP A . 
E 4 HOH 28  228 228 HOH TIP A . 
E 4 HOH 29  229 229 HOH TIP A . 
E 4 HOH 30  230 230 HOH TIP A . 
E 4 HOH 31  231 231 HOH TIP A . 
E 4 HOH 32  232 232 HOH TIP A . 
E 4 HOH 33  233 233 HOH TIP A . 
E 4 HOH 34  234 234 HOH TIP A . 
E 4 HOH 35  235 235 HOH TIP A . 
E 4 HOH 36  236 236 HOH TIP A . 
E 4 HOH 37  237 237 HOH TIP A . 
E 4 HOH 38  238 238 HOH TIP A . 
E 4 HOH 39  239 239 HOH TIP A . 
E 4 HOH 40  240 240 HOH TIP A . 
E 4 HOH 41  241 241 HOH TIP A . 
E 4 HOH 42  242 242 HOH TIP A . 
E 4 HOH 43  243 243 HOH TIP A . 
E 4 HOH 44  244 244 HOH TIP A . 
E 4 HOH 45  245 245 HOH TIP A . 
E 4 HOH 46  246 246 HOH TIP A . 
E 4 HOH 47  247 247 HOH TIP A . 
E 4 HOH 48  248 248 HOH TIP A . 
E 4 HOH 49  249 249 HOH TIP A . 
E 4 HOH 50  250 250 HOH TIP A . 
E 4 HOH 51  251 251 HOH TIP A . 
E 4 HOH 52  252 252 HOH TIP A . 
E 4 HOH 53  253 253 HOH TIP A . 
E 4 HOH 54  254 254 HOH TIP A . 
E 4 HOH 55  255 255 HOH TIP A . 
E 4 HOH 56  256 256 HOH TIP A . 
E 4 HOH 57  257 257 HOH TIP A . 
E 4 HOH 58  258 258 HOH TIP A . 
E 4 HOH 59  259 259 HOH TIP A . 
E 4 HOH 60  260 260 HOH TIP A . 
E 4 HOH 61  261 261 HOH TIP A . 
E 4 HOH 62  262 262 HOH TIP A . 
E 4 HOH 63  263 263 HOH TIP A . 
E 4 HOH 64  264 264 HOH TIP A . 
E 4 HOH 65  265 265 HOH TIP A . 
E 4 HOH 66  266 266 HOH TIP A . 
E 4 HOH 67  267 267 HOH TIP A . 
E 4 HOH 68  268 268 HOH TIP A . 
E 4 HOH 69  269 269 HOH TIP A . 
E 4 HOH 70  270 270 HOH TIP A . 
E 4 HOH 71  271 271 HOH TIP A . 
E 4 HOH 72  272 272 HOH TIP A . 
E 4 HOH 73  273 273 HOH TIP A . 
E 4 HOH 74  274 274 HOH TIP A . 
E 4 HOH 75  275 275 HOH TIP A . 
E 4 HOH 76  276 276 HOH TIP A . 
E 4 HOH 77  277 277 HOH TIP A . 
E 4 HOH 78  278 278 HOH TIP A . 
E 4 HOH 79  279 279 HOH TIP A . 
E 4 HOH 80  280 280 HOH TIP A . 
E 4 HOH 81  281 281 HOH TIP A . 
E 4 HOH 82  282 282 HOH TIP A . 
E 4 HOH 83  283 283 HOH TIP A . 
E 4 HOH 84  284 284 HOH TIP A . 
E 4 HOH 85  285 285 HOH TIP A . 
E 4 HOH 86  286 286 HOH TIP A . 
E 4 HOH 87  287 287 HOH TIP A . 
E 4 HOH 88  288 288 HOH TIP A . 
E 4 HOH 89  289 289 HOH TIP A . 
E 4 HOH 90  290 290 HOH TIP A . 
E 4 HOH 91  291 291 HOH TIP A . 
E 4 HOH 92  292 292 HOH TIP A . 
E 4 HOH 93  293 293 HOH TIP A . 
E 4 HOH 94  294 294 HOH TIP A . 
E 4 HOH 95  295 295 HOH TIP A . 
E 4 HOH 96  296 296 HOH TIP A . 
E 4 HOH 97  297 297 HOH TIP A . 
E 4 HOH 98  298 298 HOH TIP A . 
E 4 HOH 99  299 299 HOH TIP A . 
E 4 HOH 100 300 300 HOH TIP A . 
E 4 HOH 101 301 301 HOH TIP A . 
E 4 HOH 102 302 302 HOH TIP A . 
E 4 HOH 103 303 303 HOH TIP A . 
E 4 HOH 104 304 304 HOH TIP A . 
E 4 HOH 105 305 305 HOH TIP A . 
E 4 HOH 106 306 306 HOH TIP A . 
E 4 HOH 107 307 307 HOH TIP A . 
E 4 HOH 108 308 308 HOH TIP A . 
E 4 HOH 109 309 309 HOH TIP A . 
E 4 HOH 110 310 310 HOH TIP A . 
E 4 HOH 111 311 311 HOH TIP A . 
E 4 HOH 112 312 312 HOH TIP A . 
E 4 HOH 113 313 313 HOH TIP A . 
E 4 HOH 114 314 314 HOH TIP A . 
E 4 HOH 115 315 315 HOH TIP A . 
E 4 HOH 116 316 316 HOH TIP A . 
E 4 HOH 117 317 317 HOH TIP A . 
E 4 HOH 118 318 318 HOH TIP A . 
E 4 HOH 119 319 319 HOH TIP A . 
E 4 HOH 120 320 320 HOH TIP A . 
E 4 HOH 121 321 321 HOH TIP A . 
E 4 HOH 122 322 322 HOH TIP A . 
E 4 HOH 123 323 323 HOH TIP A . 
E 4 HOH 124 324 324 HOH TIP A . 
E 4 HOH 125 325 325 HOH TIP A . 
E 4 HOH 126 326 326 HOH TIP A . 
E 4 HOH 127 327 327 HOH TIP A . 
E 4 HOH 128 328 328 HOH TIP A . 
E 4 HOH 129 329 329 HOH TIP A . 
E 4 HOH 130 330 330 HOH TIP A . 
E 4 HOH 131 331 331 HOH TIP A . 
E 4 HOH 132 332 332 HOH TIP A . 
# 
loop_
_software.name 
_software.classification 
_software.version 
_software.citation_id 
_software.pdbx_ordinal 
CNS         refinement        1.1 ? 1 
SBC-Collect 'data collection' .   ? 2 
HKL-2000    'data scaling'    .   ? 3 
CNS         phasing           .   ? 4 
# 
_cell.entry_id           1RLJ 
_cell.length_a           85.236 
_cell.length_b           85.236 
_cell.length_c           59.992 
_cell.angle_alpha        90.00 
_cell.angle_beta         90.00 
_cell.angle_gamma        120.00 
_cell.Z_PDB              6 
_cell.pdbx_unique_axis   ? 
# 
_symmetry.entry_id                         1RLJ 
_symmetry.space_group_name_H-M             'P 62' 
_symmetry.pdbx_full_space_group_name_H-M   ? 
_symmetry.cell_setting                     ? 
_symmetry.Int_Tables_number                171 
_symmetry.space_group_name_Hall            ? 
# 
_exptl.entry_id          1RLJ 
_exptl.method            'X-RAY DIFFRACTION' 
_exptl.crystals_number   1 
# 
_exptl_crystal.id                    1 
_exptl_crystal.density_meas          ? 
_exptl_crystal.density_percent_sol   69.32 
_exptl_crystal.description           ? 
_exptl_crystal.density_Matthews      4.01 
_exptl_crystal.F_000                 ? 
_exptl_crystal.preparation           ? 
# 
_exptl_crystal_grow.crystal_id      1 
_exptl_crystal_grow.method          'VAPOR DIFFUSION, HANGING DROP' 
_exptl_crystal_grow.temp            298 
_exptl_crystal_grow.temp_details    ? 
_exptl_crystal_grow.pH              7.0 
_exptl_crystal_grow.pdbx_details    '20% PEG 3350, 0.2M NH4I, pH 7.0, VAPOR DIFFUSION, HANGING DROP, temperature 298K' 
_exptl_crystal_grow.pdbx_pH_range   . 
# 
_diffrn.id                     1 
_diffrn.ambient_temp           100 
_diffrn.ambient_temp_details   ? 
_diffrn.crystal_id             1 
# 
_diffrn_detector.diffrn_id              1 
_diffrn_detector.detector               CCD 
_diffrn_detector.type                   SBC-2 
_diffrn_detector.pdbx_collection_date   2003-11-19 
_diffrn_detector.details                mirrors 
# 
_diffrn_radiation.diffrn_id                        1 
_diffrn_radiation.wavelength_id                    1 
_diffrn_radiation.pdbx_monochromatic_or_laue_m_l   M 
_diffrn_radiation.monochromator                    'Si 111 channel' 
_diffrn_radiation.pdbx_diffrn_protocol             'SINGLE WAVELENGTH' 
_diffrn_radiation.pdbx_scattering_type             x-ray 
# 
_diffrn_radiation_wavelength.id           1 
_diffrn_radiation_wavelength.wavelength   0.97835 
_diffrn_radiation_wavelength.wt           1.0 
# 
_diffrn_source.diffrn_id                   1 
_diffrn_source.source                      SYNCHROTRON 
_diffrn_source.type                        'APS BEAMLINE 19-ID' 
_diffrn_source.pdbx_synchrotron_site       APS 
_diffrn_source.pdbx_synchrotron_beamline   19-ID 
_diffrn_source.pdbx_wavelength             ? 
_diffrn_source.pdbx_wavelength_list        0.97835 
# 
_reflns.entry_id                     1RLJ 
_reflns.observed_criterion_sigma_I   4.0 
_reflns.observed_criterion_sigma_F   4.0 
_reflns.d_resolution_low             50 
_reflns.d_resolution_high            2.0 
_reflns.number_obs                   32842 
_reflns.number_all                   32842 
_reflns.percent_possible_obs         100.0 
_reflns.pdbx_Rmerge_I_obs            0.082 
_reflns.pdbx_Rsym_value              ? 
_reflns.pdbx_netI_over_sigmaI        24.3 
_reflns.B_iso_Wilson_estimate        9.4 
_reflns.pdbx_redundancy              6.24 
_reflns.R_free_details               ? 
_reflns.limit_h_max                  ? 
_reflns.limit_h_min                  ? 
_reflns.limit_k_max                  ? 
_reflns.limit_k_min                  ? 
_reflns.limit_l_max                  ? 
_reflns.limit_l_min                  ? 
_reflns.observed_criterion_F_max     ? 
_reflns.observed_criterion_F_min     ? 
_reflns.pdbx_chi_squared             ? 
_reflns.pdbx_scaling_rejects         ? 
_reflns.pdbx_diffrn_id               1 
_reflns.pdbx_ordinal                 1 
# 
_reflns_shell.d_res_high             2.0 
_reflns_shell.d_res_low              2.07 
_reflns_shell.percent_possible_all   100 
_reflns_shell.Rmerge_I_obs           0.42 
_reflns_shell.pdbx_Rsym_value        ? 
_reflns_shell.meanI_over_sigI_obs    4.79 
_reflns_shell.pdbx_redundancy        5.8 
_reflns_shell.percent_possible_obs   ? 
_reflns_shell.number_unique_all      3311 
_reflns_shell.number_measured_all    ? 
_reflns_shell.number_measured_obs    ? 
_reflns_shell.number_unique_obs      ? 
_reflns_shell.pdbx_chi_squared       ? 
_reflns_shell.pdbx_diffrn_id         ? 
_reflns_shell.pdbx_ordinal           1 
# 
_refine.entry_id                                 1RLJ 
_refine.ls_number_reflns_obs                     31905 
_refine.ls_number_reflns_all                     32842 
_refine.pdbx_ls_sigma_I                          ? 
_refine.pdbx_ls_sigma_F                          0.0 
_refine.pdbx_data_cutoff_high_absF               282129.91 
_refine.pdbx_data_cutoff_low_absF                0.000000 
_refine.pdbx_data_cutoff_high_rms_absF           ? 
_refine.ls_d_res_low                             42.62 
_refine.ls_d_res_high                            2.00 
_refine.ls_percent_reflns_obs                    96.9 
_refine.ls_R_factor_obs                          0.192 
_refine.ls_R_factor_all                          ? 
_refine.ls_R_factor_R_work                       0.192 
_refine.ls_R_factor_R_free                       0.217 
_refine.ls_R_factor_R_free_error                 0.005 
_refine.ls_R_factor_R_free_error_details         ? 
_refine.ls_percent_reflns_R_free                 5.0 
_refine.ls_number_reflns_R_free                  1602 
_refine.ls_number_parameters                     ? 
_refine.ls_number_restraints                     ? 
_refine.occupancy_min                            ? 
_refine.occupancy_max                            ? 
_refine.correlation_coeff_Fo_to_Fc               ? 
_refine.correlation_coeff_Fo_to_Fc_free          ? 
_refine.B_iso_mean                               24.7 
_refine.aniso_B[1][1]                            -2.08 
_refine.aniso_B[2][2]                            -2.08 
_refine.aniso_B[3][3]                            4.17 
_refine.aniso_B[1][2]                            -0.48 
_refine.aniso_B[1][3]                            0.00 
_refine.aniso_B[2][3]                            0.00 
_refine.solvent_model_details                    'FLAT MODEL' 
_refine.solvent_model_param_ksol                 0.387085 
_refine.solvent_model_param_bsol                 59.5754 
_refine.pdbx_solvent_vdw_probe_radii             ? 
_refine.pdbx_solvent_ion_probe_radii             ? 
_refine.pdbx_solvent_shrinkage_radii             ? 
_refine.pdbx_ls_cross_valid_method               THROUGHOUT 
_refine.details                                  ? 
_refine.pdbx_starting_model                      ? 
_refine.pdbx_method_to_determine_struct          SAD 
_refine.pdbx_isotropic_thermal_model             RESTRAINED 
_refine.pdbx_stereochemistry_target_values       'Engh & Huber' 
_refine.pdbx_stereochem_target_val_spec_case     ? 
_refine.pdbx_R_Free_selection_details            RANDOM 
_refine.pdbx_overall_ESU_R                       ? 
_refine.pdbx_overall_ESU_R_Free                  ? 
_refine.overall_SU_ML                            ? 
_refine.overall_SU_B                             ? 
_refine.ls_redundancy_reflns_obs                 ? 
_refine.B_iso_min                                ? 
_refine.B_iso_max                                ? 
_refine.overall_SU_R_Cruickshank_DPI             ? 
_refine.overall_SU_R_free                        ? 
_refine.ls_wR_factor_R_free                      ? 
_refine.ls_wR_factor_R_work                      ? 
_refine.overall_FOM_free_R_set                   ? 
_refine.overall_FOM_work_R_set                   ? 
_refine.pdbx_refine_id                           'X-RAY DIFFRACTION' 
_refine.pdbx_diffrn_id                           1 
_refine.pdbx_TLS_residual_ADP_flag               ? 
_refine.pdbx_overall_phase_error                 ? 
_refine.pdbx_overall_SU_R_free_Cruickshank_DPI   ? 
_refine.pdbx_overall_SU_R_Blow_DPI               ? 
_refine.pdbx_overall_SU_R_free_Blow_DPI          ? 
# 
_refine_analyze.entry_id                        1RLJ 
_refine_analyze.Luzzati_coordinate_error_obs    0.22 
_refine_analyze.Luzzati_sigma_a_obs             0.20 
_refine_analyze.Luzzati_d_res_low_obs           5.00 
_refine_analyze.Luzzati_coordinate_error_free   0.25 
_refine_analyze.Luzzati_sigma_a_free            0.20 
_refine_analyze.Luzzati_d_res_low_free          ? 
_refine_analyze.number_disordered_residues      ? 
_refine_analyze.occupancy_sum_hydrogen          ? 
_refine_analyze.occupancy_sum_non_hydrogen      ? 
_refine_analyze.pdbx_Luzzati_d_res_high_obs     ? 
_refine_analyze.pdbx_refine_id                  'X-RAY DIFFRACTION' 
# 
_refine_hist.pdbx_refine_id                   'X-RAY DIFFRACTION' 
_refine_hist.cycle_id                         LAST 
_refine_hist.pdbx_number_atoms_protein        1074 
_refine_hist.pdbx_number_atoms_nucleic_acid   0 
_refine_hist.pdbx_number_atoms_ligand         33 
_refine_hist.number_atoms_solvent             132 
_refine_hist.number_atoms_total               1239 
_refine_hist.d_res_high                       2.00 
_refine_hist.d_res_low                        42.62 
# 
loop_
_refine_ls_restr.type 
_refine_ls_restr.dev_ideal 
_refine_ls_restr.dev_ideal_target 
_refine_ls_restr.weight 
_refine_ls_restr.number 
_refine_ls_restr.pdbx_refine_id 
_refine_ls_restr.pdbx_restraint_function 
c_bond_d           0.007 ?    ? ? 'X-RAY DIFFRACTION' ? 
c_angle_deg        1.8   ?    ? ? 'X-RAY DIFFRACTION' ? 
c_dihedral_angle_d 22.4  ?    ? ? 'X-RAY DIFFRACTION' ? 
c_improper_angle_d 1.37  ?    ? ? 'X-RAY DIFFRACTION' ? 
c_mcbond_it        1.34  1.50 ? ? 'X-RAY DIFFRACTION' ? 
c_mcangle_it       2.30  2.00 ? ? 'X-RAY DIFFRACTION' ? 
c_scbond_it        2.23  2.00 ? ? 'X-RAY DIFFRACTION' ? 
c_scangle_it       3.46  2.50 ? ? 'X-RAY DIFFRACTION' ? 
# 
_refine_ls_shell.pdbx_total_number_of_bins_used   6 
_refine_ls_shell.d_res_high                       2.00 
_refine_ls_shell.d_res_low                        2.13 
_refine_ls_shell.number_reflns_R_work             4708 
_refine_ls_shell.R_factor_R_work                  0.2424 
_refine_ls_shell.percent_reflns_obs               90.9 
_refine_ls_shell.R_factor_R_free                  0.2476 
_refine_ls_shell.R_factor_R_free_error            0.013 
_refine_ls_shell.percent_reflns_R_free            6.0 
_refine_ls_shell.number_reflns_R_free             298 
_refine_ls_shell.number_reflns_obs                ? 
_refine_ls_shell.redundancy_reflns_obs            ? 
_refine_ls_shell.number_reflns_all                ? 
_refine_ls_shell.pdbx_refine_id                   'X-RAY DIFFRACTION' 
_refine_ls_shell.R_factor_all                     ? 
# 
loop_
_pdbx_xplor_file.serial_no 
_pdbx_xplor_file.param_file 
_pdbx_xplor_file.topol_file 
_pdbx_xplor_file.pdbx_refine_id 
1 PROTEIN_REP.PARAM PROTEIN.TOP 'X-RAY DIFFRACTION' 
2 WATER_REP.PARAM   ?           'X-RAY DIFFRACTION' 
3 ION.PARAM         ?           'X-RAY DIFFRACTION' 
4 FMN.PARAM         ?           'X-RAY DIFFRACTION' 
# 
_struct.entry_id                  1RLJ 
_struct.title                     'Structural Genomics, a Flavoprotein NrdI from Bacillus subtilis' 
_struct.pdbx_model_details        ? 
_struct.pdbx_CASP_flag            ? 
_struct.pdbx_model_type_details   ? 
# 
_struct_keywords.entry_id        1RLJ 
_struct_keywords.pdbx_keywords   'Structural Genomics, unknown function' 
_struct_keywords.text            
;Flavoprotein, FMN, Thioredoxin, Alpha/beta/alpha sandwich, Structural Genomics, PSI, Protein Structure Initiative, Midwest Center for Structural Genomics, MCSG, unknown function
;
# 
loop_
_struct_asym.id 
_struct_asym.pdbx_blank_PDB_chainid_flag 
_struct_asym.pdbx_modified 
_struct_asym.entity_id 
_struct_asym.details 
A N N 1 ? 
B N N 2 ? 
C N N 2 ? 
D N N 3 ? 
E N N 4 ? 
# 
_struct_ref.id                         1 
_struct_ref.db_name                    UNP 
_struct_ref.db_code                    NRDI_BACSU 
_struct_ref.pdbx_db_accession          P50618 
_struct_ref.entity_id                  1 
_struct_ref.pdbx_seq_one_letter_code   
;MVQIIFDSKTGNVQRFVNKTGFQQIRKVDEMDHVDTPFVLVTYTTNFGQVPASTQSFLEKYAHLLLGVAASGNKVWGDNF
AKSADTISRQYQVPILHKFELSGTSKDVELFTQEVERVVTKSSAKMDPVK
;
_struct_ref.pdbx_align_begin           1 
_struct_ref.pdbx_db_isoform            ? 
# 
_struct_ref_seq.align_id                      1 
_struct_ref_seq.ref_id                        1 
_struct_ref_seq.pdbx_PDB_id_code              1RLJ 
_struct_ref_seq.pdbx_strand_id                A 
_struct_ref_seq.seq_align_beg                 10 
_struct_ref_seq.pdbx_seq_align_beg_ins_code   ? 
_struct_ref_seq.seq_align_end                 139 
_struct_ref_seq.pdbx_seq_align_end_ins_code   ? 
_struct_ref_seq.pdbx_db_accession             P50618 
_struct_ref_seq.db_align_beg                  1 
_struct_ref_seq.pdbx_db_align_beg_ins_code    ? 
_struct_ref_seq.db_align_end                  130 
_struct_ref_seq.pdbx_db_align_end_ins_code    ? 
_struct_ref_seq.pdbx_auth_seq_align_beg       1 
_struct_ref_seq.pdbx_auth_seq_align_end       130 
# 
loop_
_struct_ref_seq_dif.align_id 
_struct_ref_seq_dif.pdbx_pdb_id_code 
_struct_ref_seq_dif.mon_id 
_struct_ref_seq_dif.pdbx_pdb_strand_id 
_struct_ref_seq_dif.seq_num 
_struct_ref_seq_dif.pdbx_pdb_ins_code 
_struct_ref_seq_dif.pdbx_seq_db_name 
_struct_ref_seq_dif.pdbx_seq_db_accession_code 
_struct_ref_seq_dif.db_mon_id 
_struct_ref_seq_dif.pdbx_seq_db_seq_num 
_struct_ref_seq_dif.details 
_struct_ref_seq_dif.pdbx_auth_seq_num 
_struct_ref_seq_dif.pdbx_ordinal 
1 1RLJ GLU A 1 ? UNP P50618 ? ? 'expression tag' -9 1 
1 1RLJ ASN A 2 ? UNP P50618 ? ? 'expression tag' -8 2 
1 1RLJ LEU A 3 ? UNP P50618 ? ? 'expression tag' -7 3 
1 1RLJ TYR A 4 ? UNP P50618 ? ? 'expression tag' -6 4 
1 1RLJ PHE A 5 ? UNP P50618 ? ? 'expression tag' -5 5 
1 1RLJ GLN A 6 ? UNP P50618 ? ? 'expression tag' -4 6 
1 1RLJ SER A 7 ? UNP P50618 ? ? 'expression tag' -3 7 
1 1RLJ ASN A 8 ? UNP P50618 ? ? 'expression tag' -2 8 
1 1RLJ ALA A 9 ? UNP P50618 ? ? 'expression tag' -1 9 
# 
_pdbx_struct_assembly.id                   1 
_pdbx_struct_assembly.details              author_defined_assembly 
_pdbx_struct_assembly.method_details       ? 
_pdbx_struct_assembly.oligomeric_details   monomeric 
_pdbx_struct_assembly.oligomeric_count     1 
# 
_pdbx_struct_assembly_gen.assembly_id       1 
_pdbx_struct_assembly_gen.oper_expression   1 
_pdbx_struct_assembly_gen.asym_id_list      A,B,C,D,E 
# 
_pdbx_struct_oper_list.id                   1 
_pdbx_struct_oper_list.type                 'identity operation' 
_pdbx_struct_oper_list.name                 1_555 
_pdbx_struct_oper_list.symmetry_operation   x,y,z 
_pdbx_struct_oper_list.matrix[1][1]         1.0000000000 
_pdbx_struct_oper_list.matrix[1][2]         0.0000000000 
_pdbx_struct_oper_list.matrix[1][3]         0.0000000000 
_pdbx_struct_oper_list.vector[1]            0.0000000000 
_pdbx_struct_oper_list.matrix[2][1]         0.0000000000 
_pdbx_struct_oper_list.matrix[2][2]         1.0000000000 
_pdbx_struct_oper_list.matrix[2][3]         0.0000000000 
_pdbx_struct_oper_list.vector[2]            0.0000000000 
_pdbx_struct_oper_list.matrix[3][1]         0.0000000000 
_pdbx_struct_oper_list.matrix[3][2]         0.0000000000 
_pdbx_struct_oper_list.matrix[3][3]         1.0000000000 
_pdbx_struct_oper_list.vector[3]            0.0000000000 
# 
_struct_biol.id                    1 
_struct_biol.details               'This protein exists as monomer.' 
_struct_biol.pdbx_parent_biol_id   ? 
# 
loop_
_struct_conf.conf_type_id 
_struct_conf.id 
_struct_conf.pdbx_PDB_helix_id 
_struct_conf.beg_label_comp_id 
_struct_conf.beg_label_asym_id 
_struct_conf.beg_label_seq_id 
_struct_conf.pdbx_beg_PDB_ins_code 
_struct_conf.end_label_comp_id 
_struct_conf.end_label_asym_id 
_struct_conf.end_label_seq_id 
_struct_conf.pdbx_end_PDB_ins_code 
_struct_conf.beg_auth_comp_id 
_struct_conf.beg_auth_asym_id 
_struct_conf.beg_auth_seq_id 
_struct_conf.end_auth_comp_id 
_struct_conf.end_auth_asym_id 
_struct_conf.end_auth_seq_id 
_struct_conf.pdbx_PDB_helix_class 
_struct_conf.details 
_struct_conf.pdbx_PDB_helix_length 
HELX_P HELX_P1 1 ASN A 2   ? ALA A 9   ? ASN A -8  ALA A -1  1 ? 8  
HELX_P HELX_P2 2 GLY A 20  ? ASN A 27  ? GLY A 11  ASN A 18  1 ? 8  
HELX_P HELX_P3 3 THR A 54  ? GLN A 58  ? THR A 45  GLN A 49  5 ? 5  
HELX_P HELX_P4 4 PRO A 60  ? ALA A 71  ? PRO A 51  ALA A 62  1 ? 12 
HELX_P HELX_P5 5 ASN A 82  ? PHE A 89  ? ASN A 73  PHE A 80  5 ? 8  
HELX_P HELX_P6 6 ALA A 90  ? GLN A 101 ? ALA A 81  GLN A 92  1 ? 12 
HELX_P HELX_P7 7 THR A 113 ? SER A 132 ? THR A 104 SER A 123 1 ? 20 
# 
_struct_conf_type.id          HELX_P 
_struct_conf_type.criteria    ? 
_struct_conf_type.reference   ? 
# 
_struct_sheet.id               A 
_struct_sheet.type             ? 
_struct_sheet.number_strands   5 
_struct_sheet.details          ? 
# 
loop_
_struct_sheet_order.sheet_id 
_struct_sheet_order.range_id_1 
_struct_sheet_order.range_id_2 
_struct_sheet_order.offset 
_struct_sheet_order.sense 
A 1 2 ? parallel 
A 2 3 ? parallel 
A 3 4 ? parallel 
A 4 5 ? parallel 
# 
loop_
_struct_sheet_range.sheet_id 
_struct_sheet_range.id 
_struct_sheet_range.beg_label_comp_id 
_struct_sheet_range.beg_label_asym_id 
_struct_sheet_range.beg_label_seq_id 
_struct_sheet_range.pdbx_beg_PDB_ins_code 
_struct_sheet_range.end_label_comp_id 
_struct_sheet_range.end_label_asym_id 
_struct_sheet_range.end_label_seq_id 
_struct_sheet_range.pdbx_end_PDB_ins_code 
_struct_sheet_range.beg_auth_comp_id 
_struct_sheet_range.beg_auth_asym_id 
_struct_sheet_range.beg_auth_seq_id 
_struct_sheet_range.end_auth_comp_id 
_struct_sheet_range.end_auth_asym_id 
_struct_sheet_range.end_auth_seq_id 
A 1 GLN A 33  ? LYS A 36  ? GLN A 24 LYS A 27  
A 2 GLN A 12  ? PHE A 15  ? GLN A 3  PHE A 6   
A 3 PHE A 47  ? THR A 51  ? PHE A 38 THR A 42  
A 4 LEU A 74  ? GLY A 81  ? LEU A 65 GLY A 72  
A 5 ILE A 104 ? GLU A 109 ? ILE A 95 GLU A 100 
# 
loop_
_pdbx_struct_sheet_hbond.sheet_id 
_pdbx_struct_sheet_hbond.range_id_1 
_pdbx_struct_sheet_hbond.range_id_2 
_pdbx_struct_sheet_hbond.range_1_label_atom_id 
_pdbx_struct_sheet_hbond.range_1_label_comp_id 
_pdbx_struct_sheet_hbond.range_1_label_asym_id 
_pdbx_struct_sheet_hbond.range_1_label_seq_id 
_pdbx_struct_sheet_hbond.range_1_PDB_ins_code 
_pdbx_struct_sheet_hbond.range_1_auth_atom_id 
_pdbx_struct_sheet_hbond.range_1_auth_comp_id 
_pdbx_struct_sheet_hbond.range_1_auth_asym_id 
_pdbx_struct_sheet_hbond.range_1_auth_seq_id 
_pdbx_struct_sheet_hbond.range_2_label_atom_id 
_pdbx_struct_sheet_hbond.range_2_label_comp_id 
_pdbx_struct_sheet_hbond.range_2_label_asym_id 
_pdbx_struct_sheet_hbond.range_2_label_seq_id 
_pdbx_struct_sheet_hbond.range_2_PDB_ins_code 
_pdbx_struct_sheet_hbond.range_2_auth_atom_id 
_pdbx_struct_sheet_hbond.range_2_auth_comp_id 
_pdbx_struct_sheet_hbond.range_2_auth_asym_id 
_pdbx_struct_sheet_hbond.range_2_auth_seq_id 
A 1 2 O GLN A 33 ? O GLN A 24 N ILE A 13  ? N ILE A 4  
A 2 3 N ILE A 14 ? N ILE A 5  O VAL A 48  ? O VAL A 39 
A 3 4 N PHE A 47 ? N PHE A 38 O LEU A 75  ? O LEU A 66 
A 4 5 N VAL A 77 ? N VAL A 68 O LEU A 105 ? O LEU A 96 
# 
loop_
_struct_site.id 
_struct_site.pdbx_evidence_code 
_struct_site.pdbx_auth_asym_id 
_struct_site.pdbx_auth_comp_id 
_struct_site.pdbx_auth_seq_id 
_struct_site.pdbx_auth_ins_code 
_struct_site.pdbx_num_residues 
_struct_site.details 
AC1 Software A IOD 152 ? 1  'BINDING SITE FOR RESIDUE IOD A 152' 
AC2 Software A FMN 151 ? 24 'BINDING SITE FOR RESIDUE FMN A 151' 
# 
loop_
_struct_site_gen.id 
_struct_site_gen.site_id 
_struct_site_gen.pdbx_num_res 
_struct_site_gen.label_comp_id 
_struct_site_gen.label_asym_id 
_struct_site_gen.label_seq_id 
_struct_site_gen.pdbx_auth_ins_code 
_struct_site_gen.auth_comp_id 
_struct_site_gen.auth_asym_id 
_struct_site_gen.auth_seq_id 
_struct_site_gen.label_atom_id 
_struct_site_gen.label_alt_id 
_struct_site_gen.symmetry 
_struct_site_gen.details 
1  AC1 1  SER A 132 ? SER A 123 . ? 1_555 ? 
2  AC2 24 ASN A 8   ? ASN A -2  . ? 3_665 ? 
3  AC2 24 SER A 7   ? SER A -3  . ? 3_665 ? 
4  AC2 24 SER A 17  ? SER A 8   . ? 1_555 ? 
5  AC2 24 LYS A 18  ? LYS A 9   . ? 1_555 ? 
6  AC2 24 THR A 19  ? THR A 10  . ? 1_555 ? 
7  AC2 24 GLY A 20  ? GLY A 11  . ? 1_555 ? 
8  AC2 24 ASN A 21  ? ASN A 12  . ? 1_555 ? 
9  AC2 24 VAL A 22  ? VAL A 13  . ? 1_555 ? 
10 AC2 24 GLN A 32  ? GLN A 23  . ? 3_665 ? 
11 AC2 24 TYR A 52  ? TYR A 43  . ? 1_555 ? 
12 AC2 24 THR A 53  ? THR A 44  . ? 1_555 ? 
13 AC2 24 THR A 54  ? THR A 45  . ? 1_555 ? 
14 AC2 24 ASN A 55  ? ASN A 46  . ? 1_555 ? 
15 AC2 24 GLY A 57  ? GLY A 48  . ? 1_555 ? 
16 AC2 24 SER A 80  ? SER A 71  . ? 1_555 ? 
17 AC2 24 GLY A 81  ? GLY A 72  . ? 1_555 ? 
18 AC2 24 ASN A 82  ? ASN A 73  . ? 1_555 ? 
19 AC2 24 TRP A 85  ? TRP A 76  . ? 1_555 ? 
20 AC2 24 ASN A 88  ? ASN A 79  . ? 1_555 ? 
21 AC2 24 PHE A 89  ? PHE A 80  . ? 1_555 ? 
22 AC2 24 ALA A 90  ? ALA A 81  . ? 1_555 ? 
23 AC2 24 LEU A 110 ? LEU A 101 . ? 1_555 ? 
24 AC2 24 HOH E .   ? HOH A 202 . ? 3_665 ? 
25 AC2 24 HOH E .   ? HOH A 203 . ? 1_555 ? 
# 
loop_
_pdbx_validate_torsion.id 
_pdbx_validate_torsion.PDB_model_num 
_pdbx_validate_torsion.auth_comp_id 
_pdbx_validate_torsion.auth_asym_id 
_pdbx_validate_torsion.auth_seq_id 
_pdbx_validate_torsion.PDB_ins_code 
_pdbx_validate_torsion.label_alt_id 
_pdbx_validate_torsion.phi 
_pdbx_validate_torsion.psi 
1 1 ASN A -8  ? ? -115.02 50.98   
2 1 TYR A 43  ? ? -117.57 -167.96 
3 1 ASN A 46  ? ? -30.66  129.34  
4 1 LEU A 101 ? ? 47.30   -124.77 
# 
_pdbx_SG_project.id                    1 
_pdbx_SG_project.project_name          'PSI, Protein Structure Initiative' 
_pdbx_SG_project.full_name_of_center   'Midwest Center for Structural Genomics' 
_pdbx_SG_project.initial_of_center     MCSG 
# 
loop_
_pdbx_unobs_or_zero_occ_residues.id 
_pdbx_unobs_or_zero_occ_residues.PDB_model_num 
_pdbx_unobs_or_zero_occ_residues.polymer_flag 
_pdbx_unobs_or_zero_occ_residues.occupancy_flag 
_pdbx_unobs_or_zero_occ_residues.auth_asym_id 
_pdbx_unobs_or_zero_occ_residues.auth_comp_id 
_pdbx_unobs_or_zero_occ_residues.auth_seq_id 
_pdbx_unobs_or_zero_occ_residues.PDB_ins_code 
_pdbx_unobs_or_zero_occ_residues.label_asym_id 
_pdbx_unobs_or_zero_occ_residues.label_comp_id 
_pdbx_unobs_or_zero_occ_residues.label_seq_id 
1 1 Y 1 A ASP 127 ? A ASP 136 
2 1 Y 1 A PRO 128 ? A PRO 137 
3 1 Y 1 A VAL 129 ? A VAL 138 
4 1 Y 1 A LYS 130 ? A LYS 139 
# 
loop_
_chem_comp_atom.comp_id 
_chem_comp_atom.atom_id 
_chem_comp_atom.type_symbol 
_chem_comp_atom.pdbx_aromatic_flag 
_chem_comp_atom.pdbx_stereo_config 
_chem_comp_atom.pdbx_ordinal 
ALA N      N N N 1   
ALA CA     C N S 2   
ALA C      C N N 3   
ALA O      O N N 4   
ALA CB     C N N 5   
ALA OXT    O N N 6   
ALA H      H N N 7   
ALA H2     H N N 8   
ALA HA     H N N 9   
ALA HB1    H N N 10  
ALA HB2    H N N 11  
ALA HB3    H N N 12  
ALA HXT    H N N 13  
ARG N      N N N 14  
ARG CA     C N S 15  
ARG C      C N N 16  
ARG O      O N N 17  
ARG CB     C N N 18  
ARG CG     C N N 19  
ARG CD     C N N 20  
ARG NE     N N N 21  
ARG CZ     C N N 22  
ARG NH1    N N N 23  
ARG NH2    N N N 24  
ARG OXT    O N N 25  
ARG H      H N N 26  
ARG H2     H N N 27  
ARG HA     H N N 28  
ARG HB2    H N N 29  
ARG HB3    H N N 30  
ARG HG2    H N N 31  
ARG HG3    H N N 32  
ARG HD2    H N N 33  
ARG HD3    H N N 34  
ARG HE     H N N 35  
ARG HH11   H N N 36  
ARG HH12   H N N 37  
ARG HH21   H N N 38  
ARG HH22   H N N 39  
ARG HXT    H N N 40  
ASN N      N N N 41  
ASN CA     C N S 42  
ASN C      C N N 43  
ASN O      O N N 44  
ASN CB     C N N 45  
ASN CG     C N N 46  
ASN OD1    O N N 47  
ASN ND2    N N N 48  
ASN OXT    O N N 49  
ASN H      H N N 50  
ASN H2     H N N 51  
ASN HA     H N N 52  
ASN HB2    H N N 53  
ASN HB3    H N N 54  
ASN HD21   H N N 55  
ASN HD22   H N N 56  
ASN HXT    H N N 57  
ASP N      N N N 58  
ASP CA     C N S 59  
ASP C      C N N 60  
ASP O      O N N 61  
ASP CB     C N N 62  
ASP CG     C N N 63  
ASP OD1    O N N 64  
ASP OD2    O N N 65  
ASP OXT    O N N 66  
ASP H      H N N 67  
ASP H2     H N N 68  
ASP HA     H N N 69  
ASP HB2    H N N 70  
ASP HB3    H N N 71  
ASP HD2    H N N 72  
ASP HXT    H N N 73  
FMN N1     N N N 74  
FMN C2     C N N 75  
FMN O2     O N N 76  
FMN N3     N N N 77  
FMN C4     C N N 78  
FMN O4     O N N 79  
FMN C4A    C N N 80  
FMN N5     N N N 81  
FMN C5A    C Y N 82  
FMN C6     C Y N 83  
FMN C7     C Y N 84  
FMN C7M    C N N 85  
FMN C8     C Y N 86  
FMN C8M    C N N 87  
FMN C9     C Y N 88  
FMN C9A    C Y N 89  
FMN N10    N N N 90  
FMN C10    C N N 91  
FMN "C1'"  C N N 92  
FMN "C2'"  C N S 93  
FMN "O2'"  O N N 94  
FMN "C3'"  C N S 95  
FMN "O3'"  O N N 96  
FMN "C4'"  C N R 97  
FMN "O4'"  O N N 98  
FMN "C5'"  C N N 99  
FMN "O5'"  O N N 100 
FMN P      P N N 101 
FMN O1P    O N N 102 
FMN O2P    O N N 103 
FMN O3P    O N N 104 
FMN HN3    H N N 105 
FMN H6     H N N 106 
FMN HM71   H N N 107 
FMN HM72   H N N 108 
FMN HM73   H N N 109 
FMN HM81   H N N 110 
FMN HM82   H N N 111 
FMN HM83   H N N 112 
FMN H9     H N N 113 
FMN "H1'1" H N N 114 
FMN "H1'2" H N N 115 
FMN "H2'"  H N N 116 
FMN "HO2'" H N N 117 
FMN "H3'"  H N N 118 
FMN "HO3'" H N N 119 
FMN "H4'"  H N N 120 
FMN "HO4'" H N N 121 
FMN "H5'1" H N N 122 
FMN "H5'2" H N N 123 
FMN HOP2   H N N 124 
FMN HOP3   H N N 125 
GLN N      N N N 126 
GLN CA     C N S 127 
GLN C      C N N 128 
GLN O      O N N 129 
GLN CB     C N N 130 
GLN CG     C N N 131 
GLN CD     C N N 132 
GLN OE1    O N N 133 
GLN NE2    N N N 134 
GLN OXT    O N N 135 
GLN H      H N N 136 
GLN H2     H N N 137 
GLN HA     H N N 138 
GLN HB2    H N N 139 
GLN HB3    H N N 140 
GLN HG2    H N N 141 
GLN HG3    H N N 142 
GLN HE21   H N N 143 
GLN HE22   H N N 144 
GLN HXT    H N N 145 
GLU N      N N N 146 
GLU CA     C N S 147 
GLU C      C N N 148 
GLU O      O N N 149 
GLU CB     C N N 150 
GLU CG     C N N 151 
GLU CD     C N N 152 
GLU OE1    O N N 153 
GLU OE2    O N N 154 
GLU OXT    O N N 155 
GLU H      H N N 156 
GLU H2     H N N 157 
GLU HA     H N N 158 
GLU HB2    H N N 159 
GLU HB3    H N N 160 
GLU HG2    H N N 161 
GLU HG3    H N N 162 
GLU HE2    H N N 163 
GLU HXT    H N N 164 
GLY N      N N N 165 
GLY CA     C N N 166 
GLY C      C N N 167 
GLY O      O N N 168 
GLY OXT    O N N 169 
GLY H      H N N 170 
GLY H2     H N N 171 
GLY HA2    H N N 172 
GLY HA3    H N N 173 
GLY HXT    H N N 174 
HIS N      N N N 175 
HIS CA     C N S 176 
HIS C      C N N 177 
HIS O      O N N 178 
HIS CB     C N N 179 
HIS CG     C Y N 180 
HIS ND1    N Y N 181 
HIS CD2    C Y N 182 
HIS CE1    C Y N 183 
HIS NE2    N Y N 184 
HIS OXT    O N N 185 
HIS H      H N N 186 
HIS H2     H N N 187 
HIS HA     H N N 188 
HIS HB2    H N N 189 
HIS HB3    H N N 190 
HIS HD1    H N N 191 
HIS HD2    H N N 192 
HIS HE1    H N N 193 
HIS HE2    H N N 194 
HIS HXT    H N N 195 
HOH O      O N N 196 
HOH H1     H N N 197 
HOH H2     H N N 198 
ILE N      N N N 199 
ILE CA     C N S 200 
ILE C      C N N 201 
ILE O      O N N 202 
ILE CB     C N S 203 
ILE CG1    C N N 204 
ILE CG2    C N N 205 
ILE CD1    C N N 206 
ILE OXT    O N N 207 
ILE H      H N N 208 
ILE H2     H N N 209 
ILE HA     H N N 210 
ILE HB     H N N 211 
ILE HG12   H N N 212 
ILE HG13   H N N 213 
ILE HG21   H N N 214 
ILE HG22   H N N 215 
ILE HG23   H N N 216 
ILE HD11   H N N 217 
ILE HD12   H N N 218 
ILE HD13   H N N 219 
ILE HXT    H N N 220 
IOD I      I N N 221 
LEU N      N N N 222 
LEU CA     C N S 223 
LEU C      C N N 224 
LEU O      O N N 225 
LEU CB     C N N 226 
LEU CG     C N N 227 
LEU CD1    C N N 228 
LEU CD2    C N N 229 
LEU OXT    O N N 230 
LEU H      H N N 231 
LEU H2     H N N 232 
LEU HA     H N N 233 
LEU HB2    H N N 234 
LEU HB3    H N N 235 
LEU HG     H N N 236 
LEU HD11   H N N 237 
LEU HD12   H N N 238 
LEU HD13   H N N 239 
LEU HD21   H N N 240 
LEU HD22   H N N 241 
LEU HD23   H N N 242 
LEU HXT    H N N 243 
LYS N      N N N 244 
LYS CA     C N S 245 
LYS C      C N N 246 
LYS O      O N N 247 
LYS CB     C N N 248 
LYS CG     C N N 249 
LYS CD     C N N 250 
LYS CE     C N N 251 
LYS NZ     N N N 252 
LYS OXT    O N N 253 
LYS H      H N N 254 
LYS H2     H N N 255 
LYS HA     H N N 256 
LYS HB2    H N N 257 
LYS HB3    H N N 258 
LYS HG2    H N N 259 
LYS HG3    H N N 260 
LYS HD2    H N N 261 
LYS HD3    H N N 262 
LYS HE2    H N N 263 
LYS HE3    H N N 264 
LYS HZ1    H N N 265 
LYS HZ2    H N N 266 
LYS HZ3    H N N 267 
LYS HXT    H N N 268 
MET N      N N N 269 
MET CA     C N S 270 
MET C      C N N 271 
MET O      O N N 272 
MET CB     C N N 273 
MET CG     C N N 274 
MET SD     S N N 275 
MET CE     C N N 276 
MET OXT    O N N 277 
MET H      H N N 278 
MET H2     H N N 279 
MET HA     H N N 280 
MET HB2    H N N 281 
MET HB3    H N N 282 
MET HG2    H N N 283 
MET HG3    H N N 284 
MET HE1    H N N 285 
MET HE2    H N N 286 
MET HE3    H N N 287 
MET HXT    H N N 288 
PHE N      N N N 289 
PHE CA     C N S 290 
PHE C      C N N 291 
PHE O      O N N 292 
PHE CB     C N N 293 
PHE CG     C Y N 294 
PHE CD1    C Y N 295 
PHE CD2    C Y N 296 
PHE CE1    C Y N 297 
PHE CE2    C Y N 298 
PHE CZ     C Y N 299 
PHE OXT    O N N 300 
PHE H      H N N 301 
PHE H2     H N N 302 
PHE HA     H N N 303 
PHE HB2    H N N 304 
PHE HB3    H N N 305 
PHE HD1    H N N 306 
PHE HD2    H N N 307 
PHE HE1    H N N 308 
PHE HE2    H N N 309 
PHE HZ     H N N 310 
PHE HXT    H N N 311 
PRO N      N N N 312 
PRO CA     C N S 313 
PRO C      C N N 314 
PRO O      O N N 315 
PRO CB     C N N 316 
PRO CG     C N N 317 
PRO CD     C N N 318 
PRO OXT    O N N 319 
PRO H      H N N 320 
PRO HA     H N N 321 
PRO HB2    H N N 322 
PRO HB3    H N N 323 
PRO HG2    H N N 324 
PRO HG3    H N N 325 
PRO HD2    H N N 326 
PRO HD3    H N N 327 
PRO HXT    H N N 328 
SER N      N N N 329 
SER CA     C N S 330 
SER C      C N N 331 
SER O      O N N 332 
SER CB     C N N 333 
SER OG     O N N 334 
SER OXT    O N N 335 
SER H      H N N 336 
SER H2     H N N 337 
SER HA     H N N 338 
SER HB2    H N N 339 
SER HB3    H N N 340 
SER HG     H N N 341 
SER HXT    H N N 342 
THR N      N N N 343 
THR CA     C N S 344 
THR C      C N N 345 
THR O      O N N 346 
THR CB     C N R 347 
THR OG1    O N N 348 
THR CG2    C N N 349 
THR OXT    O N N 350 
THR H      H N N 351 
THR H2     H N N 352 
THR HA     H N N 353 
THR HB     H N N 354 
THR HG1    H N N 355 
THR HG21   H N N 356 
THR HG22   H N N 357 
THR HG23   H N N 358 
THR HXT    H N N 359 
TRP N      N N N 360 
TRP CA     C N S 361 
TRP C      C N N 362 
TRP O      O N N 363 
TRP CB     C N N 364 
TRP CG     C Y N 365 
TRP CD1    C Y N 366 
TRP CD2    C Y N 367 
TRP NE1    N Y N 368 
TRP CE2    C Y N 369 
TRP CE3    C Y N 370 
TRP CZ2    C Y N 371 
TRP CZ3    C Y N 372 
TRP CH2    C Y N 373 
TRP OXT    O N N 374 
TRP H      H N N 375 
TRP H2     H N N 376 
TRP HA     H N N 377 
TRP HB2    H N N 378 
TRP HB3    H N N 379 
TRP HD1    H N N 380 
TRP HE1    H N N 381 
TRP HE3    H N N 382 
TRP HZ2    H N N 383 
TRP HZ3    H N N 384 
TRP HH2    H N N 385 
TRP HXT    H N N 386 
TYR N      N N N 387 
TYR CA     C N S 388 
TYR C      C N N 389 
TYR O      O N N 390 
TYR CB     C N N 391 
TYR CG     C Y N 392 
TYR CD1    C Y N 393 
TYR CD2    C Y N 394 
TYR CE1    C Y N 395 
TYR CE2    C Y N 396 
TYR CZ     C Y N 397 
TYR OH     O N N 398 
TYR OXT    O N N 399 
TYR H      H N N 400 
TYR H2     H N N 401 
TYR HA     H N N 402 
TYR HB2    H N N 403 
TYR HB3    H N N 404 
TYR HD1    H N N 405 
TYR HD2    H N N 406 
TYR HE1    H N N 407 
TYR HE2    H N N 408 
TYR HH     H N N 409 
TYR HXT    H N N 410 
VAL N      N N N 411 
VAL CA     C N S 412 
VAL C      C N N 413 
VAL O      O N N 414 
VAL CB     C N N 415 
VAL CG1    C N N 416 
VAL CG2    C N N 417 
VAL OXT    O N N 418 
VAL H      H N N 419 
VAL H2     H N N 420 
VAL HA     H N N 421 
VAL HB     H N N 422 
VAL HG11   H N N 423 
VAL HG12   H N N 424 
VAL HG13   H N N 425 
VAL HG21   H N N 426 
VAL HG22   H N N 427 
VAL HG23   H N N 428 
VAL HXT    H N N 429 
# 
loop_
_chem_comp_bond.comp_id 
_chem_comp_bond.atom_id_1 
_chem_comp_bond.atom_id_2 
_chem_comp_bond.value_order 
_chem_comp_bond.pdbx_aromatic_flag 
_chem_comp_bond.pdbx_stereo_config 
_chem_comp_bond.pdbx_ordinal 
ALA N     CA     sing N N 1   
ALA N     H      sing N N 2   
ALA N     H2     sing N N 3   
ALA CA    C      sing N N 4   
ALA CA    CB     sing N N 5   
ALA CA    HA     sing N N 6   
ALA C     O      doub N N 7   
ALA C     OXT    sing N N 8   
ALA CB    HB1    sing N N 9   
ALA CB    HB2    sing N N 10  
ALA CB    HB3    sing N N 11  
ALA OXT   HXT    sing N N 12  
ARG N     CA     sing N N 13  
ARG N     H      sing N N 14  
ARG N     H2     sing N N 15  
ARG CA    C      sing N N 16  
ARG CA    CB     sing N N 17  
ARG CA    HA     sing N N 18  
ARG C     O      doub N N 19  
ARG C     OXT    sing N N 20  
ARG CB    CG     sing N N 21  
ARG CB    HB2    sing N N 22  
ARG CB    HB3    sing N N 23  
ARG CG    CD     sing N N 24  
ARG CG    HG2    sing N N 25  
ARG CG    HG3    sing N N 26  
ARG CD    NE     sing N N 27  
ARG CD    HD2    sing N N 28  
ARG CD    HD3    sing N N 29  
ARG NE    CZ     sing N N 30  
ARG NE    HE     sing N N 31  
ARG CZ    NH1    sing N N 32  
ARG CZ    NH2    doub N N 33  
ARG NH1   HH11   sing N N 34  
ARG NH1   HH12   sing N N 35  
ARG NH2   HH21   sing N N 36  
ARG NH2   HH22   sing N N 37  
ARG OXT   HXT    sing N N 38  
ASN N     CA     sing N N 39  
ASN N     H      sing N N 40  
ASN N     H2     sing N N 41  
ASN CA    C      sing N N 42  
ASN CA    CB     sing N N 43  
ASN CA    HA     sing N N 44  
ASN C     O      doub N N 45  
ASN C     OXT    sing N N 46  
ASN CB    CG     sing N N 47  
ASN CB    HB2    sing N N 48  
ASN CB    HB3    sing N N 49  
ASN CG    OD1    doub N N 50  
ASN CG    ND2    sing N N 51  
ASN ND2   HD21   sing N N 52  
ASN ND2   HD22   sing N N 53  
ASN OXT   HXT    sing N N 54  
ASP N     CA     sing N N 55  
ASP N     H      sing N N 56  
ASP N     H2     sing N N 57  
ASP CA    C      sing N N 58  
ASP CA    CB     sing N N 59  
ASP CA    HA     sing N N 60  
ASP C     O      doub N N 61  
ASP C     OXT    sing N N 62  
ASP CB    CG     sing N N 63  
ASP CB    HB2    sing N N 64  
ASP CB    HB3    sing N N 65  
ASP CG    OD1    doub N N 66  
ASP CG    OD2    sing N N 67  
ASP OD2   HD2    sing N N 68  
ASP OXT   HXT    sing N N 69  
FMN N1    C2     sing N N 70  
FMN N1    C10    doub N N 71  
FMN C2    O2     doub N N 72  
FMN C2    N3     sing N N 73  
FMN N3    C4     sing N N 74  
FMN N3    HN3    sing N N 75  
FMN C4    O4     doub N N 76  
FMN C4    C4A    sing N N 77  
FMN C4A   N5     doub N N 78  
FMN C4A   C10    sing N N 79  
FMN N5    C5A    sing N N 80  
FMN C5A   C6     doub Y N 81  
FMN C5A   C9A    sing Y N 82  
FMN C6    C7     sing Y N 83  
FMN C6    H6     sing N N 84  
FMN C7    C7M    sing N N 85  
FMN C7    C8     doub Y N 86  
FMN C7M   HM71   sing N N 87  
FMN C7M   HM72   sing N N 88  
FMN C7M   HM73   sing N N 89  
FMN C8    C8M    sing N N 90  
FMN C8    C9     sing Y N 91  
FMN C8M   HM81   sing N N 92  
FMN C8M   HM82   sing N N 93  
FMN C8M   HM83   sing N N 94  
FMN C9    C9A    doub Y N 95  
FMN C9    H9     sing N N 96  
FMN C9A   N10    sing N N 97  
FMN N10   C10    sing N N 98  
FMN N10   "C1'"  sing N N 99  
FMN "C1'" "C2'"  sing N N 100 
FMN "C1'" "H1'1" sing N N 101 
FMN "C1'" "H1'2" sing N N 102 
FMN "C2'" "O2'"  sing N N 103 
FMN "C2'" "C3'"  sing N N 104 
FMN "C2'" "H2'"  sing N N 105 
FMN "O2'" "HO2'" sing N N 106 
FMN "C3'" "O3'"  sing N N 107 
FMN "C3'" "C4'"  sing N N 108 
FMN "C3'" "H3'"  sing N N 109 
FMN "O3'" "HO3'" sing N N 110 
FMN "C4'" "O4'"  sing N N 111 
FMN "C4'" "C5'"  sing N N 112 
FMN "C4'" "H4'"  sing N N 113 
FMN "O4'" "HO4'" sing N N 114 
FMN "C5'" "O5'"  sing N N 115 
FMN "C5'" "H5'1" sing N N 116 
FMN "C5'" "H5'2" sing N N 117 
FMN "O5'" P      sing N N 118 
FMN P     O1P    doub N N 119 
FMN P     O2P    sing N N 120 
FMN P     O3P    sing N N 121 
FMN O2P   HOP2   sing N N 122 
FMN O3P   HOP3   sing N N 123 
GLN N     CA     sing N N 124 
GLN N     H      sing N N 125 
GLN N     H2     sing N N 126 
GLN CA    C      sing N N 127 
GLN CA    CB     sing N N 128 
GLN CA    HA     sing N N 129 
GLN C     O      doub N N 130 
GLN C     OXT    sing N N 131 
GLN CB    CG     sing N N 132 
GLN CB    HB2    sing N N 133 
GLN CB    HB3    sing N N 134 
GLN CG    CD     sing N N 135 
GLN CG    HG2    sing N N 136 
GLN CG    HG3    sing N N 137 
GLN CD    OE1    doub N N 138 
GLN CD    NE2    sing N N 139 
GLN NE2   HE21   sing N N 140 
GLN NE2   HE22   sing N N 141 
GLN OXT   HXT    sing N N 142 
GLU N     CA     sing N N 143 
GLU N     H      sing N N 144 
GLU N     H2     sing N N 145 
GLU CA    C      sing N N 146 
GLU CA    CB     sing N N 147 
GLU CA    HA     sing N N 148 
GLU C     O      doub N N 149 
GLU C     OXT    sing N N 150 
GLU CB    CG     sing N N 151 
GLU CB    HB2    sing N N 152 
GLU CB    HB3    sing N N 153 
GLU CG    CD     sing N N 154 
GLU CG    HG2    sing N N 155 
GLU CG    HG3    sing N N 156 
GLU CD    OE1    doub N N 157 
GLU CD    OE2    sing N N 158 
GLU OE2   HE2    sing N N 159 
GLU OXT   HXT    sing N N 160 
GLY N     CA     sing N N 161 
GLY N     H      sing N N 162 
GLY N     H2     sing N N 163 
GLY CA    C      sing N N 164 
GLY CA    HA2    sing N N 165 
GLY CA    HA3    sing N N 166 
GLY C     O      doub N N 167 
GLY C     OXT    sing N N 168 
GLY OXT   HXT    sing N N 169 
HIS N     CA     sing N N 170 
HIS N     H      sing N N 171 
HIS N     H2     sing N N 172 
HIS CA    C      sing N N 173 
HIS CA    CB     sing N N 174 
HIS CA    HA     sing N N 175 
HIS C     O      doub N N 176 
HIS C     OXT    sing N N 177 
HIS CB    CG     sing N N 178 
HIS CB    HB2    sing N N 179 
HIS CB    HB3    sing N N 180 
HIS CG    ND1    sing Y N 181 
HIS CG    CD2    doub Y N 182 
HIS ND1   CE1    doub Y N 183 
HIS ND1   HD1    sing N N 184 
HIS CD2   NE2    sing Y N 185 
HIS CD2   HD2    sing N N 186 
HIS CE1   NE2    sing Y N 187 
HIS CE1   HE1    sing N N 188 
HIS NE2   HE2    sing N N 189 
HIS OXT   HXT    sing N N 190 
HOH O     H1     sing N N 191 
HOH O     H2     sing N N 192 
ILE N     CA     sing N N 193 
ILE N     H      sing N N 194 
ILE N     H2     sing N N 195 
ILE CA    C      sing N N 196 
ILE CA    CB     sing N N 197 
ILE CA    HA     sing N N 198 
ILE C     O      doub N N 199 
ILE C     OXT    sing N N 200 
ILE CB    CG1    sing N N 201 
ILE CB    CG2    sing N N 202 
ILE CB    HB     sing N N 203 
ILE CG1   CD1    sing N N 204 
ILE CG1   HG12   sing N N 205 
ILE CG1   HG13   sing N N 206 
ILE CG2   HG21   sing N N 207 
ILE CG2   HG22   sing N N 208 
ILE CG2   HG23   sing N N 209 
ILE CD1   HD11   sing N N 210 
ILE CD1   HD12   sing N N 211 
ILE CD1   HD13   sing N N 212 
ILE OXT   HXT    sing N N 213 
LEU N     CA     sing N N 214 
LEU N     H      sing N N 215 
LEU N     H2     sing N N 216 
LEU CA    C      sing N N 217 
LEU CA    CB     sing N N 218 
LEU CA    HA     sing N N 219 
LEU C     O      doub N N 220 
LEU C     OXT    sing N N 221 
LEU CB    CG     sing N N 222 
LEU CB    HB2    sing N N 223 
LEU CB    HB3    sing N N 224 
LEU CG    CD1    sing N N 225 
LEU CG    CD2    sing N N 226 
LEU CG    HG     sing N N 227 
LEU CD1   HD11   sing N N 228 
LEU CD1   HD12   sing N N 229 
LEU CD1   HD13   sing N N 230 
LEU CD2   HD21   sing N N 231 
LEU CD2   HD22   sing N N 232 
LEU CD2   HD23   sing N N 233 
LEU OXT   HXT    sing N N 234 
LYS N     CA     sing N N 235 
LYS N     H      sing N N 236 
LYS N     H2     sing N N 237 
LYS CA    C      sing N N 238 
LYS CA    CB     sing N N 239 
LYS CA    HA     sing N N 240 
LYS C     O      doub N N 241 
LYS C     OXT    sing N N 242 
LYS CB    CG     sing N N 243 
LYS CB    HB2    sing N N 244 
LYS CB    HB3    sing N N 245 
LYS CG    CD     sing N N 246 
LYS CG    HG2    sing N N 247 
LYS CG    HG3    sing N N 248 
LYS CD    CE     sing N N 249 
LYS CD    HD2    sing N N 250 
LYS CD    HD3    sing N N 251 
LYS CE    NZ     sing N N 252 
LYS CE    HE2    sing N N 253 
LYS CE    HE3    sing N N 254 
LYS NZ    HZ1    sing N N 255 
LYS NZ    HZ2    sing N N 256 
LYS NZ    HZ3    sing N N 257 
LYS OXT   HXT    sing N N 258 
MET N     CA     sing N N 259 
MET N     H      sing N N 260 
MET N     H2     sing N N 261 
MET CA    C      sing N N 262 
MET CA    CB     sing N N 263 
MET CA    HA     sing N N 264 
MET C     O      doub N N 265 
MET C     OXT    sing N N 266 
MET CB    CG     sing N N 267 
MET CB    HB2    sing N N 268 
MET CB    HB3    sing N N 269 
MET CG    SD     sing N N 270 
MET CG    HG2    sing N N 271 
MET CG    HG3    sing N N 272 
MET SD    CE     sing N N 273 
MET CE    HE1    sing N N 274 
MET CE    HE2    sing N N 275 
MET CE    HE3    sing N N 276 
MET OXT   HXT    sing N N 277 
PHE N     CA     sing N N 278 
PHE N     H      sing N N 279 
PHE N     H2     sing N N 280 
PHE CA    C      sing N N 281 
PHE CA    CB     sing N N 282 
PHE CA    HA     sing N N 283 
PHE C     O      doub N N 284 
PHE C     OXT    sing N N 285 
PHE CB    CG     sing N N 286 
PHE CB    HB2    sing N N 287 
PHE CB    HB3    sing N N 288 
PHE CG    CD1    doub Y N 289 
PHE CG    CD2    sing Y N 290 
PHE CD1   CE1    sing Y N 291 
PHE CD1   HD1    sing N N 292 
PHE CD2   CE2    doub Y N 293 
PHE CD2   HD2    sing N N 294 
PHE CE1   CZ     doub Y N 295 
PHE CE1   HE1    sing N N 296 
PHE CE2   CZ     sing Y N 297 
PHE CE2   HE2    sing N N 298 
PHE CZ    HZ     sing N N 299 
PHE OXT   HXT    sing N N 300 
PRO N     CA     sing N N 301 
PRO N     CD     sing N N 302 
PRO N     H      sing N N 303 
PRO CA    C      sing N N 304 
PRO CA    CB     sing N N 305 
PRO CA    HA     sing N N 306 
PRO C     O      doub N N 307 
PRO C     OXT    sing N N 308 
PRO CB    CG     sing N N 309 
PRO CB    HB2    sing N N 310 
PRO CB    HB3    sing N N 311 
PRO CG    CD     sing N N 312 
PRO CG    HG2    sing N N 313 
PRO CG    HG3    sing N N 314 
PRO CD    HD2    sing N N 315 
PRO CD    HD3    sing N N 316 
PRO OXT   HXT    sing N N 317 
SER N     CA     sing N N 318 
SER N     H      sing N N 319 
SER N     H2     sing N N 320 
SER CA    C      sing N N 321 
SER CA    CB     sing N N 322 
SER CA    HA     sing N N 323 
SER C     O      doub N N 324 
SER C     OXT    sing N N 325 
SER CB    OG     sing N N 326 
SER CB    HB2    sing N N 327 
SER CB    HB3    sing N N 328 
SER OG    HG     sing N N 329 
SER OXT   HXT    sing N N 330 
THR N     CA     sing N N 331 
THR N     H      sing N N 332 
THR N     H2     sing N N 333 
THR CA    C      sing N N 334 
THR CA    CB     sing N N 335 
THR CA    HA     sing N N 336 
THR C     O      doub N N 337 
THR C     OXT    sing N N 338 
THR CB    OG1    sing N N 339 
THR CB    CG2    sing N N 340 
THR CB    HB     sing N N 341 
THR OG1   HG1    sing N N 342 
THR CG2   HG21   sing N N 343 
THR CG2   HG22   sing N N 344 
THR CG2   HG23   sing N N 345 
THR OXT   HXT    sing N N 346 
TRP N     CA     sing N N 347 
TRP N     H      sing N N 348 
TRP N     H2     sing N N 349 
TRP CA    C      sing N N 350 
TRP CA    CB     sing N N 351 
TRP CA    HA     sing N N 352 
TRP C     O      doub N N 353 
TRP C     OXT    sing N N 354 
TRP CB    CG     sing N N 355 
TRP CB    HB2    sing N N 356 
TRP CB    HB3    sing N N 357 
TRP CG    CD1    doub Y N 358 
TRP CG    CD2    sing Y N 359 
TRP CD1   NE1    sing Y N 360 
TRP CD1   HD1    sing N N 361 
TRP CD2   CE2    doub Y N 362 
TRP CD2   CE3    sing Y N 363 
TRP NE1   CE2    sing Y N 364 
TRP NE1   HE1    sing N N 365 
TRP CE2   CZ2    sing Y N 366 
TRP CE3   CZ3    doub Y N 367 
TRP CE3   HE3    sing N N 368 
TRP CZ2   CH2    doub Y N 369 
TRP CZ2   HZ2    sing N N 370 
TRP CZ3   CH2    sing Y N 371 
TRP CZ3   HZ3    sing N N 372 
TRP CH2   HH2    sing N N 373 
TRP OXT   HXT    sing N N 374 
TYR N     CA     sing N N 375 
TYR N     H      sing N N 376 
TYR N     H2     sing N N 377 
TYR CA    C      sing N N 378 
TYR CA    CB     sing N N 379 
TYR CA    HA     sing N N 380 
TYR C     O      doub N N 381 
TYR C     OXT    sing N N 382 
TYR CB    CG     sing N N 383 
TYR CB    HB2    sing N N 384 
TYR CB    HB3    sing N N 385 
TYR CG    CD1    doub Y N 386 
TYR CG    CD2    sing Y N 387 
TYR CD1   CE1    sing Y N 388 
TYR CD1   HD1    sing N N 389 
TYR CD2   CE2    doub Y N 390 
TYR CD2   HD2    sing N N 391 
TYR CE1   CZ     doub Y N 392 
TYR CE1   HE1    sing N N 393 
TYR CE2   CZ     sing Y N 394 
TYR CE2   HE2    sing N N 395 
TYR CZ    OH     sing N N 396 
TYR OH    HH     sing N N 397 
TYR OXT   HXT    sing N N 398 
VAL N     CA     sing N N 399 
VAL N     H      sing N N 400 
VAL N     H2     sing N N 401 
VAL CA    C      sing N N 402 
VAL CA    CB     sing N N 403 
VAL CA    HA     sing N N 404 
VAL C     O      doub N N 405 
VAL C     OXT    sing N N 406 
VAL CB    CG1    sing N N 407 
VAL CB    CG2    sing N N 408 
VAL CB    HB     sing N N 409 
VAL CG1   HG11   sing N N 410 
VAL CG1   HG12   sing N N 411 
VAL CG1   HG13   sing N N 412 
VAL CG2   HG21   sing N N 413 
VAL CG2   HG22   sing N N 414 
VAL CG2   HG23   sing N N 415 
VAL OXT   HXT    sing N N 416 
# 
_atom_sites.entry_id                    1RLJ 
_atom_sites.fract_transf_matrix[1][1]   0.01339706 
_atom_sites.fract_transf_matrix[1][2]   0.00200552 
_atom_sites.fract_transf_matrix[1][3]   -0.00015355 
_atom_sites.fract_transf_matrix[2][1]   0.00757338 
_atom_sites.fract_transf_matrix[2][2]   -0.00557983 
_atom_sites.fract_transf_matrix[2][3]   -0.00974836 
_atom_sites.fract_transf_matrix[3][1]   -0.00214033 
_atom_sites.fract_transf_matrix[3][2]   0.01357536 
_atom_sites.fract_transf_matrix[3][3]   -0.00943315 
_atom_sites.fract_transf_vector[1]      0.442221 
_atom_sites.fract_transf_vector[2]      0.188678 
_atom_sites.fract_transf_vector[3]      0.257355 
# 
loop_
_atom_type.symbol 
C 
I 
N 
O 
P 
S 
# 
loop_
_atom_site.group_PDB 
_atom_site.id 
_atom_site.type_symbol 
_atom_site.label_atom_id 
_atom_site.label_alt_id 
_atom_site.label_comp_id 
_atom_site.label_asym_id 
_atom_site.label_entity_id 
_atom_site.label_seq_id 
_atom_site.pdbx_PDB_ins_code 
_atom_site.Cartn_x 
_atom_site.Cartn_y 
_atom_site.Cartn_z 
_atom_site.occupancy 
_atom_site.B_iso_or_equiv 
_atom_site.pdbx_formal_charge 
_atom_site.auth_seq_id 
_atom_site.auth_comp_id 
_atom_site.auth_asym_id 
_atom_site.auth_atom_id 
_atom_site.pdbx_PDB_model_num 
ATOM   1    N N     . GLU A 1 1   ? 7.171   13.400  11.306  1.00 26.93 ? -9  GLU A N     1 
ATOM   2    C CA    . GLU A 1 1   ? 7.424   11.931  11.264  1.00 26.60 ? -9  GLU A CA    1 
ATOM   3    C C     . GLU A 1 1   ? 6.866   11.212  12.493  1.00 24.63 ? -9  GLU A C     1 
ATOM   4    O O     . GLU A 1 1   ? 7.007   11.676  13.628  1.00 26.83 ? -9  GLU A O     1 
ATOM   5    C CB    . GLU A 1 1   ? 8.925   11.659  11.116  1.00 29.01 ? -9  GLU A CB    1 
ATOM   6    C CG    . GLU A 1 1   ? 9.438   10.441  11.869  1.00 35.11 ? -9  GLU A CG    1 
ATOM   7    C CD    . GLU A 1 1   ? 9.871   10.768  13.300  1.00 40.80 ? -9  GLU A CD    1 
ATOM   8    O OE1   . GLU A 1 1   ? 11.002  11.279  13.493  1.00 42.08 ? -9  GLU A OE1   1 
ATOM   9    O OE2   . GLU A 1 1   ? 9.077   10.521  14.239  1.00 45.03 ? -9  GLU A OE2   1 
ATOM   10   N N     . ASN A 1 2   ? 6.210   10.082  12.249  1.00 20.16 ? -8  ASN A N     1 
ATOM   11   C CA    . ASN A 1 2   ? 5.631   9.278   13.317  1.00 15.96 ? -8  ASN A CA    1 
ATOM   12   C C     . ASN A 1 2   ? 6.350   7.943   13.362  1.00 14.44 ? -8  ASN A C     1 
ATOM   13   O O     . ASN A 1 2   ? 5.734   6.882   13.364  1.00 13.12 ? -8  ASN A O     1 
ATOM   14   C CB    . ASN A 1 2   ? 4.132   9.067   13.083  1.00 14.24 ? -8  ASN A CB    1 
ATOM   15   C CG    . ASN A 1 2   ? 3.824   8.410   11.745  1.00 14.05 ? -8  ASN A CG    1 
ATOM   16   O OD1   . ASN A 1 2   ? 2.678   8.033   11.487  1.00 16.36 ? -8  ASN A OD1   1 
ATOM   17   N ND2   . ASN A 1 2   ? 4.832   8.277   10.886  1.00 11.36 ? -8  ASN A ND2   1 
ATOM   18   N N     . LEU A 1 3   ? 7.675   8.017   13.402  1.00 14.08 ? -7  LEU A N     1 
ATOM   19   C CA    . LEU A 1 3   ? 8.524   6.837   13.442  1.00 14.81 ? -7  LEU A CA    1 
ATOM   20   C C     . LEU A 1 3   ? 8.216   5.948   14.645  1.00 14.23 ? -7  LEU A C     1 
ATOM   21   O O     . LEU A 1 3   ? 8.285   4.718   14.553  1.00 14.18 ? -7  LEU A O     1 
ATOM   22   C CB    . LEU A 1 3   ? 9.988   7.276   13.460  1.00 15.68 ? -7  LEU A CB    1 
ATOM   23   C CG    . LEU A 1 3   ? 11.065  6.228   13.201  1.00 16.93 ? -7  LEU A CG    1 
ATOM   24   C CD1   . LEU A 1 3   ? 10.695  5.332   12.018  1.00 15.10 ? -7  LEU A CD1   1 
ATOM   25   C CD2   . LEU A 1 3   ? 12.376  6.969   12.943  1.00 16.34 ? -7  LEU A CD2   1 
ATOM   26   N N     . TYR A 1 4   ? 7.873   6.563   15.774  1.00 12.75 ? -6  TYR A N     1 
ATOM   27   C CA    . TYR A 1 4   ? 7.547   5.790   16.967  1.00 11.37 ? -6  TYR A CA    1 
ATOM   28   C C     . TYR A 1 4   ? 6.340   4.887   16.698  1.00 10.90 ? -6  TYR A C     1 
ATOM   29   O O     . TYR A 1 4   ? 6.341   3.706   17.058  1.00 11.55 ? -6  TYR A O     1 
ATOM   30   C CB    . TYR A 1 4   ? 7.268   6.727   18.150  1.00 10.87 ? -6  TYR A CB    1 
ATOM   31   C CG    . TYR A 1 4   ? 6.896   5.981   19.406  1.00 11.60 ? -6  TYR A CG    1 
ATOM   32   C CD1   . TYR A 1 4   ? 5.557   5.698   19.705  1.00 10.45 ? -6  TYR A CD1   1 
ATOM   33   C CD2   . TYR A 1 4   ? 7.887   5.497   20.266  1.00 11.51 ? -6  TYR A CD2   1 
ATOM   34   C CE1   . TYR A 1 4   ? 5.215   4.947   20.826  1.00 11.05 ? -6  TYR A CE1   1 
ATOM   35   C CE2   . TYR A 1 4   ? 7.558   4.743   21.390  1.00 12.78 ? -6  TYR A CE2   1 
ATOM   36   C CZ    . TYR A 1 4   ? 6.221   4.470   21.664  1.00 13.83 ? -6  TYR A CZ    1 
ATOM   37   O OH    . TYR A 1 4   ? 5.893   3.717   22.772  1.00 15.25 ? -6  TYR A OH    1 
ATOM   38   N N     . PHE A 1 5   ? 5.309   5.440   16.068  1.00 11.27 ? -5  PHE A N     1 
ATOM   39   C CA    . PHE A 1 5   ? 4.122   4.658   15.742  1.00 11.27 ? -5  PHE A CA    1 
ATOM   40   C C     . PHE A 1 5   ? 4.477   3.572   14.728  1.00 12.31 ? -5  PHE A C     1 
ATOM   41   O O     . PHE A 1 5   ? 4.106   2.407   14.900  1.00 12.75 ? -5  PHE A O     1 
ATOM   42   C CB    . PHE A 1 5   ? 3.013   5.559   15.171  1.00 10.88 ? -5  PHE A CB    1 
ATOM   43   C CG    . PHE A 1 5   ? 1.953   4.806   14.401  1.00 11.18 ? -5  PHE A CG    1 
ATOM   44   C CD1   . PHE A 1 5   ? 2.028   4.687   13.017  1.00 10.98 ? -5  PHE A CD1   1 
ATOM   45   C CD2   . PHE A 1 5   ? 0.908   4.174   15.066  1.00 13.45 ? -5  PHE A CD2   1 
ATOM   46   C CE1   . PHE A 1 5   ? 1.083   3.948   12.306  1.00 12.06 ? -5  PHE A CE1   1 
ATOM   47   C CE2   . PHE A 1 5   ? -0.049  3.425   14.362  1.00 13.45 ? -5  PHE A CE2   1 
ATOM   48   C CZ    . PHE A 1 5   ? 0.040   3.312   12.982  1.00 13.23 ? -5  PHE A CZ    1 
ATOM   49   N N     . GLN A 1 6   ? 5.206   3.955   13.682  1.00 12.25 ? -4  GLN A N     1 
ATOM   50   C CA    . GLN A 1 6   ? 5.598   3.016   12.634  1.00 12.52 ? -4  GLN A CA    1 
ATOM   51   C C     . GLN A 1 6   ? 6.302   1.794   13.185  1.00 12.53 ? -4  GLN A C     1 
ATOM   52   O O     . GLN A 1 6   ? 5.960   0.663   12.849  1.00 14.05 ? -4  GLN A O     1 
ATOM   53   C CB    . GLN A 1 6   ? 6.535   3.685   11.625  1.00 12.86 ? -4  GLN A CB    1 
ATOM   54   C CG    . GLN A 1 6   ? 5.959   4.875   10.884  1.00 12.89 ? -4  GLN A CG    1 
ATOM   55   C CD    . GLN A 1 6   ? 6.989   5.539   9.984   1.00 13.17 ? -4  GLN A CD    1 
ATOM   56   O OE1   . GLN A 1 6   ? 7.035   6.766   9.873   1.00 14.90 ? -4  GLN A OE1   1 
ATOM   57   N NE2   . GLN A 1 6   ? 7.815   4.731   9.335   1.00 7.14  ? -4  GLN A NE2   1 
ATOM   58   N N     . SER A 1 7   ? 7.293   2.031   14.032  1.00 13.01 ? -3  SER A N     1 
ATOM   59   C CA    . SER A 1 7   ? 8.088   0.954   14.599  1.00 13.01 ? -3  SER A CA    1 
ATOM   60   C C     . SER A 1 7   ? 7.473   0.193   15.771  1.00 13.51 ? -3  SER A C     1 
ATOM   61   O O     . SER A 1 7   ? 7.911   -0.910  16.077  1.00 12.81 ? -3  SER A O     1 
ATOM   62   C CB    . SER A 1 7   ? 9.466   1.501   15.002  1.00 13.24 ? -3  SER A CB    1 
ATOM   63   O OG    . SER A 1 7   ? 9.363   2.541   15.959  1.00 12.56 ? -3  SER A OG    1 
ATOM   64   N N     . ASN A 1 8   ? 6.461   0.760   16.421  1.00 15.16 ? -2  ASN A N     1 
ATOM   65   C CA    . ASN A 1 8   ? 5.842   0.086   17.564  1.00 17.45 ? -2  ASN A CA    1 
ATOM   66   C C     . ASN A 1 8   ? 4.459   -0.526  17.315  1.00 19.80 ? -2  ASN A C     1 
ATOM   67   O O     . ASN A 1 8   ? 4.120   -1.563  17.892  1.00 19.07 ? -2  ASN A O     1 
ATOM   68   C CB    . ASN A 1 8   ? 5.783   1.045   18.760  1.00 16.44 ? -2  ASN A CB    1 
ATOM   69   C CG    . ASN A 1 8   ? 7.131   1.209   19.440  1.00 16.52 ? -2  ASN A CG    1 
ATOM   70   O OD1   . ASN A 1 8   ? 7.632   0.280   20.078  1.00 18.27 ? -2  ASN A OD1   1 
ATOM   71   N ND2   . ASN A 1 8   ? 7.731   2.385   19.296  1.00 15.30 ? -2  ASN A ND2   1 
ATOM   72   N N     . ALA A 1 9   ? 3.658   0.094   16.459  1.00 23.89 ? -1  ALA A N     1 
ATOM   73   C CA    . ALA A 1 9   ? 2.329   -0.441  16.180  1.00 26.57 ? -1  ALA A CA    1 
ATOM   74   C C     . ALA A 1 9   ? 2.424   -1.811  15.494  1.00 28.31 ? -1  ALA A C     1 
ATOM   75   O O     . ALA A 1 9   ? 3.428   -2.139  14.857  1.00 28.35 ? -1  ALA A O     1 
ATOM   76   C CB    . ALA A 1 9   ? 1.551   0.536   15.316  1.00 28.40 ? -1  ALA A CB    1 
ATOM   77   N N     . MET A 1 10  ? 1.377   -2.616  15.620  1.00 30.04 ? 1   MET A N     1 
ATOM   78   C CA    . MET A 1 10  ? 1.400   -3.943  15.010  1.00 31.15 ? 1   MET A CA    1 
ATOM   79   C C     . MET A 1 10  ? 0.875   -3.953  13.577  1.00 29.38 ? 1   MET A C     1 
ATOM   80   O O     . MET A 1 10  ? 0.735   -5.015  12.975  1.00 29.03 ? 1   MET A O     1 
ATOM   81   C CB    . MET A 1 10  ? 0.579   -4.930  15.856  1.00 34.13 ? 1   MET A CB    1 
ATOM   82   C CG    . MET A 1 10  ? 1.379   -6.106  16.449  1.00 36.68 ? 1   MET A CG    1 
ATOM   83   S SD    . MET A 1 10  ? 2.352   -5.701  17.923  1.00 36.02 ? 1   MET A SD    1 
ATOM   84   C CE    . MET A 1 10  ? 3.852   -5.014  17.177  1.00 39.11 ? 1   MET A CE    1 
ATOM   85   N N     . VAL A 1 11  ? 0.590   -2.778  13.023  1.00 29.14 ? 2   VAL A N     1 
ATOM   86   C CA    . VAL A 1 11  ? 0.059   -2.713  11.662  1.00 27.13 ? 2   VAL A CA    1 
ATOM   87   C C     . VAL A 1 11  ? 0.966   -3.428  10.661  1.00 26.26 ? 2   VAL A C     1 
ATOM   88   O O     . VAL A 1 11  ? 2.192   -3.281  10.671  1.00 24.35 ? 2   VAL A O     1 
ATOM   89   C CB    . VAL A 1 11  ? -0.181  -1.248  11.191  1.00 27.77 ? 2   VAL A CB    1 
ATOM   90   C CG1   . VAL A 1 11  ? 1.130   -0.556  10.924  1.00 26.27 ? 2   VAL A CG1   1 
ATOM   91   C CG2   . VAL A 1 11  ? -1.058  -1.245  9.942   1.00 27.39 ? 2   VAL A CG2   1 
ATOM   92   N N     . GLN A 1 12  ? 0.340   -4.210  9.796   1.00 24.14 ? 3   GLN A N     1 
ATOM   93   C CA    . GLN A 1 12  ? 1.068   -4.967  8.800   1.00 23.50 ? 3   GLN A CA    1 
ATOM   94   C C     . GLN A 1 12  ? 1.068   -4.305  7.429   1.00 21.08 ? 3   GLN A C     1 
ATOM   95   O O     . GLN A 1 12  ? 0.041   -3.816  6.953   1.00 19.68 ? 3   GLN A O     1 
ATOM   96   C CB    . GLN A 1 12  ? 0.472   -6.365  8.698   1.00 26.19 ? 3   GLN A CB    1 
ATOM   97   C CG    . GLN A 1 12  ? 1.191   -7.252  7.735   1.00 32.84 ? 3   GLN A CG    1 
ATOM   98   C CD    . GLN A 1 12  ? 0.984   -8.704  8.053   1.00 38.01 ? 3   GLN A CD    1 
ATOM   99   O OE1   . GLN A 1 12  ? -0.141  -9.210  8.011   1.00 40.64 ? 3   GLN A OE1   1 
ATOM   100  N NE2   . GLN A 1 12  ? 2.070   -9.392  8.386   1.00 41.88 ? 3   GLN A NE2   1 
ATOM   101  N N     . ILE A 1 13  ? 2.237   -4.296  6.799   1.00 19.00 ? 4   ILE A N     1 
ATOM   102  C CA    . ILE A 1 13  ? 2.384   -3.723  5.473   1.00 18.47 ? 4   ILE A CA    1 
ATOM   103  C C     . ILE A 1 13  ? 2.660   -4.871  4.505   1.00 18.32 ? 4   ILE A C     1 
ATOM   104  O O     . ILE A 1 13  ? 3.581   -5.659  4.715   1.00 18.43 ? 4   ILE A O     1 
ATOM   105  C CB    . ILE A 1 13  ? 3.581   -2.729  5.400   1.00 18.59 ? 4   ILE A CB    1 
ATOM   106  C CG1   . ILE A 1 13  ? 3.476   -1.662  6.499   1.00 17.14 ? 4   ILE A CG1   1 
ATOM   107  C CG2   . ILE A 1 13  ? 3.619   -2.065  4.025   1.00 18.76 ? 4   ILE A CG2   1 
ATOM   108  C CD1   . ILE A 1 13  ? 2.268   -0.751  6.388   1.00 15.92 ? 4   ILE A CD1   1 
ATOM   109  N N     . ILE A 1 14  ? 1.849   -4.981  3.462   1.00 18.27 ? 5   ILE A N     1 
ATOM   110  C CA    . ILE A 1 14  ? 2.050   -6.013  2.447   1.00 18.03 ? 5   ILE A CA    1 
ATOM   111  C C     . ILE A 1 14  ? 2.189   -5.260  1.130   1.00 17.96 ? 5   ILE A C     1 
ATOM   112  O O     . ILE A 1 14  ? 1.361   -4.395  0.811   1.00 18.15 ? 5   ILE A O     1 
ATOM   113  C CB    . ILE A 1 14  ? 0.858   -6.988  2.374   1.00 18.85 ? 5   ILE A CB    1 
ATOM   114  C CG1   . ILE A 1 14  ? 0.685   -7.692  3.725   1.00 20.05 ? 5   ILE A CG1   1 
ATOM   115  C CG2   . ILE A 1 14  ? 1.092   -8.020  1.270   1.00 17.98 ? 5   ILE A CG2   1 
ATOM   116  C CD1   . ILE A 1 14  ? -0.537  -8.596  3.800   1.00 20.00 ? 5   ILE A CD1   1 
ATOM   117  N N     . PHE A 1 15  ? 3.233   -5.581  0.371   1.00 15.84 ? 6   PHE A N     1 
ATOM   118  C CA    . PHE A 1 15  ? 3.484   -4.885  -0.882  1.00 16.62 ? 6   PHE A CA    1 
ATOM   119  C C     . PHE A 1 15  ? 3.729   -5.779  -2.091  1.00 17.77 ? 6   PHE A C     1 
ATOM   120  O O     . PHE A 1 15  ? 4.019   -6.970  -1.958  1.00 17.74 ? 6   PHE A O     1 
ATOM   121  C CB    . PHE A 1 15  ? 4.692   -3.958  -0.710  1.00 15.18 ? 6   PHE A CB    1 
ATOM   122  C CG    . PHE A 1 15  ? 6.013   -4.683  -0.668  1.00 15.77 ? 6   PHE A CG    1 
ATOM   123  C CD1   . PHE A 1 15  ? 6.739   -4.907  -1.840  1.00 15.42 ? 6   PHE A CD1   1 
ATOM   124  C CD2   . PHE A 1 15  ? 6.522   -5.164  0.538   1.00 14.94 ? 6   PHE A CD2   1 
ATOM   125  C CE1   . PHE A 1 15  ? 7.954   -5.597  -1.815  1.00 16.90 ? 6   PHE A CE1   1 
ATOM   126  C CE2   . PHE A 1 15  ? 7.737   -5.857  0.577   1.00 17.06 ? 6   PHE A CE2   1 
ATOM   127  C CZ    . PHE A 1 15  ? 8.456   -6.074  -0.603  1.00 16.93 ? 6   PHE A CZ    1 
ATOM   128  N N     . ASP A 1 16  ? 3.614   -5.168  -3.269  1.00 18.04 ? 7   ASP A N     1 
ATOM   129  C CA    . ASP A 1 16  ? 3.863   -5.835  -4.541  1.00 18.21 ? 7   ASP A CA    1 
ATOM   130  C C     . ASP A 1 16  ? 4.869   -4.943  -5.266  1.00 18.43 ? 7   ASP A C     1 
ATOM   131  O O     . ASP A 1 16  ? 4.773   -3.713  -5.221  1.00 17.53 ? 7   ASP A O     1 
ATOM   132  C CB    . ASP A 1 16  ? 2.582   -5.944  -5.372  1.00 18.32 ? 7   ASP A CB    1 
ATOM   133  C CG    . ASP A 1 16  ? 2.655   -7.055  -6.412  1.00 19.05 ? 7   ASP A CG    1 
ATOM   134  O OD1   . ASP A 1 16  ? 3.753   -7.608  -6.624  1.00 16.96 ? 7   ASP A OD1   1 
ATOM   135  O OD2   . ASP A 1 16  ? 1.609   -7.375  -7.016  1.00 20.17 ? 7   ASP A OD2   1 
ATOM   136  N N     . SER A 1 17  ? 5.840   -5.560  -5.925  1.00 18.13 ? 8   SER A N     1 
ATOM   137  C CA    . SER A 1 17  ? 6.862   -4.806  -6.632  1.00 18.71 ? 8   SER A CA    1 
ATOM   138  C C     . SER A 1 17  ? 7.439   -5.676  -7.742  1.00 19.90 ? 8   SER A C     1 
ATOM   139  O O     . SER A 1 17  ? 7.578   -6.891  -7.584  1.00 20.44 ? 8   SER A O     1 
ATOM   140  C CB    . SER A 1 17  ? 7.971   -4.395  -5.652  1.00 16.26 ? 8   SER A CB    1 
ATOM   141  O OG    . SER A 1 17  ? 8.973   -3.608  -6.273  1.00 16.96 ? 8   SER A OG    1 
ATOM   142  N N     . LYS A 1 18  ? 7.758   -5.061  -8.870  1.00 19.55 ? 9   LYS A N     1 
ATOM   143  C CA    . LYS A 1 18  ? 8.339   -5.805  -9.970  1.00 20.22 ? 9   LYS A CA    1 
ATOM   144  C C     . LYS A 1 18  ? 9.757   -5.317  -10.207 1.00 19.01 ? 9   LYS A C     1 
ATOM   145  O O     . LYS A 1 18  ? 10.686  -6.115  -10.273 1.00 19.43 ? 9   LYS A O     1 
ATOM   146  C CB    . LYS A 1 18  ? 7.498   -5.658  -11.239 1.00 22.06 ? 9   LYS A CB    1 
ATOM   147  C CG    . LYS A 1 18  ? 8.050   -6.466  -12.401 1.00 25.72 ? 9   LYS A CG    1 
ATOM   148  C CD    . LYS A 1 18  ? 7.056   -6.598  -13.536 1.00 30.11 ? 9   LYS A CD    1 
ATOM   149  C CE    . LYS A 1 18  ? 7.643   -7.436  -14.667 1.00 33.08 ? 9   LYS A CE    1 
ATOM   150  N NZ    . LYS A 1 18  ? 6.613   -7.852  -15.667 1.00 34.94 ? 9   LYS A NZ    1 
ATOM   151  N N     . THR A 1 19  ? 9.934   -4.006  -10.314 1.00 18.98 ? 10  THR A N     1 
ATOM   152  C CA    . THR A 1 19  ? 11.268  -3.471  -10.533 1.00 17.72 ? 10  THR A CA    1 
ATOM   153  C C     . THR A 1 19  ? 11.899  -2.889  -9.256  1.00 17.52 ? 10  THR A C     1 
ATOM   154  O O     . THR A 1 19  ? 12.897  -2.175  -9.317  1.00 18.17 ? 10  THR A O     1 
ATOM   155  C CB    . THR A 1 19  ? 11.278  -2.422  -11.691 1.00 18.08 ? 10  THR A CB    1 
ATOM   156  O OG1   . THR A 1 19  ? 10.475  -1.290  -11.347 1.00 18.54 ? 10  THR A OG1   1 
ATOM   157  C CG2   . THR A 1 19  ? 10.725  -3.046  -12.967 1.00 17.11 ? 10  THR A CG2   1 
ATOM   158  N N     . GLY A 1 20  ? 11.302  -3.191  -8.105  1.00 17.13 ? 11  GLY A N     1 
ATOM   159  C CA    . GLY A 1 20  ? 11.854  -2.744  -6.834  1.00 16.16 ? 11  GLY A CA    1 
ATOM   160  C C     . GLY A 1 20  ? 11.579  -1.367  -6.252  1.00 14.92 ? 11  GLY A C     1 
ATOM   161  O O     . GLY A 1 20  ? 12.040  -1.083  -5.151  1.00 15.04 ? 11  GLY A O     1 
ATOM   162  N N     . ASN A 1 21  ? 10.852  -0.508  -6.956  1.00 14.29 ? 12  ASN A N     1 
ATOM   163  C CA    . ASN A 1 21  ? 10.563  0.827   -6.438  1.00 13.21 ? 12  ASN A CA    1 
ATOM   164  C C     . ASN A 1 21  ? 9.693   0.796   -5.185  1.00 12.67 ? 12  ASN A C     1 
ATOM   165  O O     . ASN A 1 21  ? 9.960   1.526   -4.227  1.00 13.31 ? 12  ASN A O     1 
ATOM   166  C CB    . ASN A 1 21  ? 9.895   1.699   -7.507  1.00 11.89 ? 12  ASN A CB    1 
ATOM   167  C CG    . ASN A 1 21  ? 10.832  2.035   -8.654  1.00 13.54 ? 12  ASN A CG    1 
ATOM   168  O OD1   . ASN A 1 21  ? 12.051  2.041   -8.492  1.00 15.72 ? 12  ASN A OD1   1 
ATOM   169  N ND2   . ASN A 1 21  ? 10.268  2.327   -9.811  1.00 11.33 ? 12  ASN A ND2   1 
ATOM   170  N N     . VAL A 1 22  ? 8.651   -0.033  -5.195  1.00 12.28 ? 13  VAL A N     1 
ATOM   171  C CA    . VAL A 1 22  ? 7.764   -0.144  -4.037  1.00 12.40 ? 13  VAL A CA    1 
ATOM   172  C C     . VAL A 1 22  ? 8.559   -0.705  -2.861  1.00 13.75 ? 13  VAL A C     1 
ATOM   173  O O     . VAL A 1 22  ? 8.403   -0.270  -1.724  1.00 13.35 ? 13  VAL A O     1 
ATOM   174  C CB    . VAL A 1 22  ? 6.552   -1.062  -4.331  1.00 11.83 ? 13  VAL A CB    1 
ATOM   175  C CG1   . VAL A 1 22  ? 5.801   -1.373  -3.041  1.00 11.26 ? 13  VAL A CG1   1 
ATOM   176  C CG2   . VAL A 1 22  ? 5.611   -0.375  -5.318  1.00 11.50 ? 13  VAL A CG2   1 
ATOM   177  N N     . GLN A 1 23  ? 9.416   -1.674  -3.153  1.00 15.53 ? 14  GLN A N     1 
ATOM   178  C CA    . GLN A 1 23  ? 10.269  -2.280  -2.142  1.00 16.30 ? 14  GLN A CA    1 
ATOM   179  C C     . GLN A 1 23  ? 11.128  -1.199  -1.488  1.00 15.79 ? 14  GLN A C     1 
ATOM   180  O O     . GLN A 1 23  ? 11.227  -1.125  -0.261  1.00 15.28 ? 14  GLN A O     1 
ATOM   181  C CB    . GLN A 1 23  ? 11.183  -3.315  -2.788  1.00 19.85 ? 14  GLN A CB    1 
ATOM   182  C CG    . GLN A 1 23  ? 12.305  -3.754  -1.883  1.00 26.41 ? 14  GLN A CG    1 
ATOM   183  C CD    . GLN A 1 23  ? 12.080  -5.131  -1.331  1.00 30.65 ? 14  GLN A CD    1 
ATOM   184  O OE1   . GLN A 1 23  ? 12.256  -6.133  -2.034  1.00 34.12 ? 14  GLN A OE1   1 
ATOM   185  N NE2   . GLN A 1 23  ? 11.671  -5.199  -0.070  1.00 34.80 ? 14  GLN A NE2   1 
ATOM   186  N N     . ARG A 1 24  ? 11.763  -0.372  -2.315  1.00 13.64 ? 15  ARG A N     1 
ATOM   187  C CA    . ARG A 1 24  ? 12.597  0.710   -1.811  1.00 13.59 ? 15  ARG A CA    1 
ATOM   188  C C     . ARG A 1 24  ? 11.775  1.690   -0.976  1.00 14.22 ? 15  ARG A C     1 
ATOM   189  O O     . ARG A 1 24  ? 12.239  2.180   0.056   1.00 13.56 ? 15  ARG A O     1 
ATOM   190  C CB    . ARG A 1 24  ? 13.267  1.455   -2.971  1.00 15.49 ? 15  ARG A CB    1 
ATOM   191  C CG    . ARG A 1 24  ? 14.561  0.801   -3.455  1.00 19.29 ? 15  ARG A CG    1 
ATOM   192  C CD    . ARG A 1 24  ? 15.252  1.646   -4.520  1.00 21.67 ? 15  ARG A CD    1 
ATOM   193  N NE    . ARG A 1 24  ? 14.634  1.487   -5.833  1.00 23.02 ? 15  ARG A NE    1 
ATOM   194  C CZ    . ARG A 1 24  ? 14.715  0.377   -6.560  1.00 24.12 ? 15  ARG A CZ    1 
ATOM   195  N NH1   . ARG A 1 24  ? 15.391  -0.668  -6.102  1.00 24.12 ? 15  ARG A NH1   1 
ATOM   196  N NH2   . ARG A 1 24  ? 14.110  0.305   -7.740  1.00 23.48 ? 15  ARG A NH2   1 
ATOM   197  N N     . PHE A 1 25  ? 10.552  1.967   -1.424  1.00 12.68 ? 16  PHE A N     1 
ATOM   198  C CA    . PHE A 1 25  ? 9.669   2.890   -0.717  1.00 12.66 ? 16  PHE A CA    1 
ATOM   199  C C     . PHE A 1 25  ? 9.336   2.425   0.701   1.00 13.08 ? 16  PHE A C     1 
ATOM   200  O O     . PHE A 1 25  ? 9.499   3.182   1.662   1.00 13.94 ? 16  PHE A O     1 
ATOM   201  C CB    . PHE A 1 25  ? 8.367   3.076   -1.486  1.00 11.29 ? 16  PHE A CB    1 
ATOM   202  C CG    . PHE A 1 25  ? 7.380   3.981   -0.789  1.00 13.35 ? 16  PHE A CG    1 
ATOM   203  C CD1   . PHE A 1 25  ? 7.585   5.358   -0.749  1.00 12.35 ? 16  PHE A CD1   1 
ATOM   204  C CD2   . PHE A 1 25  ? 6.258   3.452   -0.151  1.00 10.86 ? 16  PHE A CD2   1 
ATOM   205  C CE1   . PHE A 1 25  ? 6.689   6.197   -0.088  1.00 11.44 ? 16  PHE A CE1   1 
ATOM   206  C CE2   . PHE A 1 25  ? 5.357   4.278   0.510   1.00 12.00 ? 16  PHE A CE2   1 
ATOM   207  C CZ    . PHE A 1 25  ? 5.571   5.656   0.543   1.00 11.38 ? 16  PHE A CZ    1 
ATOM   208  N N     . VAL A 1 26  ? 8.866   1.187   0.834   1.00 12.98 ? 17  VAL A N     1 
ATOM   209  C CA    . VAL A 1 26  ? 8.504   0.671   2.146   1.00 13.02 ? 17  VAL A CA    1 
ATOM   210  C C     . VAL A 1 26  ? 9.730   0.564   3.056   1.00 13.82 ? 17  VAL A C     1 
ATOM   211  O O     . VAL A 1 26  ? 9.616   0.639   4.280   1.00 13.95 ? 17  VAL A O     1 
ATOM   212  C CB    . VAL A 1 26  ? 7.776   -0.705  2.042   1.00 13.30 ? 17  VAL A CB    1 
ATOM   213  C CG1   . VAL A 1 26  ? 6.531   -0.562  1.176   1.00 12.96 ? 17  VAL A CG1   1 
ATOM   214  C CG2   . VAL A 1 26  ? 8.703   -1.769  1.462   1.00 15.03 ? 17  VAL A CG2   1 
ATOM   215  N N     . ASN A 1 27  ? 10.906  0.400   2.461   1.00 13.20 ? 18  ASN A N     1 
ATOM   216  C CA    . ASN A 1 27  ? 12.124  0.315   3.248   1.00 13.95 ? 18  ASN A CA    1 
ATOM   217  C C     . ASN A 1 27  ? 12.543  1.676   3.781   1.00 14.06 ? 18  ASN A C     1 
ATOM   218  O O     . ASN A 1 27  ? 13.560  1.791   4.466   1.00 14.91 ? 18  ASN A O     1 
ATOM   219  C CB    . ASN A 1 27  ? 13.270  -0.281  2.432   1.00 15.73 ? 18  ASN A CB    1 
ATOM   220  C CG    . ASN A 1 27  ? 13.135  -1.773  2.248   1.00 18.50 ? 18  ASN A CG    1 
ATOM   221  O OD1   . ASN A 1 27  ? 12.406  -2.434  2.989   1.00 19.22 ? 18  ASN A OD1   1 
ATOM   222  N ND2   . ASN A 1 27  ? 13.853  -2.321  1.271   1.00 19.80 ? 18  ASN A ND2   1 
ATOM   223  N N     . LYS A 1 28  ? 11.772  2.708   3.453   1.00 12.74 ? 19  LYS A N     1 
ATOM   224  C CA    . LYS A 1 28  ? 12.061  4.047   3.945   1.00 12.17 ? 19  LYS A CA    1 
ATOM   225  C C     . LYS A 1 28  ? 11.235  4.292   5.204   1.00 12.39 ? 19  LYS A C     1 
ATOM   226  O O     . LYS A 1 28  ? 11.369  5.323   5.856   1.00 12.18 ? 19  LYS A O     1 
ATOM   227  C CB    . LYS A 1 28  ? 11.731  5.104   2.881   1.00 11.64 ? 19  LYS A CB    1 
ATOM   228  C CG    . LYS A 1 28  ? 12.706  5.119   1.716   1.00 10.83 ? 19  LYS A CG    1 
ATOM   229  C CD    . LYS A 1 28  ? 12.200  5.994   0.577   1.00 12.86 ? 19  LYS A CD    1 
ATOM   230  C CE    . LYS A 1 28  ? 13.100  5.876   -0.631  1.00 12.66 ? 19  LYS A CE    1 
ATOM   231  N NZ    . LYS A 1 28  ? 12.695  6.794   -1.715  1.00 12.44 ? 19  LYS A NZ    1 
ATOM   232  N N     . THR A 1 29  ? 10.376  3.332   5.541   1.00 13.40 ? 20  THR A N     1 
ATOM   233  C CA    . THR A 1 29  ? 9.545   3.447   6.737   1.00 13.33 ? 20  THR A CA    1 
ATOM   234  C C     . THR A 1 29  ? 10.131  2.606   7.874   1.00 14.11 ? 20  THR A C     1 
ATOM   235  O O     . THR A 1 29  ? 11.070  1.830   7.673   1.00 13.99 ? 20  THR A O     1 
ATOM   236  C CB    . THR A 1 29  ? 8.112   2.952   6.485   1.00 12.62 ? 20  THR A CB    1 
ATOM   237  O OG1   . THR A 1 29  ? 8.108   1.520   6.399   1.00 11.96 ? 20  THR A OG1   1 
ATOM   238  C CG2   . THR A 1 29  ? 7.566   3.542   5.190   1.00 12.62 ? 20  THR A CG2   1 
ATOM   239  N N     . GLY A 1 30  ? 9.564   2.764   9.066   1.00 13.93 ? 21  GLY A N     1 
ATOM   240  C CA    . GLY A 1 30  ? 10.022  2.010   10.214  1.00 12.15 ? 21  GLY A CA    1 
ATOM   241  C C     . GLY A 1 30  ? 9.088   0.862   10.555  1.00 12.28 ? 21  GLY A C     1 
ATOM   242  O O     . GLY A 1 30  ? 9.227   0.240   11.611  1.00 13.99 ? 21  GLY A O     1 
ATOM   243  N N     . PHE A 1 31  ? 8.135   0.563   9.675   1.00 11.82 ? 22  PHE A N     1 
ATOM   244  C CA    . PHE A 1 31  ? 7.220   -0.535  9.940   1.00 12.41 ? 22  PHE A CA    1 
ATOM   245  C C     . PHE A 1 31  ? 8.032   -1.811  10.065  1.00 13.67 ? 22  PHE A C     1 
ATOM   246  O O     . PHE A 1 31  ? 8.999   -2.011  9.331   1.00 13.27 ? 22  PHE A O     1 
ATOM   247  C CB    . PHE A 1 31  ? 6.171   -0.640  8.836   1.00 11.50 ? 22  PHE A CB    1 
ATOM   248  C CG    . PHE A 1 31  ? 5.185   0.492   8.849   1.00 11.88 ? 22  PHE A CG    1 
ATOM   249  C CD1   . PHE A 1 31  ? 4.294   0.638   9.910   1.00 12.21 ? 22  PHE A CD1   1 
ATOM   250  C CD2   . PHE A 1 31  ? 5.162   1.429   7.821   1.00 10.36 ? 22  PHE A CD2   1 
ATOM   251  C CE1   . PHE A 1 31  ? 3.393   1.702   9.950   1.00 11.37 ? 22  PHE A CE1   1 
ATOM   252  C CE2   . PHE A 1 31  ? 4.264   2.500   7.846   1.00 11.81 ? 22  PHE A CE2   1 
ATOM   253  C CZ    . PHE A 1 31  ? 3.379   2.636   8.913   1.00 11.01 ? 22  PHE A CZ    1 
ATOM   254  N N     . GLN A 1 32  ? 7.647   -2.659  11.014  1.00 14.83 ? 23  GLN A N     1 
ATOM   255  C CA    . GLN A 1 32  ? 8.370   -3.896  11.282  1.00 16.90 ? 23  GLN A CA    1 
ATOM   256  C C     . GLN A 1 32  ? 7.799   -5.142  10.611  1.00 19.89 ? 23  GLN A C     1 
ATOM   257  O O     . GLN A 1 32  ? 8.532   -6.092  10.340  1.00 20.96 ? 23  GLN A O     1 
ATOM   258  C CB    . GLN A 1 32  ? 8.460   -4.106  12.793  1.00 15.88 ? 23  GLN A CB    1 
ATOM   259  C CG    . GLN A 1 32  ? 9.165   -2.965  13.516  1.00 15.07 ? 23  GLN A CG    1 
ATOM   260  C CD    . GLN A 1 32  ? 10.624  -2.829  13.115  1.00 15.31 ? 23  GLN A CD    1 
ATOM   261  O OE1   . GLN A 1 32  ? 11.045  -1.804  12.567  1.00 16.83 ? 23  GLN A OE1   1 
ATOM   262  N NE2   . GLN A 1 32  ? 11.405  -3.868  13.388  1.00 11.71 ? 23  GLN A NE2   1 
ATOM   263  N N     . GLN A 1 33  ? 6.496   -5.159  10.356  1.00 22.49 ? 24  GLN A N     1 
ATOM   264  C CA    . GLN A 1 33  ? 5.908   -6.311  9.682   1.00 28.36 ? 24  GLN A CA    1 
ATOM   265  C C     . GLN A 1 33  ? 5.702   -5.933  8.215   1.00 28.99 ? 24  GLN A C     1 
ATOM   266  O O     . GLN A 1 33  ? 4.649   -5.399  7.843   1.00 29.70 ? 24  GLN A O     1 
ATOM   267  C CB    . GLN A 1 33  ? 4.566   -6.718  10.312  1.00 31.04 ? 24  GLN A CB    1 
ATOM   268  C CG    . GLN A 1 33  ? 4.012   -5.786  11.385  1.00 38.04 ? 24  GLN A CG    1 
ATOM   269  C CD    . GLN A 1 33  ? 4.693   -5.962  12.728  1.00 40.51 ? 24  GLN A CD    1 
ATOM   270  O OE1   . GLN A 1 33  ? 4.962   -7.085  13.155  1.00 44.41 ? 24  GLN A OE1   1 
ATOM   271  N NE2   . GLN A 1 33  ? 4.959   -4.853  13.411  1.00 43.64 ? 24  GLN A NE2   1 
ATOM   272  N N     . ILE A 1 34  ? 6.721   -6.191  7.397   1.00 26.79 ? 25  ILE A N     1 
ATOM   273  C CA    . ILE A 1 34  ? 6.658   -5.877  5.976   1.00 24.84 ? 25  ILE A CA    1 
ATOM   274  C C     . ILE A 1 34  ? 6.955   -7.112  5.133   1.00 26.19 ? 25  ILE A C     1 
ATOM   275  O O     . ILE A 1 34  ? 8.062   -7.647  5.160   1.00 26.93 ? 25  ILE A O     1 
ATOM   276  C CB    . ILE A 1 34  ? 7.667   -4.772  5.594   1.00 23.57 ? 25  ILE A CB    1 
ATOM   277  C CG1   . ILE A 1 34  ? 7.435   -3.523  6.456   1.00 22.47 ? 25  ILE A CG1   1 
ATOM   278  C CG2   . ILE A 1 34  ? 7.513   -4.429  4.111   1.00 22.03 ? 25  ILE A CG2   1 
ATOM   279  C CD1   . ILE A 1 34  ? 8.405   -2.378  6.180   1.00 20.54 ? 25  ILE A CD1   1 
ATOM   280  N N     . ARG A 1 35  ? 5.957   -7.563  4.383   1.00 27.22 ? 26  ARG A N     1 
ATOM   281  C CA    . ARG A 1 35  ? 6.121   -8.730  3.531   1.00 28.29 ? 26  ARG A CA    1 
ATOM   282  C C     . ARG A 1 35  ? 5.535   -8.492  2.153   1.00 27.45 ? 26  ARG A C     1 
ATOM   283  O O     . ARG A 1 35  ? 4.654   -7.648  1.976   1.00 25.37 ? 26  ARG A O     1 
ATOM   284  C CB    . ARG A 1 35  ? 5.447   -9.949  4.166   1.00 32.69 ? 26  ARG A CB    1 
ATOM   285  C CG    . ARG A 1 35  ? 6.123   -10.444 5.432   1.00 37.43 ? 26  ARG A CG    1 
ATOM   286  C CD    . ARG A 1 35  ? 5.419   -11.667 5.992   1.00 41.41 ? 26  ARG A CD    1 
ATOM   287  N NE    . ARG A 1 35  ? 3.973   -11.469 6.058   1.00 46.47 ? 26  ARG A NE    1 
ATOM   288  C CZ    . ARG A 1 35  ? 3.133   -12.272 6.707   1.00 48.66 ? 26  ARG A CZ    1 
ATOM   289  N NH1   . ARG A 1 35  ? 3.595   -13.334 7.359   1.00 49.83 ? 26  ARG A NH1   1 
ATOM   290  N NH2   . ARG A 1 35  ? 1.828   -12.019 6.695   1.00 49.21 ? 26  ARG A NH2   1 
ATOM   291  N N     . LYS A 1 36  ? 6.028   -9.250  1.179   1.00 27.77 ? 27  LYS A N     1 
ATOM   292  C CA    . LYS A 1 36  ? 5.552   -9.132  -0.191  1.00 28.49 ? 27  LYS A CA    1 
ATOM   293  C C     . LYS A 1 36  ? 4.319   -10.015 -0.353  1.00 28.85 ? 27  LYS A C     1 
ATOM   294  O O     . LYS A 1 36  ? 4.170   -11.017 0.351   1.00 27.63 ? 27  LYS A O     1 
ATOM   295  C CB    . LYS A 1 36  ? 6.653   -9.553  -1.166  1.00 29.02 ? 27  LYS A CB    1 
ATOM   296  C CG    . LYS A 1 36  ? 6.436   -9.051  -2.582  1.00 30.74 ? 27  LYS A CG    1 
ATOM   297  C CD    . LYS A 1 36  ? 7.692   -9.230  -3.411  1.00 32.12 ? 27  LYS A CD    1 
ATOM   298  C CE    . LYS A 1 36  ? 7.531   -8.619  -4.788  1.00 34.33 ? 27  LYS A CE    1 
ATOM   299  N NZ    . LYS A 1 36  ? 8.785   -8.735  -5.588  1.00 36.63 ? 27  LYS A NZ    1 
ATOM   300  N N     . VAL A 1 37  ? 3.433   -9.633  -1.268  1.00 28.84 ? 28  VAL A N     1 
ATOM   301  C CA    . VAL A 1 37  ? 2.195   -10.375 -1.499  1.00 31.63 ? 28  VAL A CA    1 
ATOM   302  C C     . VAL A 1 37  ? 2.405   -11.856 -1.803  1.00 34.14 ? 28  VAL A C     1 
ATOM   303  O O     . VAL A 1 37  ? 1.500   -12.666 -1.621  1.00 34.19 ? 28  VAL A O     1 
ATOM   304  C CB    . VAL A 1 37  ? 1.382   -9.768  -2.671  1.00 30.03 ? 28  VAL A CB    1 
ATOM   305  C CG1   . VAL A 1 37  ? 1.124   -8.296  -2.418  1.00 28.13 ? 28  VAL A CG1   1 
ATOM   306  C CG2   . VAL A 1 37  ? 2.125   -9.971  -3.986  1.00 28.05 ? 28  VAL A CG2   1 
ATOM   307  N N     . ASP A 1 38  ? 3.604   -12.206 -2.250  1.00 37.16 ? 29  ASP A N     1 
ATOM   308  C CA    . ASP A 1 38  ? 3.899   -13.582 -2.620  1.00 41.35 ? 29  ASP A CA    1 
ATOM   309  C C     . ASP A 1 38  ? 4.574   -14.432 -1.554  1.00 43.16 ? 29  ASP A C     1 
ATOM   310  O O     . ASP A 1 38  ? 4.864   -15.601 -1.801  1.00 43.62 ? 29  ASP A O     1 
ATOM   311  C CB    . ASP A 1 38  ? 4.775   -13.590 -3.871  1.00 42.68 ? 29  ASP A CB    1 
ATOM   312  C CG    . ASP A 1 38  ? 6.133   -12.969 -3.624  1.00 44.85 ? 29  ASP A CG    1 
ATOM   313  O OD1   . ASP A 1 38  ? 6.179   -11.816 -3.152  1.00 48.20 ? 29  ASP A OD1   1 
ATOM   314  O OD2   . ASP A 1 38  ? 7.155   -13.628 -3.896  1.00 46.30 ? 29  ASP A OD2   1 
ATOM   315  N N     . GLU A 1 39  ? 4.836   -13.877 -0.378  1.00 44.68 ? 30  GLU A N     1 
ATOM   316  C CA    . GLU A 1 39  ? 5.499   -14.687 0.627   1.00 46.93 ? 30  GLU A CA    1 
ATOM   317  C C     . GLU A 1 39  ? 4.664   -15.133 1.815   1.00 48.14 ? 30  GLU A C     1 
ATOM   318  O O     . GLU A 1 39  ? 5.188   -15.325 2.910   1.00 49.44 ? 30  GLU A O     1 
ATOM   319  C CB    . GLU A 1 39  ? 6.793   -14.012 1.097   1.00 47.20 ? 30  GLU A CB    1 
ATOM   320  C CG    . GLU A 1 39  ? 6.671   -12.570 1.511   1.00 50.22 ? 30  GLU A CG    1 
ATOM   321  C CD    . GLU A 1 39  ? 8.030   -11.908 1.645   1.00 51.48 ? 30  GLU A CD    1 
ATOM   322  O OE1   . GLU A 1 39  ? 8.799   -11.935 0.657   1.00 52.63 ? 30  GLU A OE1   1 
ATOM   323  O OE2   . GLU A 1 39  ? 8.331   -11.367 2.731   1.00 52.43 ? 30  GLU A OE2   1 
ATOM   324  N N     . MET A 1 40  ? 3.364   -15.298 1.602   1.00 49.23 ? 31  MET A N     1 
ATOM   325  C CA    . MET A 1 40  ? 2.493   -15.795 2.658   1.00 51.40 ? 31  MET A CA    1 
ATOM   326  C C     . MET A 1 40  ? 1.318   -16.534 2.040   1.00 53.08 ? 31  MET A C     1 
ATOM   327  O O     . MET A 1 40  ? 0.854   -16.197 0.948   1.00 53.47 ? 31  MET A O     1 
ATOM   328  C CB    . MET A 1 40  ? 1.982   -14.678 3.576   1.00 50.61 ? 31  MET A CB    1 
ATOM   329  C CG    . MET A 1 40  ? 0.870   -13.823 3.012   1.00 49.73 ? 31  MET A CG    1 
ATOM   330  S SD    . MET A 1 40  ? 1.527   -12.428 2.138   1.00 47.75 ? 31  MET A SD    1 
ATOM   331  C CE    . MET A 1 40  ? 2.379   -11.603 3.483   1.00 44.22 ? 31  MET A CE    1 
ATOM   332  N N     . ASP A 1 41  ? 0.850   -17.551 2.752   1.00 54.83 ? 32  ASP A N     1 
ATOM   333  C CA    . ASP A 1 41  ? -0.256  -18.376 2.295   1.00 56.12 ? 32  ASP A CA    1 
ATOM   334  C C     . ASP A 1 41  ? -1.546  -18.048 3.038   1.00 55.04 ? 32  ASP A C     1 
ATOM   335  O O     . ASP A 1 41  ? -2.556  -18.735 2.877   1.00 55.19 ? 32  ASP A O     1 
ATOM   336  C CB    . ASP A 1 41  ? 0.102   -19.851 2.493   1.00 59.38 ? 32  ASP A CB    1 
ATOM   337  C CG    . ASP A 1 41  ? 0.517   -20.163 3.925   1.00 62.74 ? 32  ASP A CG    1 
ATOM   338  O OD1   . ASP A 1 41  ? 1.363   -19.422 4.477   1.00 64.79 ? 32  ASP A OD1   1 
ATOM   339  O OD2   . ASP A 1 41  ? 0.005   -21.151 4.497   1.00 64.87 ? 32  ASP A OD2   1 
ATOM   340  N N     . HIS A 1 42  ? -1.512  -16.994 3.848   1.00 53.59 ? 33  HIS A N     1 
ATOM   341  C CA    . HIS A 1 42  ? -2.686  -16.594 4.615   1.00 52.06 ? 33  HIS A CA    1 
ATOM   342  C C     . HIS A 1 42  ? -2.468  -15.244 5.287   1.00 50.84 ? 33  HIS A C     1 
ATOM   343  O O     . HIS A 1 42  ? -1.341  -14.856 5.590   1.00 50.87 ? 33  HIS A O     1 
ATOM   344  C CB    . HIS A 1 42  ? -2.997  -17.652 5.682   1.00 51.72 ? 33  HIS A CB    1 
ATOM   345  C CG    . HIS A 1 42  ? -1.937  -17.775 6.733   1.00 51.76 ? 33  HIS A CG    1 
ATOM   346  N ND1   . HIS A 1 42  ? -1.975  -17.070 7.917   1.00 51.36 ? 33  HIS A ND1   1 
ATOM   347  C CD2   . HIS A 1 42  ? -0.782  -18.483 6.756   1.00 51.55 ? 33  HIS A CD2   1 
ATOM   348  C CE1   . HIS A 1 42  ? -0.890  -17.336 8.622   1.00 51.14 ? 33  HIS A CE1   1 
ATOM   349  N NE2   . HIS A 1 42  ? -0.149  -18.191 7.939   1.00 51.26 ? 33  HIS A NE2   1 
ATOM   350  N N     . VAL A 1 43  ? -3.563  -14.532 5.511   1.00 49.73 ? 34  VAL A N     1 
ATOM   351  C CA    . VAL A 1 43  ? -3.518  -13.235 6.168   1.00 49.50 ? 34  VAL A CA    1 
ATOM   352  C C     . VAL A 1 43  ? -4.639  -13.258 7.198   1.00 49.29 ? 34  VAL A C     1 
ATOM   353  O O     . VAL A 1 43  ? -5.805  -13.462 6.851   1.00 50.20 ? 34  VAL A O     1 
ATOM   354  C CB    . VAL A 1 43  ? -3.751  -12.078 5.159   1.00 48.94 ? 34  VAL A CB    1 
ATOM   355  C CG1   . VAL A 1 43  ? -3.781  -10.744 5.888   1.00 48.02 ? 34  VAL A CG1   1 
ATOM   356  C CG2   . VAL A 1 43  ? -2.651  -12.075 4.109   1.00 47.78 ? 34  VAL A CG2   1 
ATOM   357  N N     . ASP A 1 44  ? -4.289  -13.066 8.465   1.00 48.23 ? 35  ASP A N     1 
ATOM   358  C CA    . ASP A 1 44  ? -5.288  -13.094 9.527   1.00 47.35 ? 35  ASP A CA    1 
ATOM   359  C C     . ASP A 1 44  ? -5.379  -11.792 10.316  1.00 45.59 ? 35  ASP A C     1 
ATOM   360  O O     . ASP A 1 44  ? -6.243  -11.639 11.179  1.00 45.66 ? 35  ASP A O     1 
ATOM   361  C CB    . ASP A 1 44  ? -5.002  -14.269 10.465  1.00 49.24 ? 35  ASP A CB    1 
ATOM   362  C CG    . ASP A 1 44  ? -3.534  -14.648 10.490  1.00 51.43 ? 35  ASP A CG    1 
ATOM   363  O OD1   . ASP A 1 44  ? -2.706  -13.792 10.871  1.00 53.68 ? 35  ASP A OD1   1 
ATOM   364  O OD2   . ASP A 1 44  ? -3.207  -15.800 10.123  1.00 51.84 ? 35  ASP A OD2   1 
ATOM   365  N N     . THR A 1 45  ? -4.496  -10.852 10.003  1.00 42.50 ? 36  THR A N     1 
ATOM   366  C CA    . THR A 1 45  ? -4.475  -9.560  10.675  1.00 39.70 ? 36  THR A CA    1 
ATOM   367  C C     . THR A 1 45  ? -4.673  -8.440  9.645   1.00 37.22 ? 36  THR A C     1 
ATOM   368  O O     . THR A 1 45  ? -4.279  -8.583  8.488   1.00 37.15 ? 36  THR A O     1 
ATOM   369  C CB    . THR A 1 45  ? -3.133  -9.369  11.407  1.00 40.30 ? 36  THR A CB    1 
ATOM   370  O OG1   . THR A 1 45  ? -3.062  -8.047  11.950  1.00 44.23 ? 36  THR A OG1   1 
ATOM   371  C CG2   . THR A 1 45  ? -1.973  -9.581  10.450  1.00 41.30 ? 36  THR A CG2   1 
ATOM   372  N N     . PRO A 1 46  ? -5.303  -7.317  10.047  1.00 34.86 ? 37  PRO A N     1 
ATOM   373  C CA    . PRO A 1 46  ? -5.527  -6.200  9.119   1.00 32.05 ? 37  PRO A CA    1 
ATOM   374  C C     . PRO A 1 46  ? -4.199  -5.722  8.520   1.00 30.45 ? 37  PRO A C     1 
ATOM   375  O O     . PRO A 1 46  ? -3.143  -5.838  9.151   1.00 30.41 ? 37  PRO A O     1 
ATOM   376  C CB    . PRO A 1 46  ? -6.174  -5.139  10.007  1.00 31.62 ? 37  PRO A CB    1 
ATOM   377  C CG    . PRO A 1 46  ? -6.893  -5.948  11.027  1.00 32.13 ? 37  PRO A CG    1 
ATOM   378  C CD    . PRO A 1 46  ? -5.880  -7.012  11.368  1.00 33.12 ? 37  PRO A CD    1 
ATOM   379  N N     . PHE A 1 47  ? -4.243  -5.176  7.310   1.00 26.96 ? 38  PHE A N     1 
ATOM   380  C CA    . PHE A 1 47  ? -3.014  -4.732  6.680   1.00 23.70 ? 38  PHE A CA    1 
ATOM   381  C C     . PHE A 1 47  ? -3.200  -3.575  5.710   1.00 21.80 ? 38  PHE A C     1 
ATOM   382  O O     . PHE A 1 47  ? -4.318  -3.235  5.315   1.00 21.13 ? 38  PHE A O     1 
ATOM   383  C CB    . PHE A 1 47  ? -2.364  -5.913  5.946   1.00 23.50 ? 38  PHE A CB    1 
ATOM   384  C CG    . PHE A 1 47  ? -3.133  -6.369  4.730   1.00 23.96 ? 38  PHE A CG    1 
ATOM   385  C CD1   . PHE A 1 47  ? -2.889  -5.799  3.476   1.00 23.75 ? 38  PHE A CD1   1 
ATOM   386  C CD2   . PHE A 1 47  ? -4.122  -7.346  4.842   1.00 23.27 ? 38  PHE A CD2   1 
ATOM   387  C CE1   . PHE A 1 47  ? -3.613  -6.191  2.352   1.00 21.72 ? 38  PHE A CE1   1 
ATOM   388  C CE2   . PHE A 1 47  ? -4.857  -7.749  3.727   1.00 23.92 ? 38  PHE A CE2   1 
ATOM   389  C CZ    . PHE A 1 47  ? -4.600  -7.167  2.473   1.00 24.86 ? 38  PHE A CZ    1 
ATOM   390  N N     . VAL A 1 48  ? -2.070  -2.979  5.347   1.00 18.97 ? 39  VAL A N     1 
ATOM   391  C CA    . VAL A 1 48  ? -2.016  -1.880  4.403   1.00 17.50 ? 39  VAL A CA    1 
ATOM   392  C C     . VAL A 1 48  ? -1.328  -2.419  3.145   1.00 16.24 ? 39  VAL A C     1 
ATOM   393  O O     . VAL A 1 48  ? -0.320  -3.117  3.232   1.00 16.19 ? 39  VAL A O     1 
ATOM   394  C CB    . VAL A 1 48  ? -1.197  -0.706  4.983   1.00 16.51 ? 39  VAL A CB    1 
ATOM   395  C CG1   . VAL A 1 48  ? -0.780  0.237   3.879   1.00 17.33 ? 39  VAL A CG1   1 
ATOM   396  C CG2   . VAL A 1 48  ? -2.033  0.040   6.007   1.00 17.41 ? 39  VAL A CG2   1 
ATOM   397  N N     . LEU A 1 49  ? -1.877  -2.110  1.977   1.00 15.35 ? 40  LEU A N     1 
ATOM   398  C CA    . LEU A 1 49  ? -1.278  -2.580  0.733   1.00 15.16 ? 40  LEU A CA    1 
ATOM   399  C C     . LEU A 1 49  ? -0.572  -1.462  -0.031  1.00 13.69 ? 40  LEU A C     1 
ATOM   400  O O     . LEU A 1 49  ? -1.086  -0.352  -0.148  1.00 14.20 ? 40  LEU A O     1 
ATOM   401  C CB    . LEU A 1 49  ? -2.347  -3.194  -0.183  1.00 14.60 ? 40  LEU A CB    1 
ATOM   402  C CG    . LEU A 1 49  ? -1.857  -3.580  -1.589  1.00 14.91 ? 40  LEU A CG    1 
ATOM   403  C CD1   . LEU A 1 49  ? -0.975  -4.817  -1.497  1.00 13.61 ? 40  LEU A CD1   1 
ATOM   404  C CD2   . LEU A 1 49  ? -3.036  -3.841  -2.510  1.00 14.76 ? 40  LEU A CD2   1 
ATOM   405  N N     . VAL A 1 50  ? 0.619   -1.759  -0.531  1.00 13.30 ? 41  VAL A N     1 
ATOM   406  C CA    . VAL A 1 50  ? 1.352   -0.804  -1.346  1.00 14.21 ? 41  VAL A CA    1 
ATOM   407  C C     . VAL A 1 50  ? 1.666   -1.589  -2.620  1.00 15.16 ? 41  VAL A C     1 
ATOM   408  O O     . VAL A 1 50  ? 2.305   -2.641  -2.562  1.00 15.37 ? 41  VAL A O     1 
ATOM   409  C CB    . VAL A 1 50  ? 2.681   -0.330  -0.693  1.00 14.24 ? 41  VAL A CB    1 
ATOM   410  C CG1   . VAL A 1 50  ? 3.316   0.753   -1.559  1.00 12.64 ? 41  VAL A CG1   1 
ATOM   411  C CG2   . VAL A 1 50  ? 2.423   0.208   0.704   1.00 13.02 ? 41  VAL A CG2   1 
ATOM   412  N N     . THR A 1 51  ? 1.199   -1.093  -3.763  1.00 14.32 ? 42  THR A N     1 
ATOM   413  C CA    . THR A 1 51  ? 1.441   -1.777  -5.024  1.00 14.12 ? 42  THR A CA    1 
ATOM   414  C C     . THR A 1 51  ? 1.932   -0.783  -6.082  1.00 15.14 ? 42  THR A C     1 
ATOM   415  O O     . THR A 1 51  ? 2.153   0.397   -5.776  1.00 13.55 ? 42  THR A O     1 
ATOM   416  C CB    . THR A 1 51  ? 0.144   -2.503  -5.501  1.00 14.64 ? 42  THR A CB    1 
ATOM   417  O OG1   . THR A 1 51  ? 0.408   -3.234  -6.708  1.00 15.74 ? 42  THR A OG1   1 
ATOM   418  C CG2   . THR A 1 51  ? -0.981  -1.505  -5.729  1.00 10.63 ? 42  THR A CG2   1 
ATOM   419  N N     . TYR A 1 52  ? 2.127   -1.267  -7.310  1.00 14.51 ? 43  TYR A N     1 
ATOM   420  C CA    . TYR A 1 52  ? 2.586   -0.417  -8.406  1.00 13.12 ? 43  TYR A CA    1 
ATOM   421  C C     . TYR A 1 52  ? 1.524   -0.375  -9.496  1.00 13.15 ? 43  TYR A C     1 
ATOM   422  O O     . TYR A 1 52  ? 0.399   -0.807  -9.271  1.00 14.22 ? 43  TYR A O     1 
ATOM   423  C CB    . TYR A 1 52  ? 3.928   -0.918  -8.957  1.00 13.47 ? 43  TYR A CB    1 
ATOM   424  C CG    . TYR A 1 52  ? 3.924   -2.332  -9.502  1.00 15.81 ? 43  TYR A CG    1 
ATOM   425  C CD1   . TYR A 1 52  ? 3.917   -2.569  -10.878 1.00 15.64 ? 43  TYR A CD1   1 
ATOM   426  C CD2   . TYR A 1 52  ? 3.938   -3.437  -8.642  1.00 15.58 ? 43  TYR A CD2   1 
ATOM   427  C CE1   . TYR A 1 52  ? 3.928   -3.863  -11.386 1.00 16.36 ? 43  TYR A CE1   1 
ATOM   428  C CE2   . TYR A 1 52  ? 3.946   -4.742  -9.143  1.00 16.56 ? 43  TYR A CE2   1 
ATOM   429  C CZ    . TYR A 1 52  ? 3.941   -4.948  -10.518 1.00 17.85 ? 43  TYR A CZ    1 
ATOM   430  O OH    . TYR A 1 52  ? 3.946   -6.234  -11.025 1.00 18.43 ? 43  TYR A OH    1 
ATOM   431  N N     . THR A 1 53  ? 1.865   0.147   -10.669 1.00 12.24 ? 44  THR A N     1 
ATOM   432  C CA    . THR A 1 53  ? 0.882   0.248   -11.747 1.00 12.77 ? 44  THR A CA    1 
ATOM   433  C C     . THR A 1 53  ? 1.422   -0.370  -13.027 1.00 13.05 ? 44  THR A C     1 
ATOM   434  O O     . THR A 1 53  ? 2.595   -0.199  -13.360 1.00 13.07 ? 44  THR A O     1 
ATOM   435  C CB    . THR A 1 53  ? 0.511   1.735   -12.016 1.00 12.75 ? 44  THR A CB    1 
ATOM   436  O OG1   . THR A 1 53  ? 0.305   2.408   -10.763 1.00 13.91 ? 44  THR A OG1   1 
ATOM   437  C CG2   . THR A 1 53  ? -0.776  1.836   -12.832 1.00 12.81 ? 44  THR A CG2   1 
ATOM   438  N N     . THR A 1 54  ? 0.576   -1.112  -13.735 1.00 13.55 ? 45  THR A N     1 
ATOM   439  C CA    . THR A 1 54  ? 1.013   -1.725  -14.979 1.00 13.95 ? 45  THR A CA    1 
ATOM   440  C C     . THR A 1 54  ? 0.238   -1.133  -16.162 1.00 14.59 ? 45  THR A C     1 
ATOM   441  O O     . THR A 1 54  ? -0.525  -0.184  -15.988 1.00 14.54 ? 45  THR A O     1 
ATOM   442  C CB    . THR A 1 54  ? 0.891   -3.273  -14.924 1.00 15.12 ? 45  THR A CB    1 
ATOM   443  O OG1   . THR A 1 54  ? 1.558   -3.839  -16.059 1.00 15.69 ? 45  THR A OG1   1 
ATOM   444  C CG2   . THR A 1 54  ? -0.568  -3.719  -14.901 1.00 16.03 ? 45  THR A CG2   1 
ATOM   445  N N     . ASN A 1 55  ? 0.440   -1.684  -17.355 1.00 15.10 ? 46  ASN A N     1 
ATOM   446  C CA    . ASN A 1 55  ? -0.185  -1.170  -18.584 1.00 14.59 ? 46  ASN A CA    1 
ATOM   447  C C     . ASN A 1 55  ? -1.553  -0.503  -18.472 1.00 14.47 ? 46  ASN A C     1 
ATOM   448  O O     . ASN A 1 55  ? -2.482  -1.051  -17.888 1.00 13.96 ? 46  ASN A O     1 
ATOM   449  C CB    . ASN A 1 55  ? -0.274  -2.280  -19.645 1.00 15.50 ? 46  ASN A CB    1 
ATOM   450  C CG    . ASN A 1 55  ? 1.073   -2.915  -19.950 1.00 15.00 ? 46  ASN A CG    1 
ATOM   451  O OD1   . ASN A 1 55  ? 1.986   -2.263  -20.453 1.00 16.55 ? 46  ASN A OD1   1 
ATOM   452  N ND2   . ASN A 1 55  ? 1.199   -4.197  -19.639 1.00 18.13 ? 46  ASN A ND2   1 
ATOM   453  N N     . PHE A 1 56  ? -1.653  0.691   -19.047 1.00 14.39 ? 47  PHE A N     1 
ATOM   454  C CA    . PHE A 1 56  ? -2.890  1.456   -19.087 1.00 16.02 ? 47  PHE A CA    1 
ATOM   455  C C     . PHE A 1 56  ? -3.553  1.707   -17.727 1.00 18.16 ? 47  PHE A C     1 
ATOM   456  O O     . PHE A 1 56  ? -4.777  1.615   -17.602 1.00 18.89 ? 47  PHE A O     1 
ATOM   457  C CB    . PHE A 1 56  ? -3.871  0.749   -20.029 1.00 15.44 ? 47  PHE A CB    1 
ATOM   458  C CG    . PHE A 1 56  ? -3.202  0.091   -21.211 1.00 16.53 ? 47  PHE A CG    1 
ATOM   459  C CD1   . PHE A 1 56  ? -2.369  0.824   -22.061 1.00 16.93 ? 47  PHE A CD1   1 
ATOM   460  C CD2   . PHE A 1 56  ? -3.371  -1.270  -21.455 1.00 18.25 ? 47  PHE A CD2   1 
ATOM   461  C CE1   . PHE A 1 56  ? -1.708  0.213   -23.138 1.00 14.49 ? 47  PHE A CE1   1 
ATOM   462  C CE2   . PHE A 1 56  ? -2.716  -1.892  -22.526 1.00 16.68 ? 47  PHE A CE2   1 
ATOM   463  C CZ    . PHE A 1 56  ? -1.881  -1.142  -23.367 1.00 15.28 ? 47  PHE A CZ    1 
ATOM   464  N N     . GLY A 1 57  ? -2.743  2.027   -16.718 1.00 18.09 ? 48  GLY A N     1 
ATOM   465  C CA    . GLY A 1 57  ? -3.268  2.302   -15.388 1.00 17.67 ? 48  GLY A CA    1 
ATOM   466  C C     . GLY A 1 57  ? -3.921  1.123   -14.693 1.00 18.55 ? 48  GLY A C     1 
ATOM   467  O O     . GLY A 1 57  ? -4.796  1.305   -13.853 1.00 20.30 ? 48  GLY A O     1 
ATOM   468  N N     . GLN A 1 58  ? -3.483  -0.085  -15.034 1.00 19.59 ? 49  GLN A N     1 
ATOM   469  C CA    . GLN A 1 58  ? -4.028  -1.318  -14.465 1.00 18.87 ? 49  GLN A CA    1 
ATOM   470  C C     . GLN A 1 58  ? -3.360  -1.818  -13.185 1.00 18.23 ? 49  GLN A C     1 
ATOM   471  O O     . GLN A 1 58  ? -2.195  -1.517  -12.904 1.00 16.58 ? 49  GLN A O     1 
ATOM   472  C CB    . GLN A 1 58  ? -3.951  -2.440  -15.505 1.00 20.72 ? 49  GLN A CB    1 
ATOM   473  C CG    . GLN A 1 58  ? -4.975  -2.355  -16.624 1.00 24.04 ? 49  GLN A CG    1 
ATOM   474  C CD    . GLN A 1 58  ? -4.603  -3.241  -17.802 1.00 28.24 ? 49  GLN A CD    1 
ATOM   475  O OE1   . GLN A 1 58  ? -4.005  -4.304  -17.630 1.00 29.79 ? 49  GLN A OE1   1 
ATOM   476  N NE2   . GLN A 1 58  ? -4.964  -2.810  -19.004 1.00 31.13 ? 49  GLN A NE2   1 
ATOM   477  N N     . VAL A 1 59  ? -4.116  -2.595  -12.417 1.00 17.92 ? 50  VAL A N     1 
ATOM   478  C CA    . VAL A 1 59  ? -3.612  -3.187  -11.190 1.00 16.82 ? 50  VAL A CA    1 
ATOM   479  C C     . VAL A 1 59  ? -2.801  -4.420  -11.592 1.00 17.87 ? 50  VAL A C     1 
ATOM   480  O O     . VAL A 1 59  ? -3.267  -5.245  -12.375 1.00 17.37 ? 50  VAL A O     1 
ATOM   481  C CB    . VAL A 1 59  ? -4.771  -3.621  -10.259 1.00 17.87 ? 50  VAL A CB    1 
ATOM   482  C CG1   . VAL A 1 59  ? -4.214  -4.345  -9.038  1.00 16.73 ? 50  VAL A CG1   1 
ATOM   483  C CG2   . VAL A 1 59  ? -5.582  -2.401  -9.822  1.00 17.16 ? 50  VAL A CG2   1 
ATOM   484  N N     . PRO A 1 60  ? -1.568  -4.553  -11.079 1.00 17.81 ? 51  PRO A N     1 
ATOM   485  C CA    . PRO A 1 60  ? -0.755  -5.721  -11.437 1.00 18.29 ? 51  PRO A CA    1 
ATOM   486  C C     . PRO A 1 60  ? -1.540  -7.004  -11.181 1.00 19.94 ? 51  PRO A C     1 
ATOM   487  O O     . PRO A 1 60  ? -2.310  -7.080  -10.225 1.00 20.71 ? 51  PRO A O     1 
ATOM   488  C CB    . PRO A 1 60  ? 0.458   -5.587  -10.519 1.00 17.91 ? 51  PRO A CB    1 
ATOM   489  C CG    . PRO A 1 60  ? 0.601   -4.088  -10.393 1.00 18.33 ? 51  PRO A CG    1 
ATOM   490  C CD    . PRO A 1 60  ? -0.830  -3.649  -10.180 1.00 17.71 ? 51  PRO A CD    1 
ATOM   491  N N     . ALA A 1 61  ? -1.345  -8.008  -12.032 1.00 21.43 ? 52  ALA A N     1 
ATOM   492  C CA    . ALA A 1 61  ? -2.050  -9.281  -11.891 1.00 21.70 ? 52  ALA A CA    1 
ATOM   493  C C     . ALA A 1 61  ? -1.806  -9.940  -10.532 1.00 21.67 ? 52  ALA A C     1 
ATOM   494  O O     . ALA A 1 61  ? -2.734  -10.465 -9.916  1.00 21.91 ? 52  ALA A O     1 
ATOM   495  C CB    . ALA A 1 61  ? -1.636  -10.230 -13.008 1.00 22.24 ? 52  ALA A CB    1 
ATOM   496  N N     . SER A 1 62  ? -0.561  -9.917  -10.068 1.00 22.01 ? 53  SER A N     1 
ATOM   497  C CA    . SER A 1 62  ? -0.227  -10.513 -8.778  1.00 22.92 ? 53  SER A CA    1 
ATOM   498  C C     . SER A 1 62  ? -0.963  -9.820  -7.626  1.00 23.60 ? 53  SER A C     1 
ATOM   499  O O     . SER A 1 62  ? -1.276  -10.447 -6.611  1.00 24.15 ? 53  SER A O     1 
ATOM   500  C CB    . SER A 1 62  ? 1.285   -10.461 -8.547  1.00 23.03 ? 53  SER A CB    1 
ATOM   501  O OG    . SER A 1 62  ? 1.792   -9.156  -8.772  1.00 25.45 ? 53  SER A OG    1 
ATOM   502  N N     . THR A 1 63  ? -1.244  -8.531  -7.780  1.00 22.15 ? 54  THR A N     1 
ATOM   503  C CA    . THR A 1 63  ? -1.959  -7.806  -6.739  1.00 22.22 ? 54  THR A CA    1 
ATOM   504  C C     . THR A 1 63  ? -3.437  -8.171  -6.805  1.00 24.00 ? 54  THR A C     1 
ATOM   505  O O     . THR A 1 63  ? -4.097  -8.302  -5.774  1.00 23.86 ? 54  THR A O     1 
ATOM   506  C CB    . THR A 1 63  ? -1.768  -6.265  -6.876  1.00 21.35 ? 54  THR A CB    1 
ATOM   507  O OG1   . THR A 1 63  ? -0.442  -5.918  -6.453  1.00 20.00 ? 54  THR A OG1   1 
ATOM   508  C CG2   . THR A 1 63  ? -2.778  -5.501  -6.015  1.00 18.14 ? 54  THR A CG2   1 
ATOM   509  N N     . GLN A 1 64  ? -3.963  -8.349  -8.013  1.00 25.51 ? 55  GLN A N     1 
ATOM   510  C CA    . GLN A 1 64  ? -5.366  -8.723  -8.150  1.00 27.96 ? 55  GLN A CA    1 
ATOM   511  C C     . GLN A 1 64  ? -5.602  -10.108 -7.540  1.00 28.98 ? 55  GLN A C     1 
ATOM   512  O O     . GLN A 1 64  ? -6.598  -10.317 -6.852  1.00 30.24 ? 55  GLN A O     1 
ATOM   513  C CB    . GLN A 1 64  ? -5.781  -8.710  -9.619  1.00 28.80 ? 55  GLN A CB    1 
ATOM   514  C CG    . GLN A 1 64  ? -5.591  -7.353  -10.264 1.00 31.35 ? 55  GLN A CG    1 
ATOM   515  C CD    . GLN A 1 64  ? -6.112  -7.298  -11.678 1.00 33.41 ? 55  GLN A CD    1 
ATOM   516  O OE1   . GLN A 1 64  ? -7.309  -7.445  -11.914 1.00 35.49 ? 55  GLN A OE1   1 
ATOM   517  N NE2   . GLN A 1 64  ? -5.213  -7.085  -12.631 1.00 33.50 ? 55  GLN A NE2   1 
ATOM   518  N N     . SER A 1 65  ? -4.684  -11.044 -7.780  1.00 29.14 ? 56  SER A N     1 
ATOM   519  C CA    . SER A 1 65  ? -4.806  -12.394 -7.221  1.00 30.50 ? 56  SER A CA    1 
ATOM   520  C C     . SER A 1 65  ? -4.842  -12.318 -5.702  1.00 30.04 ? 56  SER A C     1 
ATOM   521  O O     . SER A 1 65  ? -5.685  -12.941 -5.048  1.00 29.15 ? 56  SER A O     1 
ATOM   522  C CB    . SER A 1 65  ? -3.613  -13.260 -7.625  1.00 31.34 ? 56  SER A CB    1 
ATOM   523  O OG    . SER A 1 65  ? -3.618  -13.522 -9.010  1.00 38.33 ? 56  SER A OG    1 
ATOM   524  N N     . PHE A 1 66  ? -3.905  -11.553 -5.151  1.00 29.22 ? 57  PHE A N     1 
ATOM   525  C CA    . PHE A 1 66  ? -3.796  -11.367 -3.712  1.00 28.29 ? 57  PHE A CA    1 
ATOM   526  C C     . PHE A 1 66  ? -5.086  -10.810 -3.114  1.00 27.42 ? 57  PHE A C     1 
ATOM   527  O O     . PHE A 1 66  ? -5.617  -11.354 -2.149  1.00 27.85 ? 57  PHE A O     1 
ATOM   528  C CB    . PHE A 1 66  ? -2.646  -10.411 -3.398  1.00 27.25 ? 57  PHE A CB    1 
ATOM   529  C CG    . PHE A 1 66  ? -2.377  -10.260 -1.935  1.00 27.10 ? 57  PHE A CG    1 
ATOM   530  C CD1   . PHE A 1 66  ? -1.609  -11.203 -1.256  1.00 27.56 ? 57  PHE A CD1   1 
ATOM   531  C CD2   . PHE A 1 66  ? -2.924  -9.196  -1.222  1.00 27.67 ? 57  PHE A CD2   1 
ATOM   532  C CE1   . PHE A 1 66  ? -1.391  -11.090 0.116   1.00 27.29 ? 57  PHE A CE1   1 
ATOM   533  C CE2   . PHE A 1 66  ? -2.715  -9.072  0.149   1.00 27.15 ? 57  PHE A CE2   1 
ATOM   534  C CZ    . PHE A 1 66  ? -1.946  -10.021 0.819   1.00 27.84 ? 57  PHE A CZ    1 
ATOM   535  N N     . LEU A 1 67  ? -5.590  -9.730  -3.697  1.00 26.97 ? 58  LEU A N     1 
ATOM   536  C CA    . LEU A 1 67  ? -6.795  -9.094  -3.192  1.00 28.47 ? 58  LEU A CA    1 
ATOM   537  C C     . LEU A 1 67  ? -8.061  -9.943  -3.227  1.00 31.08 ? 58  LEU A C     1 
ATOM   538  O O     . LEU A 1 67  ? -8.862  -9.889  -2.294  1.00 29.91 ? 58  LEU A O     1 
ATOM   539  C CB    . LEU A 1 67  ? -7.042  -7.771  -3.921  1.00 27.13 ? 58  LEU A CB    1 
ATOM   540  C CG    . LEU A 1 67  ? -6.067  -6.631  -3.596  1.00 25.57 ? 58  LEU A CG    1 
ATOM   541  C CD1   . LEU A 1 67  ? -6.476  -5.384  -4.357  1.00 23.46 ? 58  LEU A CD1   1 
ATOM   542  C CD2   . LEU A 1 67  ? -6.057  -6.358  -2.096  1.00 24.29 ? 58  LEU A CD2   1 
ATOM   543  N N     . GLU A 1 68  ? -8.258  -10.724 -4.284  1.00 33.47 ? 59  GLU A N     1 
ATOM   544  C CA    . GLU A 1 68  ? -9.466  -11.538 -4.344  1.00 37.09 ? 59  GLU A CA    1 
ATOM   545  C C     . GLU A 1 68  ? -9.462  -12.617 -3.266  1.00 37.32 ? 59  GLU A C     1 
ATOM   546  O O     . GLU A 1 68  ? -10.465 -13.299 -3.057  1.00 38.55 ? 59  GLU A O     1 
ATOM   547  C CB    . GLU A 1 68  ? -9.658  -12.148 -5.743  1.00 39.21 ? 59  GLU A CB    1 
ATOM   548  C CG    . GLU A 1 68  ? -8.435  -12.800 -6.357  1.00 44.33 ? 59  GLU A CG    1 
ATOM   549  C CD    . GLU A 1 68  ? -8.620  -13.088 -7.848  1.00 47.33 ? 59  GLU A CD    1 
ATOM   550  O OE1   . GLU A 1 68  ? -8.946  -12.142 -8.604  1.00 47.73 ? 59  GLU A OE1   1 
ATOM   551  O OE2   . GLU A 1 68  ? -8.432  -14.255 -8.264  1.00 49.13 ? 59  GLU A OE2   1 
ATOM   552  N N     . LYS A 1 69  ? -8.338  -12.743 -2.564  1.00 36.77 ? 60  LYS A N     1 
ATOM   553  C CA    . LYS A 1 69  ? -8.215  -13.721 -1.491  1.00 35.80 ? 60  LYS A CA    1 
ATOM   554  C C     . LYS A 1 69  ? -8.167  -13.108 -0.094  1.00 35.38 ? 60  LYS A C     1 
ATOM   555  O O     . LYS A 1 69  ? -8.670  -13.703 0.858   1.00 34.82 ? 60  LYS A O     1 
ATOM   556  C CB    . LYS A 1 69  ? -6.962  -14.573 -1.689  1.00 36.41 ? 60  LYS A CB    1 
ATOM   557  C CG    . LYS A 1 69  ? -7.082  -15.603 -2.792  1.00 39.87 ? 60  LYS A CG    1 
ATOM   558  C CD    . LYS A 1 69  ? -5.830  -16.463 -2.886  1.00 40.85 ? 60  LYS A CD    1 
ATOM   559  C CE    . LYS A 1 69  ? -4.631  -15.652 -3.337  1.00 44.07 ? 60  LYS A CE    1 
ATOM   560  N NZ    . LYS A 1 69  ? -3.456  -16.520 -3.621  1.00 46.56 ? 60  LYS A NZ    1 
ATOM   561  N N     . TYR A 1 70  ? -7.582  -11.918 0.031   1.00 34.62 ? 61  TYR A N     1 
ATOM   562  C CA    . TYR A 1 70  ? -7.442  -11.286 1.342   1.00 33.35 ? 61  TYR A CA    1 
ATOM   563  C C     . TYR A 1 70  ? -7.950  -9.857  1.479   1.00 32.59 ? 61  TYR A C     1 
ATOM   564  O O     . TYR A 1 70  ? -7.621  -9.180  2.452   1.00 33.37 ? 61  TYR A O     1 
ATOM   565  C CB    . TYR A 1 70  ? -5.973  -11.316 1.761   1.00 34.41 ? 61  TYR A CB    1 
ATOM   566  C CG    . TYR A 1 70  ? -5.295  -12.647 1.541   1.00 36.09 ? 61  TYR A CG    1 
ATOM   567  C CD1   . TYR A 1 70  ? -5.733  -13.795 2.199   1.00 38.05 ? 61  TYR A CD1   1 
ATOM   568  C CD2   . TYR A 1 70  ? -4.208  -12.760 0.680   1.00 37.51 ? 61  TYR A CD2   1 
ATOM   569  C CE1   . TYR A 1 70  ? -5.101  -15.020 2.006   1.00 38.99 ? 61  TYR A CE1   1 
ATOM   570  C CE2   . TYR A 1 70  ? -3.568  -13.979 0.480   1.00 38.81 ? 61  TYR A CE2   1 
ATOM   571  C CZ    . TYR A 1 70  ? -4.019  -15.104 1.146   1.00 40.27 ? 61  TYR A CZ    1 
ATOM   572  O OH    . TYR A 1 70  ? -3.378  -16.308 0.965   1.00 43.20 ? 61  TYR A OH    1 
ATOM   573  N N     . ALA A 1 71  ? -8.753  -9.392  0.534   1.00 31.33 ? 62  ALA A N     1 
ATOM   574  C CA    . ALA A 1 71  ? -9.249  -8.026  0.612   1.00 31.62 ? 62  ALA A CA    1 
ATOM   575  C C     . ALA A 1 71  ? -10.107 -7.738  1.842   1.00 32.61 ? 62  ALA A C     1 
ATOM   576  O O     . ALA A 1 71  ? -10.319 -6.575  2.192   1.00 32.84 ? 62  ALA A O     1 
ATOM   577  C CB    . ALA A 1 71  ? -10.023 -7.685  -0.646  1.00 30.91 ? 62  ALA A CB    1 
ATOM   578  N N     . HIS A 1 72  ? -10.600 -8.781  2.508   1.00 33.45 ? 63  HIS A N     1 
ATOM   579  C CA    . HIS A 1 72  ? -11.443 -8.566  3.683   1.00 33.85 ? 63  HIS A CA    1 
ATOM   580  C C     . HIS A 1 72  ? -10.683 -7.911  4.833   1.00 33.06 ? 63  HIS A C     1 
ATOM   581  O O     . HIS A 1 72  ? -11.280 -7.253  5.687   1.00 33.37 ? 63  HIS A O     1 
ATOM   582  C CB    . HIS A 1 72  ? -12.088 -9.883  4.154   1.00 34.47 ? 63  HIS A CB    1 
ATOM   583  C CG    . HIS A 1 72  ? -11.111 -10.985 4.423   1.00 36.21 ? 63  HIS A CG    1 
ATOM   584  N ND1   . HIS A 1 72  ? -10.389 -11.603 3.424   1.00 38.67 ? 63  HIS A ND1   1 
ATOM   585  C CD2   . HIS A 1 72  ? -10.745 -11.588 5.579   1.00 37.78 ? 63  HIS A CD2   1 
ATOM   586  C CE1   . HIS A 1 72  ? -9.618  -12.538 3.953   1.00 39.11 ? 63  HIS A CE1   1 
ATOM   587  N NE2   . HIS A 1 72  ? -9.815  -12.549 5.259   1.00 39.03 ? 63  HIS A NE2   1 
ATOM   588  N N     . LEU A 1 73  ? -9.364  -8.073  4.837   1.00 32.72 ? 64  LEU A N     1 
ATOM   589  C CA    . LEU A 1 73  ? -8.526  -7.498  5.883   1.00 31.27 ? 64  LEU A CA    1 
ATOM   590  C C     . LEU A 1 73  ? -7.790  -6.221  5.460   1.00 29.72 ? 64  LEU A C     1 
ATOM   591  O O     . LEU A 1 73  ? -7.008  -5.665  6.234   1.00 28.61 ? 64  LEU A O     1 
ATOM   592  C CB    . LEU A 1 73  ? -7.521  -8.546  6.348   1.00 33.19 ? 64  LEU A CB    1 
ATOM   593  C CG    . LEU A 1 73  ? -8.130  -9.658  7.201   1.00 33.85 ? 64  LEU A CG    1 
ATOM   594  C CD1   . LEU A 1 73  ? -7.318  -10.930 7.058   1.00 35.19 ? 64  LEU A CD1   1 
ATOM   595  C CD2   . LEU A 1 73  ? -8.189  -9.197  8.649   1.00 33.10 ? 64  LEU A CD2   1 
ATOM   596  N N     . LEU A 1 74  ? -8.056  -5.759  4.240   1.00 26.89 ? 65  LEU A N     1 
ATOM   597  C CA    . LEU A 1 74  ? -7.421  -4.561  3.698   1.00 24.59 ? 65  LEU A CA    1 
ATOM   598  C C     . LEU A 1 74  ? -7.913  -3.267  4.355   1.00 23.81 ? 65  LEU A C     1 
ATOM   599  O O     . LEU A 1 74  ? -9.110  -2.989  4.370   1.00 24.00 ? 65  LEU A O     1 
ATOM   600  C CB    . LEU A 1 74  ? -7.666  -4.493  2.190   1.00 23.59 ? 65  LEU A CB    1 
ATOM   601  C CG    . LEU A 1 74  ? -7.087  -3.296  1.428   1.00 24.12 ? 65  LEU A CG    1 
ATOM   602  C CD1   . LEU A 1 74  ? -5.557  -3.334  1.476   1.00 21.24 ? 65  LEU A CD1   1 
ATOM   603  C CD2   . LEU A 1 74  ? -7.580  -3.329  -0.015  1.00 20.49 ? 65  LEU A CD2   1 
ATOM   604  N N     . LEU A 1 75  ? -6.979  -2.477  4.882   1.00 23.03 ? 66  LEU A N     1 
ATOM   605  C CA    . LEU A 1 75  ? -7.299  -1.206  5.544   1.00 21.59 ? 66  LEU A CA    1 
ATOM   606  C C     . LEU A 1 75  ? -7.286  -0.001  4.604   1.00 20.42 ? 66  LEU A C     1 
ATOM   607  O O     . LEU A 1 75  ? -8.051  0.947   4.776   1.00 19.73 ? 66  LEU A O     1 
ATOM   608  C CB    . LEU A 1 75  ? -6.303  -0.940  6.675   1.00 22.64 ? 66  LEU A CB    1 
ATOM   609  C CG    . LEU A 1 75  ? -6.414  -1.739  7.977   1.00 22.51 ? 66  LEU A CG    1 
ATOM   610  C CD1   . LEU A 1 75  ? -5.158  -1.521  8.793   1.00 23.33 ? 66  LEU A CD1   1 
ATOM   611  C CD2   . LEU A 1 75  ? -7.645  -1.302  8.759   1.00 22.79 ? 66  LEU A CD2   1 
ATOM   612  N N     . GLY A 1 76  ? -6.390  -0.040  3.626   1.00 19.07 ? 67  GLY A N     1 
ATOM   613  C CA    . GLY A 1 76  ? -6.263  1.049   2.675   1.00 16.16 ? 67  GLY A CA    1 
ATOM   614  C C     . GLY A 1 76  ? -5.180  0.704   1.667   1.00 16.42 ? 67  GLY A C     1 
ATOM   615  O O     . GLY A 1 76  ? -4.421  -0.259  1.853   1.00 15.11 ? 67  GLY A O     1 
ATOM   616  N N     . VAL A 1 77  ? -5.082  1.487   0.601   1.00 14.36 ? 68  VAL A N     1 
ATOM   617  C CA    . VAL A 1 77  ? -4.092  1.190   -0.420  1.00 14.17 ? 68  VAL A CA    1 
ATOM   618  C C     . VAL A 1 77  ? -3.273  2.400   -0.871  1.00 13.81 ? 68  VAL A C     1 
ATOM   619  O O     . VAL A 1 77  ? -3.773  3.527   -0.910  1.00 13.86 ? 68  VAL A O     1 
ATOM   620  C CB    . VAL A 1 77  ? -4.791  0.552   -1.655  1.00 12.66 ? 68  VAL A CB    1 
ATOM   621  C CG1   . VAL A 1 77  ? -5.797  1.541   -2.250  1.00 13.03 ? 68  VAL A CG1   1 
ATOM   622  C CG2   . VAL A 1 77  ? -3.768  0.138   -2.693  1.00 12.14 ? 68  VAL A CG2   1 
ATOM   623  N N     . ALA A 1 78  ? -2.004  2.151   -1.185  1.00 12.75 ? 69  ALA A N     1 
ATOM   624  C CA    . ALA A 1 78  ? -1.097  3.181   -1.694  1.00 12.78 ? 69  ALA A CA    1 
ATOM   625  C C     . ALA A 1 78  ? -0.505  2.587   -2.974  1.00 13.12 ? 69  ALA A C     1 
ATOM   626  O O     . ALA A 1 78  ? -0.303  1.373   -3.060  1.00 13.92 ? 69  ALA A O     1 
ATOM   627  C CB    . ALA A 1 78  ? 0.018   3.479   -0.684  1.00 10.97 ? 69  ALA A CB    1 
ATOM   628  N N     . ALA A 1 79  ? -0.238  3.423   -3.972  1.00 12.46 ? 70  ALA A N     1 
ATOM   629  C CA    . ALA A 1 79  ? 0.321   2.905   -5.219  1.00 12.80 ? 70  ALA A CA    1 
ATOM   630  C C     . ALA A 1 79  ? 1.431   3.769   -5.792  1.00 12.84 ? 70  ALA A C     1 
ATOM   631  O O     . ALA A 1 79  ? 1.383   5.000   -5.732  1.00 14.13 ? 70  ALA A O     1 
ATOM   632  C CB    . ALA A 1 79  ? -0.783  2.732   -6.260  1.00 10.77 ? 70  ALA A CB    1 
ATOM   633  N N     . SER A 1 80  ? 2.440   3.097   -6.333  1.00 12.99 ? 71  SER A N     1 
ATOM   634  C CA    . SER A 1 80  ? 3.569   3.755   -6.966  1.00 13.76 ? 71  SER A CA    1 
ATOM   635  C C     . SER A 1 80  ? 3.284   3.781   -8.472  1.00 14.24 ? 71  SER A C     1 
ATOM   636  O O     . SER A 1 80  ? 2.752   2.815   -9.028  1.00 13.86 ? 71  SER A O     1 
ATOM   637  C CB    . SER A 1 80  ? 4.853   2.972   -6.702  1.00 13.61 ? 71  SER A CB    1 
ATOM   638  O OG    . SER A 1 80  ? 5.928   3.512   -7.448  1.00 13.02 ? 71  SER A OG    1 
ATOM   639  N N     . GLY A 1 81  ? 3.625   4.893   -9.116  1.00 12.95 ? 72  GLY A N     1 
ATOM   640  C CA    . GLY A 1 81  ? 3.416   5.032   -10.542 1.00 11.33 ? 72  GLY A CA    1 
ATOM   641  C C     . GLY A 1 81  ? 4.472   5.948   -11.130 1.00 12.78 ? 72  GLY A C     1 
ATOM   642  O O     . GLY A 1 81  ? 5.582   6.073   -10.590 1.00 12.64 ? 72  GLY A O     1 
ATOM   643  N N     . ASN A 1 82  ? 4.127   6.603   -12.232 1.00 12.36 ? 73  ASN A N     1 
ATOM   644  C CA    . ASN A 1 82  ? 5.042   7.515   -12.909 1.00 13.02 ? 73  ASN A CA    1 
ATOM   645  C C     . ASN A 1 82  ? 4.163   8.500   -13.669 1.00 14.31 ? 73  ASN A C     1 
ATOM   646  O O     . ASN A 1 82  ? 3.388   8.101   -14.543 1.00 13.00 ? 73  ASN A O     1 
ATOM   647  C CB    . ASN A 1 82  ? 5.933   6.727   -13.878 1.00 13.42 ? 73  ASN A CB    1 
ATOM   648  C CG    . ASN A 1 82  ? 7.016   7.579   -14.498 1.00 13.96 ? 73  ASN A CG    1 
ATOM   649  O OD1   . ASN A 1 82  ? 6.845   8.779   -14.673 1.00 16.11 ? 73  ASN A OD1   1 
ATOM   650  N ND2   . ASN A 1 82  ? 8.132   6.955   -14.854 1.00 12.26 ? 73  ASN A ND2   1 
ATOM   651  N N     . LYS A 1 83  ? 4.277   9.786   -13.339 1.00 14.81 ? 74  LYS A N     1 
ATOM   652  C CA    . LYS A 1 83  ? 3.446   10.804  -13.984 1.00 15.65 ? 74  LYS A CA    1 
ATOM   653  C C     . LYS A 1 83  ? 3.611   10.923  -15.496 1.00 14.30 ? 74  LYS A C     1 
ATOM   654  O O     . LYS A 1 83  ? 2.836   11.602  -16.159 1.00 14.81 ? 74  LYS A O     1 
ATOM   655  C CB    . LYS A 1 83  ? 3.657   12.162  -13.312 1.00 16.75 ? 74  LYS A CB    1 
ATOM   656  C CG    . LYS A 1 83  ? 3.079   12.222  -11.901 1.00 19.00 ? 74  LYS A CG    1 
ATOM   657  C CD    . LYS A 1 83  ? 3.351   13.568  -11.258 1.00 23.15 ? 74  LYS A CD    1 
ATOM   658  C CE    . LYS A 1 83  ? 2.924   13.597  -9.798  1.00 26.03 ? 74  LYS A CE    1 
ATOM   659  N NZ    . LYS A 1 83  ? 1.460   13.412  -9.668  1.00 31.56 ? 74  LYS A NZ    1 
ATOM   660  N N     . VAL A 1 84  ? 4.628   10.265  -16.034 1.00 13.74 ? 75  VAL A N     1 
ATOM   661  C CA    . VAL A 1 84  ? 4.847   10.244  -17.470 1.00 13.22 ? 75  VAL A CA    1 
ATOM   662  C C     . VAL A 1 84  ? 3.574   9.629   -18.079 1.00 14.28 ? 75  VAL A C     1 
ATOM   663  O O     . VAL A 1 84  ? 3.236   9.870   -19.242 1.00 14.45 ? 75  VAL A O     1 
ATOM   664  C CB    . VAL A 1 84  ? 6.083   9.364   -17.807 1.00 13.74 ? 75  VAL A CB    1 
ATOM   665  C CG1   . VAL A 1 84  ? 6.005   8.856   -19.232 1.00 15.55 ? 75  VAL A CG1   1 
ATOM   666  C CG2   . VAL A 1 84  ? 7.361   10.172  -17.608 1.00 13.05 ? 75  VAL A CG2   1 
ATOM   667  N N     . TRP A 1 85  ? 2.857   8.845   -17.271 1.00 13.82 ? 76  TRP A N     1 
ATOM   668  C CA    . TRP A 1 85  ? 1.634   8.190   -17.720 1.00 13.61 ? 76  TRP A CA    1 
ATOM   669  C C     . TRP A 1 85  ? 0.369   9.045   -17.641 1.00 13.86 ? 76  TRP A C     1 
ATOM   670  O O     . TRP A 1 85  ? -0.723  8.558   -17.899 1.00 14.32 ? 76  TRP A O     1 
ATOM   671  C CB    . TRP A 1 85  ? 1.431   6.890   -16.947 1.00 12.69 ? 76  TRP A CB    1 
ATOM   672  C CG    . TRP A 1 85  ? 2.020   5.703   -17.636 1.00 12.89 ? 76  TRP A CG    1 
ATOM   673  C CD1   . TRP A 1 85  ? 1.362   4.812   -18.438 1.00 13.69 ? 76  TRP A CD1   1 
ATOM   674  C CD2   . TRP A 1 85  ? 3.387   5.271   -17.591 1.00 13.10 ? 76  TRP A CD2   1 
ATOM   675  N NE1   . TRP A 1 85  ? 2.233   3.848   -18.888 1.00 13.51 ? 76  TRP A NE1   1 
ATOM   676  C CE2   . TRP A 1 85  ? 3.483   4.106   -18.388 1.00 12.64 ? 76  TRP A CE2   1 
ATOM   677  C CE3   . TRP A 1 85  ? 4.540   5.754   -16.955 1.00 12.09 ? 76  TRP A CE3   1 
ATOM   678  C CZ2   . TRP A 1 85  ? 4.688   3.416   -18.568 1.00 13.10 ? 76  TRP A CZ2   1 
ATOM   679  C CZ3   . TRP A 1 85  ? 5.746   5.064   -17.136 1.00 12.80 ? 76  TRP A CZ3   1 
ATOM   680  C CH2   . TRP A 1 85  ? 5.806   3.906   -17.937 1.00 11.77 ? 76  TRP A CH2   1 
ATOM   681  N N     . GLY A 1 86  ? 0.518   10.313  -17.277 1.00 13.87 ? 77  GLY A N     1 
ATOM   682  C CA    . GLY A 1 86  ? -0.627  11.207  -17.217 1.00 14.23 ? 77  GLY A CA    1 
ATOM   683  C C     . GLY A 1 86  ? -1.821  10.744  -16.401 1.00 15.65 ? 77  GLY A C     1 
ATOM   684  O O     . GLY A 1 86  ? -1.682  10.438  -15.217 1.00 15.41 ? 77  GLY A O     1 
ATOM   685  N N     . ASP A 1 87  ? -2.995  10.702  -17.035 1.00 16.38 ? 78  ASP A N     1 
ATOM   686  C CA    . ASP A 1 87  ? -4.234  10.291  -16.375 1.00 17.17 ? 78  ASP A CA    1 
ATOM   687  C C     . ASP A 1 87  ? -4.199  8.872   -15.824 1.00 16.90 ? 78  ASP A C     1 
ATOM   688  O O     . ASP A 1 87  ? -5.051  8.493   -15.018 1.00 17.79 ? 78  ASP A O     1 
ATOM   689  C CB    . ASP A 1 87  ? -5.425  10.426  -17.328 1.00 21.10 ? 78  ASP A CB    1 
ATOM   690  C CG    . ASP A 1 87  ? -5.665  11.859  -17.758 1.00 26.11 ? 78  ASP A CG    1 
ATOM   691  O OD1   . ASP A 1 87  ? -5.502  12.765  -16.915 1.00 28.92 ? 78  ASP A OD1   1 
ATOM   692  O OD2   . ASP A 1 87  ? -6.029  12.086  -18.931 1.00 30.78 ? 78  ASP A OD2   1 
ATOM   693  N N     . ASN A 1 88  ? -3.233  8.078   -16.266 1.00 14.88 ? 79  ASN A N     1 
ATOM   694  C CA    . ASN A 1 88  ? -3.120  6.720   -15.767 1.00 14.77 ? 79  ASN A CA    1 
ATOM   695  C C     . ASN A 1 88  ? -2.152  6.645   -14.596 1.00 13.61 ? 79  ASN A C     1 
ATOM   696  O O     . ASN A 1 88  ? -1.855  5.564   -14.112 1.00 14.32 ? 79  ASN A O     1 
ATOM   697  C CB    . ASN A 1 88  ? -2.661  5.768   -16.874 1.00 17.28 ? 79  ASN A CB    1 
ATOM   698  C CG    . ASN A 1 88  ? -3.806  5.327   -17.783 1.00 18.84 ? 79  ASN A CG    1 
ATOM   699  O OD1   . ASN A 1 88  ? -4.898  5.003   -17.309 1.00 18.31 ? 79  ASN A OD1   1 
ATOM   700  N ND2   . ASN A 1 88  ? -3.553  5.297   -19.090 1.00 16.56 ? 79  ASN A ND2   1 
ATOM   701  N N     . PHE A 1 89  ? -1.664  7.790   -14.136 1.00 13.63 ? 80  PHE A N     1 
ATOM   702  C CA    . PHE A 1 89  ? -0.722  7.813   -13.020 1.00 13.29 ? 80  PHE A CA    1 
ATOM   703  C C     . PHE A 1 89  ? -1.232  7.095   -11.769 1.00 13.73 ? 80  PHE A C     1 
ATOM   704  O O     . PHE A 1 89  ? -2.253  7.482   -11.196 1.00 13.46 ? 80  PHE A O     1 
ATOM   705  C CB    . PHE A 1 89  ? -0.367  9.250   -12.642 1.00 13.66 ? 80  PHE A CB    1 
ATOM   706  C CG    . PHE A 1 89  ? 0.371   9.359   -11.333 1.00 13.51 ? 80  PHE A CG    1 
ATOM   707  C CD1   . PHE A 1 89  ? 1.608   8.752   -11.167 1.00 13.06 ? 80  PHE A CD1   1 
ATOM   708  C CD2   . PHE A 1 89  ? -0.186  10.037  -10.257 1.00 14.85 ? 80  PHE A CD2   1 
ATOM   709  C CE1   . PHE A 1 89  ? 2.281   8.817   -9.952  1.00 11.04 ? 80  PHE A CE1   1 
ATOM   710  C CE2   . PHE A 1 89  ? 0.483   10.108  -9.032  1.00 13.00 ? 80  PHE A CE2   1 
ATOM   711  C CZ    . PHE A 1 89  ? 1.721   9.492   -8.887  1.00 11.23 ? 80  PHE A CZ    1 
ATOM   712  N N     . ALA A 1 90  ? -0.507  6.060   -11.351 1.00 12.89 ? 81  ALA A N     1 
ATOM   713  C CA    . ALA A 1 90  ? -0.837  5.273   -10.163 1.00 13.32 ? 81  ALA A CA    1 
ATOM   714  C C     . ALA A 1 90  ? -2.326  4.940   -10.045 1.00 14.57 ? 81  ALA A C     1 
ATOM   715  O O     . ALA A 1 90  ? -2.862  4.862   -8.934  1.00 13.04 ? 81  ALA A O     1 
ATOM   716  C CB    . ALA A 1 90  ? -0.369  6.019   -8.910  1.00 12.21 ? 81  ALA A CB    1 
ATOM   717  N N     . LYS A 1 91  ? -2.977  4.719   -11.185 1.00 15.36 ? 82  LYS A N     1 
ATOM   718  C CA    . LYS A 1 91  ? -4.411  4.434   -11.202 1.00 17.78 ? 82  LYS A CA    1 
ATOM   719  C C     . LYS A 1 91  ? -4.820  3.152   -10.467 1.00 17.25 ? 82  LYS A C     1 
ATOM   720  O O     . LYS A 1 91  ? -6.000  2.959   -10.153 1.00 16.13 ? 82  LYS A O     1 
ATOM   721  C CB    . LYS A 1 91  ? -4.932  4.410   -12.651 1.00 19.84 ? 82  LYS A CB    1 
ATOM   722  C CG    . LYS A 1 91  ? -6.451  4.376   -12.752 1.00 25.81 ? 82  LYS A CG    1 
ATOM   723  C CD    . LYS A 1 91  ? -6.960  4.333   -14.195 1.00 31.18 ? 82  LYS A CD    1 
ATOM   724  C CE    . LYS A 1 91  ? -6.823  5.686   -14.890 1.00 35.48 ? 82  LYS A CE    1 
ATOM   725  N NZ    . LYS A 1 91  ? -7.382  5.673   -16.285 1.00 38.77 ? 82  LYS A NZ    1 
ATOM   726  N N     . SER A 1 92  ? -3.860  2.278   -10.179 1.00 15.32 ? 83  SER A N     1 
ATOM   727  C CA    . SER A 1 92  ? -4.184  1.048   -9.467  1.00 16.41 ? 83  SER A CA    1 
ATOM   728  C C     . SER A 1 92  ? -4.775  1.342   -8.081  1.00 16.51 ? 83  SER A C     1 
ATOM   729  O O     . SER A 1 92  ? -5.617  0.586   -7.590  1.00 16.45 ? 83  SER A O     1 
ATOM   730  C CB    . SER A 1 92  ? -2.944  0.159   -9.344  1.00 16.85 ? 83  SER A CB    1 
ATOM   731  O OG    . SER A 1 92  ? -1.828  0.906   -8.905  1.00 21.23 ? 83  SER A OG    1 
ATOM   732  N N     . ALA A 1 93  ? -4.350  2.443   -7.462  1.00 15.62 ? 84  ALA A N     1 
ATOM   733  C CA    . ALA A 1 93  ? -4.857  2.830   -6.141  1.00 16.90 ? 84  ALA A CA    1 
ATOM   734  C C     . ALA A 1 93  ? -6.340  3.205   -6.231  1.00 18.49 ? 84  ALA A C     1 
ATOM   735  O O     . ALA A 1 93  ? -7.142  2.830   -5.375  1.00 19.33 ? 84  ALA A O     1 
ATOM   736  C CB    . ALA A 1 93  ? -4.047  4.007   -5.580  1.00 14.05 ? 84  ALA A CB    1 
ATOM   737  N N     . ASP A 1 94  ? -6.699  3.945   -7.277  1.00 19.27 ? 85  ASP A N     1 
ATOM   738  C CA    . ASP A 1 94  ? -8.082  4.350   -7.496  1.00 19.78 ? 85  ASP A CA    1 
ATOM   739  C C     . ASP A 1 94  ? -8.966  3.139   -7.754  1.00 19.99 ? 85  ASP A C     1 
ATOM   740  O O     . ASP A 1 94  ? -10.068 3.032   -7.216  1.00 19.64 ? 85  ASP A O     1 
ATOM   741  C CB    . ASP A 1 94  ? -8.155  5.293   -8.687  1.00 22.05 ? 85  ASP A CB    1 
ATOM   742  C CG    . ASP A 1 94  ? -7.379  6.562   -8.458  1.00 23.01 ? 85  ASP A CG    1 
ATOM   743  O OD1   . ASP A 1 94  ? -7.902  7.462   -7.773  1.00 25.40 ? 85  ASP A OD1   1 
ATOM   744  O OD2   . ASP A 1 94  ? -6.239  6.655   -8.948  1.00 26.23 ? 85  ASP A OD2   1 
ATOM   745  N N     . THR A 1 95  ? -8.473  2.226   -8.581  1.00 19.73 ? 86  THR A N     1 
ATOM   746  C CA    . THR A 1 95  ? -9.210  1.020   -8.918  1.00 20.53 ? 86  THR A CA    1 
ATOM   747  C C     . THR A 1 95  ? -9.449  0.150   -7.693  1.00 21.61 ? 86  THR A C     1 
ATOM   748  O O     . THR A 1 95  ? -10.567 -0.311  -7.455  1.00 22.13 ? 86  THR A O     1 
ATOM   749  C CB    . THR A 1 95  ? -8.457  0.210   -9.977  1.00 20.26 ? 86  THR A CB    1 
ATOM   750  O OG1   . THR A 1 95  ? -8.362  0.992   -11.170 1.00 18.72 ? 86  THR A OG1   1 
ATOM   751  C CG2   . THR A 1 95  ? -9.185  -1.097  -10.283 1.00 19.25 ? 86  THR A CG2   1 
ATOM   752  N N     . ILE A 1 96  ? -8.397  -0.075  -6.915  1.00 21.09 ? 87  ILE A N     1 
ATOM   753  C CA    . ILE A 1 96  ? -8.511  -0.885  -5.711  1.00 20.75 ? 87  ILE A CA    1 
ATOM   754  C C     . ILE A 1 96  ? -9.458  -0.227  -4.706  1.00 21.87 ? 87  ILE A C     1 
ATOM   755  O O     . ILE A 1 96  ? -10.330 -0.886  -4.136  1.00 22.06 ? 87  ILE A O     1 
ATOM   756  C CB    . ILE A 1 96  ? -7.129  -1.102  -5.075  1.00 18.57 ? 87  ILE A CB    1 
ATOM   757  C CG1   . ILE A 1 96  ? -6.274  -1.953  -6.020  1.00 19.00 ? 87  ILE A CG1   1 
ATOM   758  C CG2   . ILE A 1 96  ? -7.271  -1.747  -3.710  1.00 17.20 ? 87  ILE A CG2   1 
ATOM   759  C CD1   . ILE A 1 96  ? -4.873  -2.228  -5.534  1.00 18.32 ? 87  ILE A CD1   1 
ATOM   760  N N     . SER A 1 97  ? -9.295  1.078   -4.512  1.00 22.75 ? 88  SER A N     1 
ATOM   761  C CA    . SER A 1 97  ? -10.129 1.844   -3.588  1.00 24.59 ? 88  SER A CA    1 
ATOM   762  C C     . SER A 1 97  ? -11.626 1.663   -3.874  1.00 28.36 ? 88  SER A C     1 
ATOM   763  O O     . SER A 1 97  ? -12.396 1.286   -2.986  1.00 28.00 ? 88  SER A O     1 
ATOM   764  C CB    . SER A 1 97  ? -9.759  3.325   -3.680  1.00 22.90 ? 88  SER A CB    1 
ATOM   765  O OG    . SER A 1 97  ? -10.576 4.122   -2.843  1.00 20.61 ? 88  SER A OG    1 
ATOM   766  N N     . ARG A 1 98  ? -12.033 1.933   -5.113  1.00 31.35 ? 89  ARG A N     1 
ATOM   767  C CA    . ARG A 1 98  ? -13.434 1.803   -5.514  1.00 34.00 ? 89  ARG A CA    1 
ATOM   768  C C     . ARG A 1 98  ? -13.894 0.355   -5.430  1.00 33.99 ? 89  ARG A C     1 
ATOM   769  O O     . ARG A 1 98  ? -14.957 0.053   -4.892  1.00 34.94 ? 89  ARG A O     1 
ATOM   770  C CB    . ARG A 1 98  ? -13.626 2.308   -6.949  1.00 37.12 ? 89  ARG A CB    1 
ATOM   771  C CG    . ARG A 1 98  ? -15.069 2.212   -7.444  1.00 42.61 ? 89  ARG A CG    1 
ATOM   772  C CD    . ARG A 1 98  ? -15.222 2.602   -8.912  1.00 45.66 ? 89  ARG A CD    1 
ATOM   773  N NE    . ARG A 1 98  ? -14.424 1.758   -9.802  1.00 51.04 ? 89  ARG A NE    1 
ATOM   774  C CZ    . ARG A 1 98  ? -13.171 2.020   -10.170 1.00 52.17 ? 89  ARG A CZ    1 
ATOM   775  N NH1   . ARG A 1 98  ? -12.556 3.113   -9.733  1.00 53.55 ? 89  ARG A NH1   1 
ATOM   776  N NH2   . ARG A 1 98  ? -12.530 1.184   -10.978 1.00 52.37 ? 89  ARG A NH2   1 
ATOM   777  N N     . GLN A 1 99  ? -13.078 -0.534  -5.970  1.00 34.57 ? 90  GLN A N     1 
ATOM   778  C CA    . GLN A 1 99  ? -13.373 -1.954  -5.980  1.00 35.52 ? 90  GLN A CA    1 
ATOM   779  C C     . GLN A 1 99  ? -13.631 -2.547  -4.594  1.00 35.10 ? 90  GLN A C     1 
ATOM   780  O O     . GLN A 1 99  ? -14.647 -3.207  -4.367  1.00 34.27 ? 90  GLN A O     1 
ATOM   781  C CB    . GLN A 1 99  ? -12.212 -2.704  -6.631  1.00 38.40 ? 90  GLN A CB    1 
ATOM   782  C CG    . GLN A 1 99  ? -12.369 -4.203  -6.639  1.00 44.13 ? 90  GLN A CG    1 
ATOM   783  C CD    . GLN A 1 99  ? -13.197 -4.689  -7.805  1.00 48.56 ? 90  GLN A CD    1 
ATOM   784  O OE1   . GLN A 1 99  ? -14.156 -4.030  -8.216  1.00 51.39 ? 90  GLN A OE1   1 
ATOM   785  N NE2   . GLN A 1 99  ? -12.840 -5.855  -8.344  1.00 49.25 ? 90  GLN A NE2   1 
ATOM   786  N N     . TYR A 1 100 ? -12.712 -2.309  -3.667  1.00 33.41 ? 91  TYR A N     1 
ATOM   787  C CA    . TYR A 1 100 ? -12.827 -2.872  -2.330  1.00 31.55 ? 91  TYR A CA    1 
ATOM   788  C C     . TYR A 1 100 ? -13.309 -1.935  -1.231  1.00 31.41 ? 91  TYR A C     1 
ATOM   789  O O     . TYR A 1 100 ? -13.312 -2.298  -0.051  1.00 31.07 ? 91  TYR A O     1 
ATOM   790  C CB    . TYR A 1 100 ? -11.489 -3.499  -1.950  1.00 31.20 ? 91  TYR A CB    1 
ATOM   791  C CG    . TYR A 1 100 ? -11.159 -4.672  -2.832  1.00 30.34 ? 91  TYR A CG    1 
ATOM   792  C CD1   . TYR A 1 100 ? -11.826 -5.885  -2.683  1.00 30.44 ? 91  TYR A CD1   1 
ATOM   793  C CD2   . TYR A 1 100 ? -10.229 -4.557  -3.860  1.00 30.22 ? 91  TYR A CD2   1 
ATOM   794  C CE1   . TYR A 1 100 ? -11.582 -6.955  -3.535  1.00 30.05 ? 91  TYR A CE1   1 
ATOM   795  C CE2   . TYR A 1 100 ? -9.977  -5.623  -4.721  1.00 30.06 ? 91  TYR A CE2   1 
ATOM   796  C CZ    . TYR A 1 100 ? -10.658 -6.817  -4.551  1.00 30.37 ? 91  TYR A CZ    1 
ATOM   797  O OH    . TYR A 1 100 ? -10.424 -7.874  -5.400  1.00 31.36 ? 91  TYR A OH    1 
ATOM   798  N N     . GLN A 1 101 ? -13.722 -0.735  -1.617  1.00 30.73 ? 92  GLN A N     1 
ATOM   799  C CA    . GLN A 1 101 ? -14.224 0.233   -0.653  1.00 31.49 ? 92  GLN A CA    1 
ATOM   800  C C     . GLN A 1 101 ? -13.252 0.538   0.487   1.00 30.14 ? 92  GLN A C     1 
ATOM   801  O O     . GLN A 1 101 ? -13.621 0.446   1.658   1.00 30.05 ? 92  GLN A O     1 
ATOM   802  C CB    . GLN A 1 101 ? -15.548 -0.262  -0.058  1.00 34.66 ? 92  GLN A CB    1 
ATOM   803  C CG    . GLN A 1 101 ? -16.701 -0.363  -1.043  1.00 38.69 ? 92  GLN A CG    1 
ATOM   804  C CD    . GLN A 1 101 ? -17.002 0.960   -1.724  1.00 43.03 ? 92  GLN A CD    1 
ATOM   805  O OE1   . GLN A 1 101 ? -16.407 1.296   -2.753  1.00 44.86 ? 92  GLN A OE1   1 
ATOM   806  N NE2   . GLN A 1 101 ? -17.919 1.729   -1.141  1.00 44.56 ? 92  GLN A NE2   1 
ATOM   807  N N     . VAL A 1 102 ? -12.012 0.883   0.148   1.00 27.16 ? 93  VAL A N     1 
ATOM   808  C CA    . VAL A 1 102 ? -11.010 1.235   1.152   1.00 24.06 ? 93  VAL A CA    1 
ATOM   809  C C     . VAL A 1 102 ? -10.412 2.567   0.725   1.00 23.05 ? 93  VAL A C     1 
ATOM   810  O O     . VAL A 1 102 ? -10.434 2.921   -0.458  1.00 22.93 ? 93  VAL A O     1 
ATOM   811  C CB    . VAL A 1 102 ? -9.877  0.176   1.271   1.00 22.37 ? 93  VAL A CB    1 
ATOM   812  C CG1   . VAL A 1 102 ? -10.449 -1.140  1.746   1.00 21.42 ? 93  VAL A CG1   1 
ATOM   813  C CG2   . VAL A 1 102 ? -9.170  0.002   -0.066  1.00 21.10 ? 93  VAL A CG2   1 
ATOM   814  N N     . PRO A 1 103 ? -9.873  3.332   1.680   1.00 21.71 ? 94  PRO A N     1 
ATOM   815  C CA    . PRO A 1 103 ? -9.290  4.624   1.325   1.00 19.76 ? 94  PRO A CA    1 
ATOM   816  C C     . PRO A 1 103 ? -7.949  4.523   0.617   1.00 18.83 ? 94  PRO A C     1 
ATOM   817  O O     . PRO A 1 103 ? -7.223  3.532   0.761   1.00 17.92 ? 94  PRO A O     1 
ATOM   818  C CB    . PRO A 1 103 ? -9.172  5.319   2.674   1.00 20.58 ? 94  PRO A CB    1 
ATOM   819  C CG    . PRO A 1 103 ? -8.839  4.183   3.587   1.00 20.77 ? 94  PRO A CG    1 
ATOM   820  C CD    . PRO A 1 103 ? -9.809  3.105   3.135   1.00 21.46 ? 94  PRO A CD    1 
ATOM   821  N N     . ILE A 1 104 ? -7.641  5.544   -0.172  1.00 16.70 ? 95  ILE A N     1 
ATOM   822  C CA    . ILE A 1 104 ? -6.363  5.614   -0.864  1.00 17.66 ? 95  ILE A CA    1 
ATOM   823  C C     . ILE A 1 104 ? -5.448  6.318   0.130   1.00 17.49 ? 95  ILE A C     1 
ATOM   824  O O     . ILE A 1 104 ? -5.710  7.458   0.515   1.00 17.91 ? 95  ILE A O     1 
ATOM   825  C CB    . ILE A 1 104 ? -6.457  6.465   -2.145  1.00 17.94 ? 95  ILE A CB    1 
ATOM   826  C CG1   . ILE A 1 104 ? -7.268  5.713   -3.210  1.00 18.70 ? 95  ILE A CG1   1 
ATOM   827  C CG2   . ILE A 1 104 ? -5.053  6.813   -2.645  1.00 18.05 ? 95  ILE A CG2   1 
ATOM   828  C CD1   . ILE A 1 104 ? -7.542  6.521   -4.462  1.00 18.70 ? 95  ILE A CD1   1 
ATOM   829  N N     . LEU A 1 105 ? -4.389  5.643   0.563   1.00 17.79 ? 96  LEU A N     1 
ATOM   830  C CA    . LEU A 1 105 ? -3.471  6.241   1.532   1.00 17.82 ? 96  LEU A CA    1 
ATOM   831  C C     . LEU A 1 105 ? -2.527  7.248   0.881   1.00 17.62 ? 96  LEU A C     1 
ATOM   832  O O     . LEU A 1 105 ? -2.227  8.294   1.467   1.00 18.07 ? 96  LEU A O     1 
ATOM   833  C CB    . LEU A 1 105 ? -2.675  5.145   2.245   1.00 17.47 ? 96  LEU A CB    1 
ATOM   834  C CG    . LEU A 1 105 ? -3.569  4.130   2.973   1.00 19.81 ? 96  LEU A CG    1 
ATOM   835  C CD1   . LEU A 1 105 ? -2.729  3.009   3.564   1.00 19.07 ? 96  LEU A CD1   1 
ATOM   836  C CD2   . LEU A 1 105 ? -4.367  4.850   4.061   1.00 21.17 ? 96  LEU A CD2   1 
ATOM   837  N N     . HIS A 1 106 ? -2.071  6.937   -0.329  1.00 14.84 ? 97  HIS A N     1 
ATOM   838  C CA    . HIS A 1 106 ? -1.170  7.829   -1.048  1.00 14.02 ? 97  HIS A CA    1 
ATOM   839  C C     . HIS A 1 106 ? -0.848  7.284   -2.445  1.00 14.21 ? 97  HIS A C     1 
ATOM   840  O O     . HIS A 1 106 ? -0.943  6.081   -2.701  1.00 12.56 ? 97  HIS A O     1 
ATOM   841  C CB    . HIS A 1 106 ? 0.130   8.016   -0.246  1.00 13.73 ? 97  HIS A CB    1 
ATOM   842  C CG    . HIS A 1 106 ? 1.002   9.124   -0.747  1.00 12.19 ? 97  HIS A CG    1 
ATOM   843  N ND1   . HIS A 1 106 ? 0.537   10.406  -0.945  1.00 14.44 ? 97  HIS A ND1   1 
ATOM   844  C CD2   . HIS A 1 106 ? 2.313   9.146   -1.087  1.00 14.72 ? 97  HIS A CD2   1 
ATOM   845  C CE1   . HIS A 1 106 ? 1.520   11.168  -1.389  1.00 13.22 ? 97  HIS A CE1   1 
ATOM   846  N NE2   . HIS A 1 106 ? 2.609   10.428  -1.485  1.00 13.81 ? 97  HIS A NE2   1 
ATOM   847  N N     . LYS A 1 107 ? -0.503  8.196   -3.350  1.00 14.17 ? 98  LYS A N     1 
ATOM   848  C CA    . LYS A 1 107 ? -0.113  7.841   -4.710  1.00 14.17 ? 98  LYS A CA    1 
ATOM   849  C C     . LYS A 1 107 ? 1.200   8.594   -4.908  1.00 13.57 ? 98  LYS A C     1 
ATOM   850  O O     . LYS A 1 107 ? 1.274   9.794   -4.667  1.00 13.85 ? 98  LYS A O     1 
ATOM   851  C CB    . LYS A 1 107 ? -1.178  8.296   -5.721  1.00 14.23 ? 98  LYS A CB    1 
ATOM   852  C CG    . LYS A 1 107 ? -2.583  7.791   -5.376  1.00 16.92 ? 98  LYS A CG    1 
ATOM   853  C CD    . LYS A 1 107 ? -3.496  7.619   -6.587  1.00 17.96 ? 98  LYS A CD    1 
ATOM   854  C CE    . LYS A 1 107 ? -3.650  8.885   -7.397  1.00 19.59 ? 98  LYS A CE    1 
ATOM   855  N NZ    . LYS A 1 107 ? -4.574  8.704   -8.554  1.00 17.36 ? 98  LYS A NZ    1 
ATOM   856  N N     . PHE A 1 108 ? 2.249   7.891   -5.316  1.00 13.66 ? 99  PHE A N     1 
ATOM   857  C CA    . PHE A 1 108 ? 3.542   8.540   -5.486  1.00 13.15 ? 99  PHE A CA    1 
ATOM   858  C C     . PHE A 1 108 ? 4.297   8.018   -6.688  1.00 12.25 ? 99  PHE A C     1 
ATOM   859  O O     . PHE A 1 108 ? 3.941   6.990   -7.260  1.00 12.87 ? 99  PHE A O     1 
ATOM   860  C CB    . PHE A 1 108 ? 4.385   8.343   -4.224  1.00 12.11 ? 99  PHE A CB    1 
ATOM   861  C CG    . PHE A 1 108 ? 4.575   6.908   -3.852  1.00 11.90 ? 99  PHE A CG    1 
ATOM   862  C CD1   . PHE A 1 108 ? 5.724   6.227   -4.228  1.00 11.57 ? 99  PHE A CD1   1 
ATOM   863  C CD2   . PHE A 1 108 ? 3.572   6.218   -3.168  1.00 12.43 ? 99  PHE A CD2   1 
ATOM   864  C CE1   . PHE A 1 108 ? 5.877   4.879   -3.930  1.00 11.22 ? 99  PHE A CE1   1 
ATOM   865  C CE2   . PHE A 1 108 ? 3.711   4.871   -2.865  1.00 10.66 ? 99  PHE A CE2   1 
ATOM   866  C CZ    . PHE A 1 108 ? 4.862   4.196   -3.246  1.00 12.59 ? 99  PHE A CZ    1 
ATOM   867  N N     . GLU A 1 109 ? 5.352   8.732   -7.058  1.00 12.90 ? 100 GLU A N     1 
ATOM   868  C CA    . GLU A 1 109 ? 6.173   8.345   -8.196  1.00 12.59 ? 100 GLU A CA    1 
ATOM   869  C C     . GLU A 1 109 ? 7.378   7.499   -7.829  1.00 12.97 ? 100 GLU A C     1 
ATOM   870  O O     . GLU A 1 109 ? 8.124   7.826   -6.905  1.00 12.69 ? 100 GLU A O     1 
ATOM   871  C CB    . GLU A 1 109 ? 6.673   9.580   -8.934  1.00 13.25 ? 100 GLU A CB    1 
ATOM   872  C CG    . GLU A 1 109 ? 5.631   10.280  -9.747  1.00 14.25 ? 100 GLU A CG    1 
ATOM   873  C CD    . GLU A 1 109 ? 6.252   11.300  -10.664 1.00 17.17 ? 100 GLU A CD    1 
ATOM   874  O OE1   . GLU A 1 109 ? 6.598   12.392  -10.175 1.00 20.25 ? 100 GLU A OE1   1 
ATOM   875  O OE2   . GLU A 1 109 ? 6.413   11.008  -11.867 1.00 18.05 ? 100 GLU A OE2   1 
ATOM   876  N N     . LEU A 1 110 ? 7.564   6.414   -8.574  1.00 12.35 ? 101 LEU A N     1 
ATOM   877  C CA    . LEU A 1 110 ? 8.698   5.519   -8.383  1.00 12.05 ? 101 LEU A CA    1 
ATOM   878  C C     . LEU A 1 110 ? 8.947   5.128   -6.923  1.00 11.74 ? 101 LEU A C     1 
ATOM   879  O O     . LEU A 1 110 ? 8.051   4.613   -6.258  1.00 11.89 ? 101 LEU A O     1 
ATOM   880  C CB    . LEU A 1 110 ? 9.946   6.168   -9.004  1.00 11.92 ? 101 LEU A CB    1 
ATOM   881  C CG    . LEU A 1 110 ? 9.706   6.682   -10.436 1.00 12.19 ? 101 LEU A CG    1 
ATOM   882  C CD1   . LEU A 1 110 ? 10.958  7.367   -10.952 1.00 14.41 ? 101 LEU A CD1   1 
ATOM   883  C CD2   . LEU A 1 110 ? 9.307   5.529   -11.362 1.00 11.23 ? 101 LEU A CD2   1 
ATOM   884  N N     . SER A 1 111 ? 10.160  5.363   -6.430  1.00 11.77 ? 102 SER A N     1 
ATOM   885  C CA    . SER A 1 111 ? 10.504  5.017   -5.052  1.00 14.69 ? 102 SER A CA    1 
ATOM   886  C C     . SER A 1 111 ? 10.025  6.037   -4.017  1.00 13.94 ? 102 SER A C     1 
ATOM   887  O O     . SER A 1 111 ? 10.200  5.832   -2.818  1.00 12.56 ? 102 SER A O     1 
ATOM   888  C CB    . SER A 1 111 ? 12.021  4.841   -4.916  1.00 15.82 ? 102 SER A CB    1 
ATOM   889  O OG    . SER A 1 111 ? 12.471  3.775   -5.736  1.00 23.74 ? 102 SER A OG    1 
ATOM   890  N N     . GLY A 1 112 ? 9.438   7.134   -4.490  1.00 12.68 ? 103 GLY A N     1 
ATOM   891  C CA    . GLY A 1 112 ? 8.934   8.167   -3.603  1.00 13.52 ? 103 GLY A CA    1 
ATOM   892  C C     . GLY A 1 112 ? 9.968   9.122   -3.028  1.00 13.68 ? 103 GLY A C     1 
ATOM   893  O O     . GLY A 1 112 ? 11.162  8.839   -3.012  1.00 14.10 ? 103 GLY A O     1 
ATOM   894  N N     . THR A 1 113 ? 9.500   10.275  -2.566  1.00 14.98 ? 104 THR A N     1 
ATOM   895  C CA    . THR A 1 113 ? 10.375  11.272  -1.947  1.00 14.72 ? 104 THR A CA    1 
ATOM   896  C C     . THR A 1 113 ? 10.162  11.167  -0.441  1.00 14.28 ? 104 THR A C     1 
ATOM   897  O O     . THR A 1 113 ? 9.324   10.394  0.019   1.00 13.19 ? 104 THR A O     1 
ATOM   898  C CB    . THR A 1 113 ? 10.005  12.709  -2.377  1.00 14.04 ? 104 THR A CB    1 
ATOM   899  O OG1   . THR A 1 113 ? 8.654   12.988  -1.992  1.00 14.06 ? 104 THR A OG1   1 
ATOM   900  C CG2   . THR A 1 113 ? 10.151  12.880  -3.885  1.00 15.14 ? 104 THR A CG2   1 
ATOM   901  N N     . SER A 1 114 ? 10.914  11.944  0.330   1.00 14.85 ? 105 SER A N     1 
ATOM   902  C CA    . SER A 1 114 ? 10.756  11.917  1.777   1.00 16.96 ? 105 SER A CA    1 
ATOM   903  C C     . SER A 1 114 ? 9.365   12.452  2.128   1.00 16.35 ? 105 SER A C     1 
ATOM   904  O O     . SER A 1 114 ? 8.765   12.059  3.131   1.00 15.53 ? 105 SER A O     1 
ATOM   905  C CB    . SER A 1 114 ? 11.843  12.760  2.439   1.00 19.32 ? 105 SER A CB    1 
ATOM   906  O OG    . SER A 1 114 ? 11.861  14.059  1.889   1.00 27.12 ? 105 SER A OG    1 
ATOM   907  N N     . LYS A 1 115 ? 8.854   13.342  1.282   1.00 16.68 ? 106 LYS A N     1 
ATOM   908  C CA    . LYS A 1 115 ? 7.526   13.915  1.465   1.00 16.79 ? 106 LYS A CA    1 
ATOM   909  C C     . LYS A 1 115 ? 6.457   12.825  1.276   1.00 15.00 ? 106 LYS A C     1 
ATOM   910  O O     . LYS A 1 115 ? 5.456   12.781  1.996   1.00 14.77 ? 106 LYS A O     1 
ATOM   911  C CB    . LYS A 1 115 ? 7.315   15.047  0.462   1.00 20.25 ? 106 LYS A CB    1 
ATOM   912  C CG    . LYS A 1 115 ? 5.913   15.605  0.454   1.00 27.43 ? 106 LYS A CG    1 
ATOM   913  C CD    . LYS A 1 115 ? 5.564   16.260  1.777   1.00 33.39 ? 106 LYS A CD    1 
ATOM   914  C CE    . LYS A 1 115 ? 4.126   16.763  1.755   1.00 37.52 ? 106 LYS A CE    1 
ATOM   915  N NZ    . LYS A 1 115 ? 3.848   17.587  0.535   1.00 40.81 ? 106 LYS A NZ    1 
ATOM   916  N N     . ASP A 1 116 ? 6.669   11.946  0.301   1.00 13.31 ? 107 ASP A N     1 
ATOM   917  C CA    . ASP A 1 116 ? 5.728   10.857  0.064   1.00 12.43 ? 107 ASP A CA    1 
ATOM   918  C C     . ASP A 1 116 ? 5.714   9.906   1.254   1.00 10.83 ? 107 ASP A C     1 
ATOM   919  O O     . ASP A 1 116 ? 4.656   9.402   1.644   1.00 11.38 ? 107 ASP A O     1 
ATOM   920  C CB    . ASP A 1 116 ? 6.102   10.064  -1.193  1.00 13.30 ? 107 ASP A CB    1 
ATOM   921  C CG    . ASP A 1 116 ? 5.881   10.853  -2.467  1.00 15.29 ? 107 ASP A CG    1 
ATOM   922  O OD1   . ASP A 1 116 ? 4.821   11.503  -2.587  1.00 14.40 ? 107 ASP A OD1   1 
ATOM   923  O OD2   . ASP A 1 116 ? 6.766   10.812  -3.352  1.00 15.22 ? 107 ASP A OD2   1 
ATOM   924  N N     . VAL A 1 117 ? 6.891   9.651   1.819   1.00 11.13 ? 108 VAL A N     1 
ATOM   925  C CA    . VAL A 1 117 ? 7.011   8.759   2.969   1.00 11.89 ? 108 VAL A CA    1 
ATOM   926  C C     . VAL A 1 117 ? 6.232   9.357   4.138   1.00 13.85 ? 108 VAL A C     1 
ATOM   927  O O     . VAL A 1 117 ? 5.485   8.652   4.822   1.00 13.83 ? 108 VAL A O     1 
ATOM   928  C CB    . VAL A 1 117 ? 8.495   8.557   3.398   1.00 10.66 ? 108 VAL A CB    1 
ATOM   929  C CG1   . VAL A 1 117 ? 8.569   7.657   4.618   1.00 11.01 ? 108 VAL A CG1   1 
ATOM   930  C CG2   . VAL A 1 117 ? 9.290   7.940   2.265   1.00 10.73 ? 108 VAL A CG2   1 
ATOM   931  N N     . GLU A 1 118 ? 6.403   10.660  4.356   1.00 14.53 ? 109 GLU A N     1 
ATOM   932  C CA    . GLU A 1 118 ? 5.711   11.354  5.438   1.00 16.85 ? 109 GLU A CA    1 
ATOM   933  C C     . GLU A 1 118 ? 4.198   11.256  5.296   1.00 16.54 ? 109 GLU A C     1 
ATOM   934  O O     . GLU A 1 118 ? 3.502   10.891  6.243   1.00 15.76 ? 109 GLU A O     1 
ATOM   935  C CB    . GLU A 1 118 ? 6.112   12.834  5.479   1.00 20.30 ? 109 GLU A CB    1 
ATOM   936  C CG    . GLU A 1 118 ? 7.509   13.095  6.003   1.00 28.75 ? 109 GLU A CG    1 
ATOM   937  C CD    . GLU A 1 118 ? 7.752   12.438  7.357   1.00 35.73 ? 109 GLU A CD    1 
ATOM   938  O OE1   . GLU A 1 118 ? 7.923   11.198  7.394   1.00 41.43 ? 109 GLU A OE1   1 
ATOM   939  O OE2   . GLU A 1 118 ? 7.765   13.156  8.385   1.00 37.84 ? 109 GLU A OE2   1 
ATOM   940  N N     . LEU A 1 119 ? 3.692   11.591  4.113   1.00 15.80 ? 110 LEU A N     1 
ATOM   941  C CA    . LEU A 1 119 ? 2.256   11.551  3.874   1.00 15.54 ? 110 LEU A CA    1 
ATOM   942  C C     . LEU A 1 119 ? 1.711   10.145  4.034   1.00 15.35 ? 110 LEU A C     1 
ATOM   943  O O     . LEU A 1 119 ? 0.677   9.950   4.669   1.00 16.92 ? 110 LEU A O     1 
ATOM   944  C CB    . LEU A 1 119 ? 1.927   12.071  2.478   1.00 15.85 ? 110 LEU A CB    1 
ATOM   945  C CG    . LEU A 1 119 ? 2.214   13.555  2.251   1.00 19.00 ? 110 LEU A CG    1 
ATOM   946  C CD1   . LEU A 1 119 ? 2.117   13.883  0.767   1.00 17.13 ? 110 LEU A CD1   1 
ATOM   947  C CD2   . LEU A 1 119 ? 1.233   14.387  3.062   1.00 18.56 ? 110 LEU A CD2   1 
ATOM   948  N N     . PHE A 1 120 ? 2.408   9.167   3.461   1.00 12.98 ? 111 PHE A N     1 
ATOM   949  C CA    . PHE A 1 120 ? 1.969   7.781   3.547   1.00 12.16 ? 111 PHE A CA    1 
ATOM   950  C C     . PHE A 1 120 ? 1.884   7.289   5.002   1.00 12.90 ? 111 PHE A C     1 
ATOM   951  O O     . PHE A 1 120 ? 0.844   6.788   5.440   1.00 12.59 ? 111 PHE A O     1 
ATOM   952  C CB    . PHE A 1 120 ? 2.917   6.879   2.748   1.00 10.74 ? 111 PHE A CB    1 
ATOM   953  C CG    . PHE A 1 120 ? 2.663   5.409   2.945   1.00 11.00 ? 111 PHE A CG    1 
ATOM   954  C CD1   . PHE A 1 120 ? 1.487   4.819   2.476   1.00 10.01 ? 111 PHE A CD1   1 
ATOM   955  C CD2   . PHE A 1 120 ? 3.577   4.619   3.641   1.00 9.27  ? 111 PHE A CD2   1 
ATOM   956  C CE1   . PHE A 1 120 ? 1.224   3.462   2.701   1.00 10.39 ? 111 PHE A CE1   1 
ATOM   957  C CE2   . PHE A 1 120 ? 3.324   3.263   3.870   1.00 9.76  ? 111 PHE A CE2   1 
ATOM   958  C CZ    . PHE A 1 120 ? 2.143   2.687   3.399   1.00 9.49  ? 111 PHE A CZ    1 
ATOM   959  N N     . THR A 1 121 ? 2.977   7.435   5.750   1.00 13.39 ? 112 THR A N     1 
ATOM   960  C CA    . THR A 1 121 ? 3.004   6.975   7.132   1.00 12.99 ? 112 THR A CA    1 
ATOM   961  C C     . THR A 1 121 ? 1.988   7.687   8.023   1.00 13.44 ? 112 THR A C     1 
ATOM   962  O O     . THR A 1 121 ? 1.428   7.069   8.923   1.00 14.19 ? 112 THR A O     1 
ATOM   963  C CB    . THR A 1 121 ? 4.430   7.085   7.746   1.00 12.69 ? 112 THR A CB    1 
ATOM   964  O OG1   . THR A 1 121 ? 4.876   8.444   7.714   1.00 14.10 ? 112 THR A OG1   1 
ATOM   965  C CG2   . THR A 1 121 ? 5.417   6.211   6.962   1.00 10.34 ? 112 THR A CG2   1 
ATOM   966  N N     . GLN A 1 122 ? 1.734   8.972   7.777   1.00 15.25 ? 113 GLN A N     1 
ATOM   967  C CA    . GLN A 1 122 ? 0.747   9.700   8.581   1.00 17.14 ? 113 GLN A CA    1 
ATOM   968  C C     . GLN A 1 122 ? -0.657  9.169   8.291   1.00 16.54 ? 113 GLN A C     1 
ATOM   969  O O     . GLN A 1 122 ? -1.487  9.056   9.194   1.00 14.35 ? 113 GLN A O     1 
ATOM   970  C CB    . GLN A 1 122 ? 0.792   11.202  8.284   1.00 19.14 ? 113 GLN A CB    1 
ATOM   971  C CG    . GLN A 1 122 ? 2.027   11.928  8.814   1.00 28.16 ? 113 GLN A CG    1 
ATOM   972  C CD    . GLN A 1 122 ? 2.149   11.900  10.345  1.00 32.18 ? 113 GLN A CD    1 
ATOM   973  O OE1   . GLN A 1 122 ? 1.152   12.003  11.070  1.00 37.05 ? 113 GLN A OE1   1 
ATOM   974  N NE2   . GLN A 1 122 ? 3.378   11.780  10.838  1.00 32.68 ? 113 GLN A NE2   1 
ATOM   975  N N     . GLU A 1 123 ? -0.921  8.848   7.025   1.00 16.19 ? 114 GLU A N     1 
ATOM   976  C CA    . GLU A 1 123 ? -2.224  8.319   6.636   1.00 16.13 ? 114 GLU A CA    1 
ATOM   977  C C     . GLU A 1 123 ? -2.452  6.918   7.167   1.00 14.54 ? 114 GLU A C     1 
ATOM   978  O O     . GLU A 1 123 ? -3.586  6.539   7.443   1.00 16.39 ? 114 GLU A O     1 
ATOM   979  C CB    . GLU A 1 123 ? -2.385  8.315   5.116   1.00 18.75 ? 114 GLU A CB    1 
ATOM   980  C CG    . GLU A 1 123 ? -2.818  9.646   4.551   1.00 24.50 ? 114 GLU A CG    1 
ATOM   981  C CD    . GLU A 1 123 ? -4.059  10.191  5.243   1.00 28.20 ? 114 GLU A CD    1 
ATOM   982  O OE1   . GLU A 1 123 ? -5.092  9.480   5.285   1.00 28.62 ? 114 GLU A OE1   1 
ATOM   983  O OE2   . GLU A 1 123 ? -3.996  11.334  5.748   1.00 32.21 ? 114 GLU A OE2   1 
ATOM   984  N N     . VAL A 1 124 ? -1.386  6.136   7.300   1.00 13.28 ? 115 VAL A N     1 
ATOM   985  C CA    . VAL A 1 124 ? -1.527  4.787   7.834   1.00 11.73 ? 115 VAL A CA    1 
ATOM   986  C C     . VAL A 1 124 ? -1.968  4.884   9.302   1.00 11.83 ? 115 VAL A C     1 
ATOM   987  O O     . VAL A 1 124 ? -2.826  4.129   9.755   1.00 11.18 ? 115 VAL A O     1 
ATOM   988  C CB    . VAL A 1 124 ? -0.197  4.004   7.737   1.00 12.27 ? 115 VAL A CB    1 
ATOM   989  C CG1   . VAL A 1 124 ? -0.284  2.704   8.531   1.00 10.84 ? 115 VAL A CG1   1 
ATOM   990  C CG2   . VAL A 1 124 ? 0.112   3.699   6.274   1.00 12.17 ? 115 VAL A CG2   1 
ATOM   991  N N     . GLU A 1 125 ? -1.383  5.822   10.037  1.00 10.74 ? 116 GLU A N     1 
ATOM   992  C CA    . GLU A 1 125 ? -1.739  6.006   11.435  1.00 12.28 ? 116 GLU A CA    1 
ATOM   993  C C     . GLU A 1 125 ? -3.194  6.470   11.572  1.00 14.42 ? 116 GLU A C     1 
ATOM   994  O O     . GLU A 1 125 ? -3.904  6.031   12.480  1.00 14.29 ? 116 GLU A O     1 
ATOM   995  C CB    . GLU A 1 125 ? -0.783  7.007   12.103  1.00 12.19 ? 116 GLU A CB    1 
ATOM   996  C CG    . GLU A 1 125 ? -1.107  7.294   13.567  1.00 14.29 ? 116 GLU A CG    1 
ATOM   997  C CD    . GLU A 1 125 ? 0.072   7.861   14.359  1.00 17.19 ? 116 GLU A CD    1 
ATOM   998  O OE1   . GLU A 1 125 ? 0.959   8.510   13.757  1.00 16.28 ? 116 GLU A OE1   1 
ATOM   999  O OE2   . GLU A 1 125 ? 0.101   7.664   15.598  1.00 18.33 ? 116 GLU A OE2   1 
ATOM   1000 N N     . ARG A 1 126 ? -3.641  7.345   10.671  1.00 16.51 ? 117 ARG A N     1 
ATOM   1001 C CA    . ARG A 1 126 ? -5.018  7.841   10.709  1.00 19.10 ? 117 ARG A CA    1 
ATOM   1002 C C     . ARG A 1 126 ? -6.022  6.727   10.455  1.00 19.00 ? 117 ARG A C     1 
ATOM   1003 O O     . ARG A 1 126 ? -6.999  6.577   11.184  1.00 19.39 ? 117 ARG A O     1 
ATOM   1004 C CB    . ARG A 1 126 ? -5.251  8.933   9.662   1.00 23.06 ? 117 ARG A CB    1 
ATOM   1005 C CG    . ARG A 1 126 ? -4.448  10.208  9.853   1.00 31.32 ? 117 ARG A CG    1 
ATOM   1006 C CD    . ARG A 1 126 ? -5.029  11.333  8.983   1.00 37.74 ? 117 ARG A CD    1 
ATOM   1007 N NE    . ARG A 1 126 ? -4.022  12.305  8.551   1.00 43.86 ? 117 ARG A NE    1 
ATOM   1008 C CZ    . ARG A 1 126 ? -3.321  13.088  9.368   1.00 46.66 ? 117 ARG A CZ    1 
ATOM   1009 N NH1   . ARG A 1 126 ? -3.506  13.030  10.683  1.00 48.66 ? 117 ARG A NH1   1 
ATOM   1010 N NH2   . ARG A 1 126 ? -2.418  13.924  8.867   1.00 48.93 ? 117 ARG A NH2   1 
ATOM   1011 N N     . VAL A 1 127 ? -5.784  5.947   9.409   1.00 19.46 ? 118 VAL A N     1 
ATOM   1012 C CA    . VAL A 1 127 ? -6.679  4.852   9.064   1.00 19.55 ? 118 VAL A CA    1 
ATOM   1013 C C     . VAL A 1 127 ? -6.675  3.735   10.107  1.00 18.68 ? 118 VAL A C     1 
ATOM   1014 O O     . VAL A 1 127 ? -7.716  3.132   10.367  1.00 18.45 ? 118 VAL A O     1 
ATOM   1015 C CB    . VAL A 1 127 ? -6.333  4.277   7.667   1.00 21.18 ? 118 VAL A CB    1 
ATOM   1016 C CG1   . VAL A 1 127 ? -7.268  3.126   7.315   1.00 20.69 ? 118 VAL A CG1   1 
ATOM   1017 C CG2   . VAL A 1 127 ? -6.446  5.386   6.624   1.00 22.54 ? 118 VAL A CG2   1 
ATOM   1018 N N     . VAL A 1 128 ? -5.515  3.448   10.697  1.00 17.40 ? 119 VAL A N     1 
ATOM   1019 C CA    . VAL A 1 128 ? -5.444  2.414   11.730  1.00 17.76 ? 119 VAL A CA    1 
ATOM   1020 C C     . VAL A 1 128 ? -6.224  2.897   12.953  1.00 19.15 ? 119 VAL A C     1 
ATOM   1021 O O     . VAL A 1 128 ? -6.971  2.139   13.562  1.00 18.39 ? 119 VAL A O     1 
ATOM   1022 C CB    . VAL A 1 128 ? -3.988  2.120   12.158  1.00 17.28 ? 119 VAL A CB    1 
ATOM   1023 C CG1   . VAL A 1 128 ? -3.968  1.400   13.505  1.00 16.80 ? 119 VAL A CG1   1 
ATOM   1024 C CG2   . VAL A 1 128 ? -3.307  1.257   11.111  1.00 16.37 ? 119 VAL A CG2   1 
ATOM   1025 N N     . THR A 1 129 ? -6.057  4.163   13.307  1.00 18.75 ? 120 THR A N     1 
ATOM   1026 C CA    . THR A 1 129 ? -6.766  4.711   14.452  1.00 19.95 ? 120 THR A CA    1 
ATOM   1027 C C     . THR A 1 129 ? -8.273  4.628   14.234  1.00 23.06 ? 120 THR A C     1 
ATOM   1028 O O     . THR A 1 129 ? -9.020  4.250   15.134  1.00 22.99 ? 120 THR A O     1 
ATOM   1029 C CB    . THR A 1 129 ? -6.409  6.183   14.679  1.00 18.58 ? 120 THR A CB    1 
ATOM   1030 O OG1   . THR A 1 129 ? -4.995  6.305   14.853  1.00 18.66 ? 120 THR A OG1   1 
ATOM   1031 C CG2   . THR A 1 129 ? -7.124  6.719   15.921  1.00 18.53 ? 120 THR A CG2   1 
ATOM   1032 N N     . LYS A 1 130 ? -8.705  4.975   13.025  1.00 25.96 ? 121 LYS A N     1 
ATOM   1033 C CA    . LYS A 1 130 ? -10.121 4.982   12.675  1.00 29.97 ? 121 LYS A CA    1 
ATOM   1034 C C     . LYS A 1 130 ? -10.758 3.630   12.367  1.00 31.98 ? 121 LYS A C     1 
ATOM   1035 O O     . LYS A 1 130 ? -11.904 3.391   12.732  1.00 32.22 ? 121 LYS A O     1 
ATOM   1036 C CB    . LYS A 1 130 ? -10.348 5.912   11.479  1.00 30.66 ? 121 LYS A CB    1 
ATOM   1037 C CG    . LYS A 1 130 ? -11.814 6.135   11.138  1.00 35.87 ? 121 LYS A CG    1 
ATOM   1038 C CD    . LYS A 1 130 ? -11.992 7.228   10.083  1.00 37.78 ? 121 LYS A CD    1 
ATOM   1039 C CE    . LYS A 1 130 ? -12.138 6.655   8.684   1.00 39.59 ? 121 LYS A CE    1 
ATOM   1040 N NZ    . LYS A 1 130 ? -13.411 5.891   8.552   1.00 40.71 ? 121 LYS A NZ    1 
ATOM   1041 N N     . SER A 1 131 ? -10.016 2.743   11.716  1.00 35.21 ? 122 SER A N     1 
ATOM   1042 C CA    . SER A 1 131 ? -10.572 1.456   11.316  1.00 38.14 ? 122 SER A CA    1 
ATOM   1043 C C     . SER A 1 131 ? -10.002 0.210   11.971  1.00 40.74 ? 122 SER A C     1 
ATOM   1044 O O     . SER A 1 131 ? -10.454 -0.893  11.682  1.00 40.36 ? 122 SER A O     1 
ATOM   1045 C CB    . SER A 1 131 ? -10.447 1.317   9.800   1.00 37.92 ? 122 SER A CB    1 
ATOM   1046 O OG    . SER A 1 131 ? -10.864 2.509   9.155   1.00 38.95 ? 122 SER A OG    1 
ATOM   1047 N N     . SER A 1 132 ? -9.016  0.368   12.845  1.00 44.72 ? 123 SER A N     1 
ATOM   1048 C CA    . SER A 1 132 ? -8.423  -0.795  13.498  1.00 48.27 ? 123 SER A CA    1 
ATOM   1049 C C     . SER A 1 132 ? -9.465  -1.557  14.317  1.00 50.74 ? 123 SER A C     1 
ATOM   1050 O O     . SER A 1 132 ? -9.800  -2.696  13.991  1.00 50.77 ? 123 SER A O     1 
ATOM   1051 C CB    . SER A 1 132 ? -7.260  -0.377  14.400  1.00 46.70 ? 123 SER A CB    1 
ATOM   1052 O OG    . SER A 1 132 ? -6.663  -1.507  15.008  1.00 48.33 ? 123 SER A OG    1 
ATOM   1053 N N     . ALA A 1 133 ? -9.972  -0.925  15.374  1.00 53.56 ? 124 ALA A N     1 
ATOM   1054 C CA    . ALA A 1 133 ? -10.972 -1.546  16.238  1.00 56.69 ? 124 ALA A CA    1 
ATOM   1055 C C     . ALA A 1 133 ? -12.089 -2.181  15.414  1.00 59.31 ? 124 ALA A C     1 
ATOM   1056 O O     . ALA A 1 133 ? -12.493 -3.318  15.674  1.00 60.46 ? 124 ALA A O     1 
ATOM   1057 C CB    . ALA A 1 133 ? -11.551 -0.511  17.188  1.00 56.41 ? 124 ALA A CB    1 
ATOM   1058 N N     . LYS A 1 134 ? -12.584 -1.444  14.421  1.00 61.21 ? 125 LYS A N     1 
ATOM   1059 C CA    . LYS A 1 134 ? -13.653 -1.921  13.542  1.00 62.95 ? 125 LYS A CA    1 
ATOM   1060 C C     . LYS A 1 134 ? -13.241 -3.137  12.702  1.00 64.18 ? 125 LYS A C     1 
ATOM   1061 O O     . LYS A 1 134 ? -13.889 -4.184  12.759  1.00 63.99 ? 125 LYS A O     1 
ATOM   1062 C CB    . LYS A 1 134 ? -14.101 -0.783  12.621  1.00 63.11 ? 125 LYS A CB    1 
ATOM   1063 C CG    . LYS A 1 134 ? -14.849 -1.221  11.366  1.00 63.50 ? 125 LYS A CG    1 
ATOM   1064 C CD    . LYS A 1 134 ? -15.248 -0.011  10.519  1.00 64.23 ? 125 LYS A CD    1 
ATOM   1065 C CE    . LYS A 1 134 ? -14.037 0.837   10.125  1.00 63.86 ? 125 LYS A CE    1 
ATOM   1066 N NZ    . LYS A 1 134 ? -14.413 2.117   9.448   1.00 62.14 ? 125 LYS A NZ    1 
ATOM   1067 N N     . MET A 1 135 ? -12.166 -2.976  11.928  1.00 65.55 ? 126 MET A N     1 
ATOM   1068 C CA    . MET A 1 135 ? -11.609 -4.012  11.043  1.00 65.70 ? 126 MET A CA    1 
ATOM   1069 C C     . MET A 1 135 ? -11.508 -5.394  11.708  1.00 66.62 ? 126 MET A C     1 
ATOM   1070 O O     . MET A 1 135 ? -10.372 -5.888  11.891  1.00 67.01 ? 126 MET A O     1 
ATOM   1071 C CB    . MET A 1 135 ? -10.221 -3.563  10.551  1.00 64.16 ? 126 MET A CB    1 
ATOM   1072 C CG    . MET A 1 135 ? -9.541  -4.448  9.498   1.00 62.14 ? 126 MET A CG    1 
ATOM   1073 S SD    . MET A 1 135 ? -10.194 -4.298  7.821   1.00 60.09 ? 126 MET A SD    1 
ATOM   1074 C CE    . MET A 1 135 ? -10.829 -2.596  7.825   1.00 60.75 ? 126 MET A CE    1 
HETATM 1075 I I     . IOD B 2 .   ? -3.816  -2.935  13.274  1.00 69.66 ? 152 IOD A I     1 
HETATM 1076 I I     . IOD C 2 .   ? -8.598  -4.934  -8.205  1.00 51.34 ? 153 IOD A I     1 
HETATM 1077 N N1    . FMN D 3 .   ? 2.880   4.041   -14.030 1.00 11.85 ? 151 FMN A N1    1 
HETATM 1078 C C2    . FMN D 3 .   ? 1.709   4.735   -13.946 1.00 11.40 ? 151 FMN A C2    1 
HETATM 1079 O O2    . FMN D 3 .   ? 1.563   5.691   -13.204 1.00 12.26 ? 151 FMN A O2    1 
HETATM 1080 N N3    . FMN D 3 .   ? 0.671   4.273   -14.778 1.00 10.48 ? 151 FMN A N3    1 
HETATM 1081 C C4    . FMN D 3 .   ? 0.711   3.169   -15.694 1.00 12.37 ? 151 FMN A C4    1 
HETATM 1082 O O4    . FMN D 3 .   ? -0.284  2.886   -16.359 1.00 13.68 ? 151 FMN A O4    1 
HETATM 1083 C C4A   . FMN D 3 .   ? 1.944   2.495   -15.740 1.00 11.88 ? 151 FMN A C4A   1 
HETATM 1084 N N5    . FMN D 3 .   ? 2.255   1.409   -16.534 1.00 11.22 ? 151 FMN A N5    1 
HETATM 1085 C C5A   . FMN D 3 .   ? 3.439   0.676   -16.661 1.00 12.10 ? 151 FMN A C5A   1 
HETATM 1086 C C6    . FMN D 3 .   ? 3.539   -0.457  -17.592 1.00 10.61 ? 151 FMN A C6    1 
HETATM 1087 C C7    . FMN D 3 .   ? 4.807   -1.191  -17.683 1.00 10.39 ? 151 FMN A C7    1 
HETATM 1088 C C7M   . FMN D 3 .   ? 4.855   -2.362  -18.665 1.00 10.14 ? 151 FMN A C7M   1 
HETATM 1089 C C8    . FMN D 3 .   ? 5.956   -0.773  -16.836 1.00 10.56 ? 151 FMN A C8    1 
HETATM 1090 C C8M   . FMN D 3 .   ? 7.360   -1.457  -16.822 1.00 10.30 ? 151 FMN A C8M   1 
HETATM 1091 C C9    . FMN D 3 .   ? 5.786   0.358   -15.939 1.00 11.89 ? 151 FMN A C9    1 
HETATM 1092 C C9A   . FMN D 3 .   ? 4.528   1.097   -15.840 1.00 11.56 ? 151 FMN A C9A   1 
HETATM 1093 N N10   . FMN D 3 .   ? 4.248   2.220   -14.996 1.00 11.84 ? 151 FMN A N10   1 
HETATM 1094 C C10   . FMN D 3 .   ? 3.016   2.966   -14.883 1.00 11.96 ? 151 FMN A C10   1 
HETATM 1095 C "C1'" . FMN D 3 .   ? 5.348   2.733   -14.075 1.00 10.49 ? 151 FMN A "C1'" 1 
HETATM 1096 C "C2'" . FMN D 3 .   ? 5.409   1.950   -12.741 1.00 11.26 ? 151 FMN A "C2'" 1 
HETATM 1097 O "O2'" . FMN D 3 .   ? 4.150   1.895   -12.082 1.00 11.95 ? 151 FMN A "O2'" 1 
HETATM 1098 C "C3'" . FMN D 3 .   ? 6.472   2.579   -11.832 1.00 12.38 ? 151 FMN A "C3'" 1 
HETATM 1099 O "O3'" . FMN D 3 .   ? 7.753   2.616   -12.483 1.00 11.32 ? 151 FMN A "O3'" 1 
HETATM 1100 C "C4'" . FMN D 3 .   ? 6.518   1.818   -10.476 1.00 12.29 ? 151 FMN A "C4'" 1 
HETATM 1101 O "O4'" . FMN D 3 .   ? 7.272   2.616   -9.553  1.00 10.05 ? 151 FMN A "O4'" 1 
HETATM 1102 C "C5'" . FMN D 3 .   ? 7.284   0.587   -10.535 1.00 13.69 ? 151 FMN A "C5'" 1 
HETATM 1103 O "O5'" . FMN D 3 .   ? 7.296   -0.079  -9.321  1.00 15.66 ? 151 FMN A "O5'" 1 
HETATM 1104 P P     . FMN D 3 .   ? 8.148   -1.355  -9.303  1.00 19.67 ? 151 FMN A P     1 
HETATM 1105 O O1P   . FMN D 3 .   ? 9.516   -1.329  -8.809  1.00 21.15 ? 151 FMN A O1P   1 
HETATM 1106 O O2P   . FMN D 3 .   ? 7.392   -2.614  -9.478  1.00 19.59 ? 151 FMN A O2P   1 
HETATM 1107 O O3P   . FMN D 3 .   ? 7.655   -1.376  -7.927  1.00 15.57 ? 151 FMN A O3P   1 
HETATM 1108 O O     . HOH E 4 .   ? 4.138   -4.398  -15.359 1.00 12.19 ? 201 HOH A O     1 
HETATM 1109 O O     . HOH E 4 .   ? 13.746  -4.301  14.420  1.00 14.87 ? 202 HOH A O     1 
HETATM 1110 O O     . HOH E 4 .   ? 8.827   4.079   -14.633 1.00 10.39 ? 203 HOH A O     1 
HETATM 1111 O O     . HOH E 4 .   ? 4.736   -2.173  -14.086 1.00 13.71 ? 204 HOH A O     1 
HETATM 1112 O O     . HOH E 4 .   ? 1.790   8.688   17.515  1.00 16.15 ? 205 HOH A O     1 
HETATM 1113 O O     . HOH E 4 .   ? 12.982  7.323   5.656   1.00 13.16 ? 206 HOH A O     1 
HETATM 1114 O O     . HOH E 4 .   ? 8.275   9.224   16.339  1.00 18.08 ? 207 HOH A O     1 
HETATM 1115 O O     . HOH E 4 .   ? 3.159   -6.238  -13.573 1.00 22.53 ? 208 HOH A O     1 
HETATM 1116 O O     . HOH E 4 .   ? 7.073   -2.260  -12.636 1.00 14.71 ? 209 HOH A O     1 
HETATM 1117 O O     . HOH E 4 .   ? -3.077  11.188  -20.152 1.00 21.10 ? 210 HOH A O     1 
HETATM 1118 O O     . HOH E 4 .   ? 12.193  3.228   -11.973 1.00 22.10 ? 211 HOH A O     1 
HETATM 1119 O O     . HOH E 4 .   ? 5.218   10.642  9.284   1.00 18.42 ? 212 HOH A O     1 
HETATM 1120 O O     . HOH E 4 .   ? -1.308  6.703   -20.003 1.00 19.39 ? 213 HOH A O     1 
HETATM 1121 O O     . HOH E 4 .   ? -10.220 1.202   6.237   1.00 28.10 ? 214 HOH A O     1 
HETATM 1122 O O     . HOH E 4 .   ? 10.420  15.416  -0.270  1.00 21.91 ? 215 HOH A O     1 
HETATM 1123 O O     . HOH E 4 .   ? 14.720  2.341   0.206   1.00 24.90 ? 216 HOH A O     1 
HETATM 1124 O O     . HOH E 4 .   ? -9.735  7.597   -0.617  1.00 25.50 ? 217 HOH A O     1 
HETATM 1125 O O     . HOH E 4 .   ? -4.005  9.421   -11.265 1.00 23.25 ? 218 HOH A O     1 
HETATM 1126 O O     . HOH E 4 .   ? 12.498  6.819   -7.296  1.00 35.59 ? 219 HOH A O     1 
HETATM 1127 O O     . HOH E 4 .   ? 0.473   1.987   -20.607 1.00 22.95 ? 220 HOH A O     1 
HETATM 1128 O O     . HOH E 4 .   ? 7.188   14.936  -3.387  1.00 26.76 ? 221 HOH A O     1 
HETATM 1129 O O     . HOH E 4 .   ? 2.533   0.379   -20.942 1.00 22.15 ? 222 HOH A O     1 
HETATM 1130 O O     . HOH E 4 .   ? 8.885   -0.154  22.446  1.00 25.91 ? 223 HOH A O     1 
HETATM 1131 O O     . HOH E 4 .   ? -1.095  12.354  5.456   1.00 41.03 ? 224 HOH A O     1 
HETATM 1132 O O     . HOH E 4 .   ? 5.992   11.212  -5.984  1.00 19.21 ? 225 HOH A O     1 
HETATM 1133 O O     . HOH E 4 .   ? 4.690   -2.811  11.316  1.00 26.59 ? 226 HOH A O     1 
HETATM 1134 O O     . HOH E 4 .   ? -6.699  -0.177  -12.566 1.00 29.84 ? 227 HOH A O     1 
HETATM 1135 O O     . HOH E 4 .   ? -11.203 4.270   6.781   1.00 34.48 ? 228 HOH A O     1 
HETATM 1136 O O     . HOH E 4 .   ? 7.783   3.194   24.517  1.00 25.68 ? 229 HOH A O     1 
HETATM 1137 O O     . HOH E 4 .   ? 11.392  -6.136  2.415   1.00 32.24 ? 230 HOH A O     1 
HETATM 1138 O O     . HOH E 4 .   ? 13.403  0.297   6.800   1.00 27.32 ? 231 HOH A O     1 
HETATM 1139 O O     . HOH E 4 .   ? -6.994  -3.016  -13.357 1.00 23.75 ? 232 HOH A O     1 
HETATM 1140 O O     . HOH E 4 .   ? -1.984  -14.198 -4.174  1.00 39.30 ? 233 HOH A O     1 
HETATM 1141 O O     . HOH E 4 .   ? 5.605   -1.882  13.476  1.00 24.71 ? 234 HOH A O     1 
HETATM 1142 O O     . HOH E 4 .   ? -0.028  12.350  -13.859 1.00 28.63 ? 235 HOH A O     1 
HETATM 1143 O O     . HOH E 4 .   ? 4.229   11.458  -20.961 1.00 28.68 ? 236 HOH A O     1 
HETATM 1144 O O     . HOH E 4 .   ? 5.546   13.379  -7.845  1.00 49.48 ? 237 HOH A O     1 
HETATM 1145 O O     . HOH E 4 .   ? 1.533   -9.405  -12.003 1.00 31.20 ? 238 HOH A O     1 
HETATM 1146 O O     . HOH E 4 .   ? 13.270  12.990  -1.128  1.00 36.23 ? 239 HOH A O     1 
HETATM 1147 O O     . HOH E 4 .   ? 1.526   10.818  14.781  1.00 31.32 ? 240 HOH A O     1 
HETATM 1148 O O     . HOH E 4 .   ? 0.494   -7.801  -14.158 1.00 28.78 ? 241 HOH A O     1 
HETATM 1149 O O     . HOH E 4 .   ? -11.678 -4.077  3.672   1.00 34.42 ? 242 HOH A O     1 
HETATM 1150 O O     . HOH E 4 .   ? 4.172   -8.290  -9.628  1.00 27.42 ? 243 HOH A O     1 
HETATM 1151 O O     . HOH E 4 .   ? -10.258 1.691   15.463  1.00 30.36 ? 244 HOH A O     1 
HETATM 1152 O O     . HOH E 4 .   ? 14.033  -2.725  -4.029  1.00 25.79 ? 245 HOH A O     1 
HETATM 1153 O O     . HOH E 4 .   ? 10.679  11.165  5.264   1.00 27.60 ? 246 HOH A O     1 
HETATM 1154 O O     . HOH E 4 .   ? 13.377  9.523   -0.546  1.00 22.07 ? 247 HOH A O     1 
HETATM 1155 O O     . HOH E 4 .   ? 15.873  -0.320  0.050   1.00 30.52 ? 248 HOH A O     1 
HETATM 1156 O O     . HOH E 4 .   ? 11.855  11.135  10.543  1.00 30.93 ? 249 HOH A O     1 
HETATM 1157 O O     . HOH E 4 .   ? 9.525   10.022  -6.480  1.00 26.59 ? 250 HOH A O     1 
HETATM 1158 O O     . HOH E 4 .   ? 7.305   -3.524  16.591  1.00 29.93 ? 251 HOH A O     1 
HETATM 1159 O O     . HOH E 4 .   ? 6.158   -5.159  -16.829 1.00 32.39 ? 252 HOH A O     1 
HETATM 1160 O O     . HOH E 4 .   ? 10.643  13.585  15.649  1.00 30.82 ? 253 HOH A O     1 
HETATM 1161 O O     . HOH E 4 .   ? 10.649  -6.830  -4.563  1.00 34.26 ? 254 HOH A O     1 
HETATM 1162 O O     . HOH E 4 .   ? -8.572  -8.272  -7.326  1.00 38.16 ? 255 HOH A O     1 
HETATM 1163 O O     . HOH E 4 .   ? 10.268  17.300  2.139   1.00 50.40 ? 256 HOH A O     1 
HETATM 1164 O O     . HOH E 4 .   ? -1.349  -12.374 8.875   1.00 34.21 ? 257 HOH A O     1 
HETATM 1165 O O     . HOH E 4 .   ? 4.530   14.205  -2.750  1.00 38.46 ? 258 HOH A O     1 
HETATM 1166 O O     . HOH E 4 .   ? -4.144  13.344  -20.622 1.00 36.77 ? 259 HOH A O     1 
HETATM 1167 O O     . HOH E 4 .   ? -6.875  9.995   -6.635  1.00 41.12 ? 260 HOH A O     1 
HETATM 1168 O O     . HOH E 4 .   ? 0.226   -12.520 -5.565  1.00 44.51 ? 261 HOH A O     1 
HETATM 1169 O O     . HOH E 4 .   ? 7.970   13.465  15.735  1.00 30.16 ? 262 HOH A O     1 
HETATM 1170 O O     . HOH E 4 .   ? 7.844   11.676  -13.925 1.00 33.62 ? 263 HOH A O     1 
HETATM 1171 O O     . HOH E 4 .   ? 10.610  -4.238  8.550   1.00 31.18 ? 264 HOH A O     1 
HETATM 1172 O O     . HOH E 4 .   ? 6.786   -9.257  -8.830  1.00 41.74 ? 265 HOH A O     1 
HETATM 1173 O O     . HOH E 4 .   ? -12.633 -9.785  -5.680  1.00 42.78 ? 266 HOH A O     1 
HETATM 1174 O O     . HOH E 4 .   ? 15.180  -2.188  -1.342  1.00 42.38 ? 267 HOH A O     1 
HETATM 1175 O O     . HOH E 4 .   ? -4.360  6.934   17.781  1.00 33.93 ? 268 HOH A O     1 
HETATM 1176 O O     . HOH E 4 .   ? -2.138  11.391  0.129   1.00 40.49 ? 269 HOH A O     1 
HETATM 1177 O O     . HOH E 4 .   ? 4.197   -8.990  -14.823 1.00 52.70 ? 270 HOH A O     1 
HETATM 1178 O O     . HOH E 4 .   ? 3.029   13.949  -18.181 1.00 54.57 ? 271 HOH A O     1 
HETATM 1179 O O     . HOH E 4 .   ? -1.386  10.775  11.349  1.00 31.86 ? 272 HOH A O     1 
HETATM 1180 O O     . HOH E 4 .   ? 9.372   -7.019  8.150   1.00 47.42 ? 273 HOH A O     1 
HETATM 1181 O O     . HOH E 4 .   ? -2.683  13.969  -15.783 1.00 39.26 ? 274 HOH A O     1 
HETATM 1182 O O     . HOH E 4 .   ? 9.329   5.233   25.180  1.00 17.50 ? 275 HOH A O     1 
HETATM 1183 O O     . HOH E 4 .   ? -1.223  8.877   -22.130 1.00 26.61 ? 276 HOH A O     1 
HETATM 1184 O O     . HOH E 4 .   ? 9.559   -5.136  16.067  1.00 31.98 ? 277 HOH A O     1 
HETATM 1185 O O     . HOH E 4 .   ? 12.176  9.344   4.022   1.00 23.08 ? 278 HOH A O     1 
HETATM 1186 O O     . HOH E 4 .   ? 13.688  9.816   1.973   1.00 28.45 ? 279 HOH A O     1 
HETATM 1187 O O     . HOH E 4 .   ? 11.492  4.537   -14.389 1.00 28.61 ? 280 HOH A O     1 
HETATM 1188 O O     . HOH E 4 .   ? 0.242   14.146  6.842   1.00 31.65 ? 281 HOH A O     1 
HETATM 1189 O O     . HOH E 4 .   ? 8.231   -4.223  -14.806 1.00 32.21 ? 282 HOH A O     1 
HETATM 1190 O O     . HOH E 4 .   ? 14.223  10.190  11.288  1.00 36.32 ? 283 HOH A O     1 
HETATM 1191 O O     . HOH E 4 .   ? 9.163   9.249   8.595   1.00 31.70 ? 284 HOH A O     1 
HETATM 1192 O O     . HOH E 4 .   ? 16.080  3.758   -1.594  1.00 32.64 ? 285 HOH A O     1 
HETATM 1193 O O     . HOH E 4 .   ? 7.573   -5.052  -19.212 1.00 33.61 ? 286 HOH A O     1 
HETATM 1194 O O     . HOH E 4 .   ? 3.730   -8.173  6.747   1.00 43.68 ? 287 HOH A O     1 
HETATM 1195 O O     . HOH E 4 .   ? -10.342 7.728   -6.713  1.00 37.75 ? 288 HOH A O     1 
HETATM 1196 O O     . HOH E 4 .   ? 6.745   14.840  -11.659 1.00 37.91 ? 289 HOH A O     1 
HETATM 1197 O O     . HOH E 4 .   ? -7.486  9.784   7.221   1.00 43.91 ? 290 HOH A O     1 
HETATM 1198 O O     . HOH E 4 .   ? -6.096  14.649  -21.747 1.00 55.01 ? 291 HOH A O     1 
HETATM 1199 O O     . HOH E 4 .   ? 6.101   14.825  13.289  1.00 51.97 ? 292 HOH A O     1 
HETATM 1200 O O     . HOH E 4 .   ? -6.521  7.463   -12.068 1.00 43.45 ? 293 HOH A O     1 
HETATM 1201 O O     . HOH E 4 .   ? 1.016   14.142  -15.380 1.00 49.69 ? 294 HOH A O     1 
HETATM 1202 O O     . HOH E 4 .   ? -1.383  13.251  -11.940 1.00 37.82 ? 295 HOH A O     1 
HETATM 1203 O O     . HOH E 4 .   ? -8.558  -4.539  -11.792 1.00 32.14 ? 296 HOH A O     1 
HETATM 1204 O O     . HOH E 4 .   ? 17.038  -1.158  -3.882  1.00 51.06 ? 297 HOH A O     1 
HETATM 1205 O O     . HOH E 4 .   ? -16.020 -1.737  -8.831  1.00 53.81 ? 298 HOH A O     1 
HETATM 1206 O O     . HOH E 4 .   ? -1.163  -0.853  14.567  1.00 34.41 ? 299 HOH A O     1 
HETATM 1207 O O     . HOH E 4 .   ? 10.495  -8.778  -9.534  1.00 52.02 ? 300 HOH A O     1 
HETATM 1208 O O     . HOH E 4 .   ? 9.496   15.526  3.977   1.00 42.28 ? 301 HOH A O     1 
HETATM 1209 O O     . HOH E 4 .   ? 13.455  -2.305  6.563   1.00 34.99 ? 302 HOH A O     1 
HETATM 1210 O O     . HOH E 4 .   ? -2.847  -6.469  -14.927 1.00 37.86 ? 303 HOH A O     1 
HETATM 1211 O O     . HOH E 4 .   ? -11.531 5.228   -6.452  1.00 44.50 ? 304 HOH A O     1 
HETATM 1212 O O     . HOH E 4 .   ? -6.816  11.956  5.983   1.00 52.29 ? 305 HOH A O     1 
HETATM 1213 O O     . HOH E 4 .   ? 0.035   13.957  -7.089  1.00 51.13 ? 306 HOH A O     1 
HETATM 1214 O O     . HOH E 4 .   ? 11.681  -6.803  -6.907  1.00 39.67 ? 307 HOH A O     1 
HETATM 1215 O O     . HOH E 4 .   ? 9.078   -12.561 -2.180  1.00 46.05 ? 308 HOH A O     1 
HETATM 1216 O O     . HOH E 4 .   ? 15.059  -4.080  -6.879  1.00 48.24 ? 309 HOH A O     1 
HETATM 1217 O O     . HOH E 4 .   ? 4.847   -10.038 -7.005  1.00 46.17 ? 310 HOH A O     1 
HETATM 1218 O O     . HOH E 4 .   ? -13.597 -2.392  2.838   1.00 45.18 ? 311 HOH A O     1 
HETATM 1219 O O     . HOH E 4 .   ? 13.351  15.027  16.001  1.00 43.46 ? 312 HOH A O     1 
HETATM 1220 O O     . HOH E 4 .   ? -7.014  6.946   -18.765 1.00 35.00 ? 313 HOH A O     1 
HETATM 1221 O O     . HOH E 4 .   ? -8.227  -9.698  12.903  1.00 41.81 ? 314 HOH A O     1 
HETATM 1222 O O     . HOH E 4 .   ? 0.320   -14.066 7.370   1.00 39.35 ? 315 HOH A O     1 
HETATM 1223 O O     . HOH E 4 .   ? -3.774  11.768  -12.437 1.00 51.85 ? 316 HOH A O     1 
HETATM 1224 O O     . HOH E 4 .   ? 9.677   -8.678  2.800   1.00 48.35 ? 317 HOH A O     1 
HETATM 1225 O O     . HOH E 4 .   ? 15.022  5.553   -3.286  1.00 40.62 ? 318 HOH A O     1 
HETATM 1226 O O     . HOH E 4 .   ? 5.774   13.445  -15.846 1.00 43.09 ? 319 HOH A O     1 
HETATM 1227 O O     . HOH E 4 .   ? 18.256  2.504   -2.494  1.00 50.42 ? 320 HOH A O     1 
HETATM 1228 O O     . HOH E 4 .   ? -1.745  -17.312 -0.855  1.00 43.27 ? 321 HOH A O     1 
HETATM 1229 O O     . HOH E 4 .   ? -6.651  -4.368  14.993  1.00 47.59 ? 322 HOH A O     1 
HETATM 1230 O O     . HOH E 4 .   ? 9.085   16.795  -2.637  1.00 40.73 ? 323 HOH A O     1 
HETATM 1231 O O     . HOH E 4 .   ? 15.729  7.855   2.026   1.00 44.93 ? 324 HOH A O     1 
HETATM 1232 O O     . HOH E 4 .   ? 15.323  6.625   4.386   1.00 38.86 ? 325 HOH A O     1 
HETATM 1233 O O     . HOH E 4 .   ? 1.005   -6.734  -16.870 1.00 50.39 ? 326 HOH A O     1 
HETATM 1234 O O     . HOH E 4 .   ? 13.347  9.354   -4.598  1.00 46.91 ? 327 HOH A O     1 
HETATM 1235 O O     . HOH E 4 .   ? 10.567  13.795  6.794   1.00 45.77 ? 328 HOH A O     1 
HETATM 1236 O O     . HOH E 4 .   ? 2.866   12.329  -5.191  1.00 44.56 ? 329 HOH A O     1 
HETATM 1237 O O     . HOH E 4 .   ? -14.752 2.643   12.717  1.00 58.27 ? 330 HOH A O     1 
HETATM 1238 O O     . HOH E 4 .   ? -1.072  -13.582 -10.390 1.00 48.98 ? 331 HOH A O     1 
HETATM 1239 O O     . HOH E 4 .   ? -6.902  -15.559 -6.372  1.00 52.51 ? 332 HOH A O     1 
# 
